data_8DTU
# 
_entry.id   8DTU 
# 
_audit_conform.dict_name       mmcif_pdbx.dic 
_audit_conform.dict_version    5.397 
_audit_conform.dict_location   http://mmcif.pdb.org/dictionaries/ascii/mmcif_pdbx.dic 
# 
loop_
_database_2.database_id 
_database_2.database_code 
_database_2.pdbx_database_accession 
_database_2.pdbx_DOI 
PDB   8DTU         pdb_00008dtu 10.2210/pdb8dtu/pdb 
WWPDB D_1000267357 ?            ?                   
# 
loop_
_pdbx_audit_revision_history.ordinal 
_pdbx_audit_revision_history.data_content_type 
_pdbx_audit_revision_history.major_revision 
_pdbx_audit_revision_history.minor_revision 
_pdbx_audit_revision_history.revision_date 
1 'Structure model' 1 0 2023-02-01 
2 'Structure model' 1 1 2024-10-23 
# 
_pdbx_audit_revision_details.ordinal             1 
_pdbx_audit_revision_details.revision_ordinal    1 
_pdbx_audit_revision_details.data_content_type   'Structure model' 
_pdbx_audit_revision_details.provider            repository 
_pdbx_audit_revision_details.type                'Initial release' 
_pdbx_audit_revision_details.description         ? 
_pdbx_audit_revision_details.details             ? 
# 
loop_
_pdbx_audit_revision_group.ordinal 
_pdbx_audit_revision_group.revision_ordinal 
_pdbx_audit_revision_group.data_content_type 
_pdbx_audit_revision_group.group 
1 2 'Structure model' 'Data collection'   
2 2 'Structure model' 'Structure summary' 
# 
loop_
_pdbx_audit_revision_category.ordinal 
_pdbx_audit_revision_category.revision_ordinal 
_pdbx_audit_revision_category.data_content_type 
_pdbx_audit_revision_category.category 
1 2 'Structure model' chem_comp_atom            
2 2 'Structure model' chem_comp_bond            
3 2 'Structure model' pdbx_entry_details        
4 2 'Structure model' pdbx_modification_feature 
# 
_pdbx_audit_revision_item.ordinal             1 
_pdbx_audit_revision_item.revision_ordinal    2 
_pdbx_audit_revision_item.data_content_type   'Structure model' 
_pdbx_audit_revision_item.item                '_pdbx_entry_details.has_protein_modification' 
# 
_pdbx_database_status.status_code                     REL 
_pdbx_database_status.status_code_sf                  REL 
_pdbx_database_status.status_code_mr                  ? 
_pdbx_database_status.entry_id                        8DTU 
_pdbx_database_status.recvd_initial_deposition_date   2022-07-26 
_pdbx_database_status.SG_entry                        N 
_pdbx_database_status.deposit_site                    RCSB 
_pdbx_database_status.process_site                    RCSB 
_pdbx_database_status.status_code_cs                  ? 
_pdbx_database_status.status_code_nmr_data            ? 
_pdbx_database_status.methods_development_category    ? 
_pdbx_database_status.pdb_format_compatible           Y 
# 
_pdbx_database_related.db_name        PDB 
_pdbx_database_related.details        . 
_pdbx_database_related.db_id          8DTN 
_pdbx_database_related.content_type   unspecified 
# 
_pdbx_contact_author.id                 2 
_pdbx_contact_author.email              Stuart_Orkin@dfci.harvard.edu 
_pdbx_contact_author.name_first         Orkin 
_pdbx_contact_author.name_last          Stuart 
_pdbx_contact_author.name_mi            ? 
_pdbx_contact_author.role               'principal investigator/group leader' 
_pdbx_contact_author.identifier_ORCID   0000-0002-0313-152X 
# 
loop_
_audit_author.name 
_audit_author.pdbx_ordinal 
_audit_author.identifier_ORCID 
'Yin, M.'       1 ? 
'Tenglin, K.'   2 ? 
'Zhai, L.'      3 ? 
'Dassama, L.M.' 4 ? 
'Orkin, S.H.'   5 ? 
# 
_citation.abstract                  ? 
_citation.abstract_id_CAS           ? 
_citation.book_id_ISBN              ? 
_citation.book_publisher            ? 
_citation.book_publisher_city       ? 
_citation.book_title                ? 
_citation.coordinate_linkage        ? 
_citation.country                   US 
_citation.database_id_Medline       ? 
_citation.details                   ? 
_citation.id                        primary 
_citation.journal_abbrev            Proc.Natl.Acad.Sci.USA 
_citation.journal_id_ASTM           PNASA6 
_citation.journal_id_CSD            0040 
_citation.journal_id_ISSN           1091-6490 
_citation.journal_full              ? 
_citation.journal_issue             ? 
_citation.journal_volume            120 
_citation.language                  ? 
_citation.page_first                e2218959120 
_citation.page_last                 e2218959120 
_citation.title                     'Evolution of nanobodies specific for BCL11A.' 
_citation.year                      2023 
_citation.database_id_CSD           ? 
_citation.pdbx_database_id_DOI      10.1073/pnas.2218959120 
_citation.pdbx_database_id_PubMed   36626555 
_citation.pdbx_database_id_patent   ? 
_citation.unpublished_flag          ? 
# 
loop_
_citation_author.citation_id 
_citation_author.name 
_citation_author.ordinal 
_citation_author.identifier_ORCID 
primary 'Yin, M.'         1 ?                   
primary 'Izadi, M.'       2 ?                   
primary 'Tenglin, K.'     3 ?                   
primary 'Viennet, T.'     4 ?                   
primary 'Zhai, L.'        5 0000-0003-3566-3472 
primary 'Zheng, G.'       6 ?                   
primary 'Arthanari, H.'   7 ?                   
primary 'Dassama, L.M.K.' 8 0000-0002-0851-6373 
primary 'Orkin, S.H.'     9 0000-0002-0313-152X 
# 
loop_
_entity.id 
_entity.type 
_entity.src_method 
_entity.pdbx_description 
_entity.formula_weight 
_entity.pdbx_number_of_molecules 
_entity.pdbx_ec 
_entity.pdbx_mutation 
_entity.pdbx_fragment 
_entity.details 
1 polymer     man 'Nanobody 5344N74D'            714.872   1  ? ? ? ? 
2 polymer     man 'Nanobody 5344N74D'            12152.926 1  ? ? ? ? 
3 polymer     man 'B-cell lymphoma/leukemia 11A' 3483.155  1  ? ? ? ? 
4 non-polymer syn 'ZINC ION'                     65.409    1  ? ? ? ? 
5 water       nat water                          18.015    17 ? ? ? ? 
# 
_entity_name_com.entity_id   3 
_entity_name_com.name        
;BCL-11A,B-cell CLL/lymphoma 11A,COUP-TF-interacting protein 1,Ecotropic viral integration site 9 protein homolog,EVI-9,Zinc finger protein 856, ZF6
;
# 
loop_
_entity_poly.entity_id 
_entity_poly.type 
_entity_poly.nstd_linkage 
_entity_poly.nstd_monomer 
_entity_poly.pdbx_seq_one_letter_code 
_entity_poly.pdbx_seq_one_letter_code_can 
_entity_poly.pdbx_strand_id 
_entity_poly.pdbx_target_identifier 
1 'polypeptide(L)' no no  QVQLVK QVQLVK B ? 
2 'polypeptide(L)' no yes 
;SGGGLVQAGDSLRLSCAASGSTFSGYA(MSE)GWYRQAPGKERELVAAITSSGASTYYADSVRGRFTISRDDAKNTVYLQ
(MSE)NSLKPEDTAVYYCAALDEGYLDYDSWGQGTQVTVSS
;
;SGGGLVQAGDSLRLSCAASGSTFSGYAMGWYRQAPGKERELVAAITSSGASTYYADSVRGRFTISRDDAKNTVYLQMNSL
KPEDTAVYYCAALDEGYLDYDSWGQGTQVTVSS
;
A ? 
3 'polypeptide(L)' no no  VYKCEICKMPFSVYSTLEKHMKKWHSDR VYKCEICKMPFSVYSTLEKHMKKWHSDR C ? 
# 
loop_
_pdbx_entity_nonpoly.entity_id 
_pdbx_entity_nonpoly.name 
_pdbx_entity_nonpoly.comp_id 
4 'ZINC ION' ZN  
5 water      HOH 
# 
loop_
_entity_poly_seq.entity_id 
_entity_poly_seq.num 
_entity_poly_seq.mon_id 
_entity_poly_seq.hetero 
1 1   GLN n 
1 2   VAL n 
1 3   GLN n 
1 4   LEU n 
1 5   VAL n 
1 6   LYS n 
2 1   SER n 
2 2   GLY n 
2 3   GLY n 
2 4   GLY n 
2 5   LEU n 
2 6   VAL n 
2 7   GLN n 
2 8   ALA n 
2 9   GLY n 
2 10  ASP n 
2 11  SER n 
2 12  LEU n 
2 13  ARG n 
2 14  LEU n 
2 15  SER n 
2 16  CYS n 
2 17  ALA n 
2 18  ALA n 
2 19  SER n 
2 20  GLY n 
2 21  SER n 
2 22  THR n 
2 23  PHE n 
2 24  SER n 
2 25  GLY n 
2 26  TYR n 
2 27  ALA n 
2 28  MSE n 
2 29  GLY n 
2 30  TRP n 
2 31  TYR n 
2 32  ARG n 
2 33  GLN n 
2 34  ALA n 
2 35  PRO n 
2 36  GLY n 
2 37  LYS n 
2 38  GLU n 
2 39  ARG n 
2 40  GLU n 
2 41  LEU n 
2 42  VAL n 
2 43  ALA n 
2 44  ALA n 
2 45  ILE n 
2 46  THR n 
2 47  SER n 
2 48  SER n 
2 49  GLY n 
2 50  ALA n 
2 51  SER n 
2 52  THR n 
2 53  TYR n 
2 54  TYR n 
2 55  ALA n 
2 56  ASP n 
2 57  SER n 
2 58  VAL n 
2 59  ARG n 
2 60  GLY n 
2 61  ARG n 
2 62  PHE n 
2 63  THR n 
2 64  ILE n 
2 65  SER n 
2 66  ARG n 
2 67  ASP n 
2 68  ASP n 
2 69  ALA n 
2 70  LYS n 
2 71  ASN n 
2 72  THR n 
2 73  VAL n 
2 74  TYR n 
2 75  LEU n 
2 76  GLN n 
2 77  MSE n 
2 78  ASN n 
2 79  SER n 
2 80  LEU n 
2 81  LYS n 
2 82  PRO n 
2 83  GLU n 
2 84  ASP n 
2 85  THR n 
2 86  ALA n 
2 87  VAL n 
2 88  TYR n 
2 89  TYR n 
2 90  CYS n 
2 91  ALA n 
2 92  ALA n 
2 93  LEU n 
2 94  ASP n 
2 95  GLU n 
2 96  GLY n 
2 97  TYR n 
2 98  LEU n 
2 99  ASP n 
2 100 TYR n 
2 101 ASP n 
2 102 SER n 
2 103 TRP n 
2 104 GLY n 
2 105 GLN n 
2 106 GLY n 
2 107 THR n 
2 108 GLN n 
2 109 VAL n 
2 110 THR n 
2 111 VAL n 
2 112 SER n 
2 113 SER n 
3 1   VAL n 
3 2   TYR n 
3 3   LYS n 
3 4   CYS n 
3 5   GLU n 
3 6   ILE n 
3 7   CYS n 
3 8   LYS n 
3 9   MET n 
3 10  PRO n 
3 11  PHE n 
3 12  SER n 
3 13  VAL n 
3 14  TYR n 
3 15  SER n 
3 16  THR n 
3 17  LEU n 
3 18  GLU n 
3 19  LYS n 
3 20  HIS n 
3 21  MET n 
3 22  LYS n 
3 23  LYS n 
3 24  TRP n 
3 25  HIS n 
3 26  SER n 
3 27  ASP n 
3 28  ARG n 
# 
loop_
_entity_src_gen.entity_id 
_entity_src_gen.pdbx_src_id 
_entity_src_gen.pdbx_alt_source_flag 
_entity_src_gen.pdbx_seq_type 
_entity_src_gen.pdbx_beg_seq_num 
_entity_src_gen.pdbx_end_seq_num 
_entity_src_gen.gene_src_common_name 
_entity_src_gen.gene_src_genus 
_entity_src_gen.pdbx_gene_src_gene 
_entity_src_gen.gene_src_species 
_entity_src_gen.gene_src_strain 
_entity_src_gen.gene_src_tissue 
_entity_src_gen.gene_src_tissue_fraction 
_entity_src_gen.gene_src_details 
_entity_src_gen.pdbx_gene_src_fragment 
_entity_src_gen.pdbx_gene_src_scientific_name 
_entity_src_gen.pdbx_gene_src_ncbi_taxonomy_id 
_entity_src_gen.pdbx_gene_src_variant 
_entity_src_gen.pdbx_gene_src_cell_line 
_entity_src_gen.pdbx_gene_src_atcc 
_entity_src_gen.pdbx_gene_src_organ 
_entity_src_gen.pdbx_gene_src_organelle 
_entity_src_gen.pdbx_gene_src_cell 
_entity_src_gen.pdbx_gene_src_cellular_location 
_entity_src_gen.host_org_common_name 
_entity_src_gen.pdbx_host_org_scientific_name 
_entity_src_gen.pdbx_host_org_ncbi_taxonomy_id 
_entity_src_gen.host_org_genus 
_entity_src_gen.pdbx_host_org_gene 
_entity_src_gen.pdbx_host_org_organ 
_entity_src_gen.host_org_species 
_entity_src_gen.pdbx_host_org_tissue 
_entity_src_gen.pdbx_host_org_tissue_fraction 
_entity_src_gen.pdbx_host_org_strain 
_entity_src_gen.pdbx_host_org_variant 
_entity_src_gen.pdbx_host_org_cell_line 
_entity_src_gen.pdbx_host_org_atcc 
_entity_src_gen.pdbx_host_org_culture_collection 
_entity_src_gen.pdbx_host_org_cell 
_entity_src_gen.pdbx_host_org_organelle 
_entity_src_gen.pdbx_host_org_cellular_location 
_entity_src_gen.pdbx_host_org_vector_type 
_entity_src_gen.pdbx_host_org_vector 
_entity_src_gen.host_org_details 
_entity_src_gen.expression_system_id 
_entity_src_gen.plasmid_name 
_entity_src_gen.plasmid_details 
_entity_src_gen.pdbx_description 
1 1 sample 'Biological sequence' 1 6   ?     ? ?                                       ? ? ? ? ? ? 'Lama glama'   9844 ? ? ? ? ? ? 
? ? 'Escherichia coli' 562 ? ? ? ? ? ? ? ? ? ? ? ? ? ? ? ? ? ? ? ? ? 
2 1 sample 'Biological sequence' 1 113 ?     ? ?                                       ? ? ? ? ? ? 'Lama glama'   9844 ? ? ? ? ? ? 
? ? 'Escherichia coli' 562 ? ? ? ? ? ? ? ? ? ? ? ? ? ? ? ? ? ? ? ? ? 
3 1 sample 'Biological sequence' 1 28  human ? 'BCL11A, CTIP1, EVI9, KIAA1809, ZNF856' ? ? ? ? ? ? 'Homo sapiens' 9606 ? ? ? ? ? ? 
? ? 'Escherichia coli' 562 ? ? ? ? ? ? ? ? ? ? ? ? ? ? ? ? ? ? ? ? ? 
# 
loop_
_chem_comp.id 
_chem_comp.type 
_chem_comp.mon_nstd_flag 
_chem_comp.name 
_chem_comp.pdbx_synonyms 
_chem_comp.formula 
_chem_comp.formula_weight 
ALA 'L-peptide linking' y ALANINE          ? 'C3 H7 N O2'     89.093  
ARG 'L-peptide linking' y ARGININE         ? 'C6 H15 N4 O2 1' 175.209 
ASN 'L-peptide linking' y ASPARAGINE       ? 'C4 H8 N2 O3'    132.118 
ASP 'L-peptide linking' y 'ASPARTIC ACID'  ? 'C4 H7 N O4'     133.103 
CYS 'L-peptide linking' y CYSTEINE         ? 'C3 H7 N O2 S'   121.158 
GLN 'L-peptide linking' y GLUTAMINE        ? 'C5 H10 N2 O3'   146.144 
GLU 'L-peptide linking' y 'GLUTAMIC ACID'  ? 'C5 H9 N O4'     147.129 
GLY 'peptide linking'   y GLYCINE          ? 'C2 H5 N O2'     75.067  
HIS 'L-peptide linking' y HISTIDINE        ? 'C6 H10 N3 O2 1' 156.162 
HOH non-polymer         . WATER            ? 'H2 O'           18.015  
ILE 'L-peptide linking' y ISOLEUCINE       ? 'C6 H13 N O2'    131.173 
LEU 'L-peptide linking' y LEUCINE          ? 'C6 H13 N O2'    131.173 
LYS 'L-peptide linking' y LYSINE           ? 'C6 H15 N2 O2 1' 147.195 
MET 'L-peptide linking' y METHIONINE       ? 'C5 H11 N O2 S'  149.211 
MSE 'L-peptide linking' n SELENOMETHIONINE ? 'C5 H11 N O2 Se' 196.106 
PHE 'L-peptide linking' y PHENYLALANINE    ? 'C9 H11 N O2'    165.189 
PRO 'L-peptide linking' y PROLINE          ? 'C5 H9 N O2'     115.130 
SER 'L-peptide linking' y SERINE           ? 'C3 H7 N O3'     105.093 
THR 'L-peptide linking' y THREONINE        ? 'C4 H9 N O3'     119.119 
TRP 'L-peptide linking' y TRYPTOPHAN       ? 'C11 H12 N2 O2'  204.225 
TYR 'L-peptide linking' y TYROSINE         ? 'C9 H11 N O3'    181.189 
VAL 'L-peptide linking' y VALINE           ? 'C5 H11 N O2'    117.146 
ZN  non-polymer         . 'ZINC ION'       ? 'Zn 2'           65.409  
# 
loop_
_pdbx_poly_seq_scheme.asym_id 
_pdbx_poly_seq_scheme.entity_id 
_pdbx_poly_seq_scheme.seq_id 
_pdbx_poly_seq_scheme.mon_id 
_pdbx_poly_seq_scheme.ndb_seq_num 
_pdbx_poly_seq_scheme.pdb_seq_num 
_pdbx_poly_seq_scheme.auth_seq_num 
_pdbx_poly_seq_scheme.pdb_mon_id 
_pdbx_poly_seq_scheme.auth_mon_id 
_pdbx_poly_seq_scheme.pdb_strand_id 
_pdbx_poly_seq_scheme.pdb_ins_code 
_pdbx_poly_seq_scheme.hetero 
A 1 1   GLN 1   1   1   GLN GLN B . n 
A 1 2   VAL 2   2   2   VAL VAL B . n 
A 1 3   GLN 3   3   3   GLN GLN B . n 
A 1 4   LEU 4   4   4   LEU LEU B . n 
A 1 5   VAL 5   5   5   VAL VAL B . n 
A 1 6   LYS 6   6   6   LYS LYS B . n 
B 2 1   SER 1   7   7   SER SER A . n 
B 2 2   GLY 2   8   8   GLY GLY A . n 
B 2 3   GLY 3   9   9   GLY GLY A . n 
B 2 4   GLY 4   10  10  GLY GLY A . n 
B 2 5   LEU 5   11  11  LEU LEU A . n 
B 2 6   VAL 6   12  12  VAL VAL A . n 
B 2 7   GLN 7   13  13  GLN GLN A . n 
B 2 8   ALA 8   14  14  ALA ALA A . n 
B 2 9   GLY 9   15  15  GLY GLY A . n 
B 2 10  ASP 10  16  16  ASP ASP A . n 
B 2 11  SER 11  17  17  SER SER A . n 
B 2 12  LEU 12  18  18  LEU LEU A . n 
B 2 13  ARG 13  19  19  ARG ARG A . n 
B 2 14  LEU 14  20  20  LEU LEU A . n 
B 2 15  SER 15  21  21  SER SER A . n 
B 2 16  CYS 16  22  22  CYS CYS A . n 
B 2 17  ALA 17  23  23  ALA ALA A . n 
B 2 18  ALA 18  24  24  ALA ALA A . n 
B 2 19  SER 19  25  25  SER SER A . n 
B 2 20  GLY 20  26  26  GLY GLY A . n 
B 2 21  SER 21  27  27  SER SER A . n 
B 2 22  THR 22  28  28  THR THR A . n 
B 2 23  PHE 23  29  29  PHE PHE A . n 
B 2 24  SER 24  30  30  SER SER A . n 
B 2 25  GLY 25  31  31  GLY GLY A . n 
B 2 26  TYR 26  32  32  TYR TYR A . n 
B 2 27  ALA 27  33  33  ALA ALA A . n 
B 2 28  MSE 28  34  34  MSE MSE A . n 
B 2 29  GLY 29  35  35  GLY GLY A . n 
B 2 30  TRP 30  36  36  TRP TRP A . n 
B 2 31  TYR 31  37  37  TYR TYR A . n 
B 2 32  ARG 32  38  38  ARG ARG A . n 
B 2 33  GLN 33  39  39  GLN GLN A . n 
B 2 34  ALA 34  40  40  ALA ALA A . n 
B 2 35  PRO 35  41  41  PRO PRO A . n 
B 2 36  GLY 36  42  42  GLY GLY A . n 
B 2 37  LYS 37  43  43  LYS LYS A . n 
B 2 38  GLU 38  44  44  GLU GLU A . n 
B 2 39  ARG 39  45  45  ARG ARG A . n 
B 2 40  GLU 40  46  46  GLU GLU A . n 
B 2 41  LEU 41  47  47  LEU LEU A . n 
B 2 42  VAL 42  48  48  VAL VAL A . n 
B 2 43  ALA 43  49  49  ALA ALA A . n 
B 2 44  ALA 44  50  50  ALA ALA A . n 
B 2 45  ILE 45  51  51  ILE ILE A . n 
B 2 46  THR 46  52  52  THR THR A . n 
B 2 47  SER 47  53  53  SER SER A . n 
B 2 48  SER 48  54  54  SER SER A . n 
B 2 49  GLY 49  55  55  GLY GLY A . n 
B 2 50  ALA 50  56  56  ALA ALA A . n 
B 2 51  SER 51  57  57  SER SER A . n 
B 2 52  THR 52  58  58  THR THR A . n 
B 2 53  TYR 53  59  59  TYR TYR A . n 
B 2 54  TYR 54  60  60  TYR TYR A . n 
B 2 55  ALA 55  61  61  ALA ALA A . n 
B 2 56  ASP 56  62  62  ASP ASP A . n 
B 2 57  SER 57  63  63  SER SER A . n 
B 2 58  VAL 58  64  64  VAL VAL A . n 
B 2 59  ARG 59  65  65  ARG ARG A . n 
B 2 60  GLY 60  66  66  GLY GLY A . n 
B 2 61  ARG 61  67  67  ARG ARG A . n 
B 2 62  PHE 62  68  68  PHE PHE A . n 
B 2 63  THR 63  69  69  THR THR A . n 
B 2 64  ILE 64  70  70  ILE ILE A . n 
B 2 65  SER 65  71  71  SER SER A . n 
B 2 66  ARG 66  72  72  ARG ARG A . n 
B 2 67  ASP 67  73  73  ASP ASP A . n 
B 2 68  ASP 68  74  74  ASP ASP A . n 
B 2 69  ALA 69  75  75  ALA ALA A . n 
B 2 70  LYS 70  76  76  LYS LYS A . n 
B 2 71  ASN 71  77  77  ASN ASN A . n 
B 2 72  THR 72  78  78  THR THR A . n 
B 2 73  VAL 73  79  79  VAL VAL A . n 
B 2 74  TYR 74  80  80  TYR TYR A . n 
B 2 75  LEU 75  81  81  LEU LEU A . n 
B 2 76  GLN 76  82  82  GLN GLN A . n 
B 2 77  MSE 77  83  83  MSE MSE A . n 
B 2 78  ASN 78  84  84  ASN ASN A . n 
B 2 79  SER 79  85  85  SER SER A . n 
B 2 80  LEU 80  86  86  LEU LEU A . n 
B 2 81  LYS 81  87  87  LYS LYS A . n 
B 2 82  PRO 82  88  88  PRO PRO A . n 
B 2 83  GLU 83  89  89  GLU GLU A . n 
B 2 84  ASP 84  90  90  ASP ASP A . n 
B 2 85  THR 85  91  91  THR THR A . n 
B 2 86  ALA 86  92  92  ALA ALA A . n 
B 2 87  VAL 87  93  93  VAL VAL A . n 
B 2 88  TYR 88  94  94  TYR TYR A . n 
B 2 89  TYR 89  95  95  TYR TYR A . n 
B 2 90  CYS 90  96  96  CYS CYS A . n 
B 2 91  ALA 91  97  97  ALA ALA A . n 
B 2 92  ALA 92  98  98  ALA ALA A . n 
B 2 93  LEU 93  99  99  LEU LEU A . n 
B 2 94  ASP 94  100 100 ASP ASP A . n 
B 2 95  GLU 95  101 101 GLU GLU A . n 
B 2 96  GLY 96  102 102 GLY GLY A . n 
B 2 97  TYR 97  103 103 TYR TYR A . n 
B 2 98  LEU 98  104 104 LEU LEU A . n 
B 2 99  ASP 99  105 105 ASP ASP A . n 
B 2 100 TYR 100 106 106 TYR TYR A . n 
B 2 101 ASP 101 107 107 ASP ASP A . n 
B 2 102 SER 102 108 108 SER SER A . n 
B 2 103 TRP 103 109 109 TRP TRP A . n 
B 2 104 GLY 104 110 110 GLY GLY A . n 
B 2 105 GLN 105 111 111 GLN GLN A . n 
B 2 106 GLY 106 112 112 GLY GLY A . n 
B 2 107 THR 107 113 113 THR THR A . n 
B 2 108 GLN 108 114 114 GLN GLN A . n 
B 2 109 VAL 109 115 115 VAL VAL A . n 
B 2 110 THR 110 116 116 THR THR A . n 
B 2 111 VAL 111 117 117 VAL VAL A . n 
B 2 112 SER 112 118 118 SER SER A . n 
B 2 113 SER 113 119 119 SER SER A . n 
C 3 1   VAL 1   799 799 VAL VAL C . n 
C 3 2   TYR 2   800 800 TYR TYR C . n 
C 3 3   LYS 3   801 801 LYS LYS C . n 
C 3 4   CYS 4   802 802 CYS CYS C . n 
C 3 5   GLU 5   803 803 GLU GLU C . n 
C 3 6   ILE 6   804 804 ILE ILE C . n 
C 3 7   CYS 7   805 805 CYS CYS C . n 
C 3 8   LYS 8   806 806 LYS LYS C . n 
C 3 9   MET 9   807 807 MET MET C . n 
C 3 10  PRO 10  808 808 PRO PRO C . n 
C 3 11  PHE 11  809 809 PHE PHE C . n 
C 3 12  SER 12  810 810 SER SER C . n 
C 3 13  VAL 13  811 811 VAL VAL C . n 
C 3 14  TYR 14  812 812 TYR TYR C . n 
C 3 15  SER 15  813 813 SER SER C . n 
C 3 16  THR 16  814 814 THR THR C . n 
C 3 17  LEU 17  815 815 LEU LEU C . n 
C 3 18  GLU 18  816 816 GLU GLU C . n 
C 3 19  LYS 19  817 817 LYS LYS C . n 
C 3 20  HIS 20  818 818 HIS HIS C . n 
C 3 21  MET 21  819 819 MET MET C . n 
C 3 22  LYS 22  820 820 LYS LYS C . n 
C 3 23  LYS 23  821 821 LYS LYS C . n 
C 3 24  TRP 24  822 822 TRP TRP C . n 
C 3 25  HIS 25  823 823 HIS HIS C . n 
C 3 26  SER 26  824 824 SER SER C . n 
C 3 27  ASP 27  825 825 ASP ASP C . n 
C 3 28  ARG 28  826 826 ARG ARG C . n 
# 
loop_
_pdbx_nonpoly_scheme.asym_id 
_pdbx_nonpoly_scheme.entity_id 
_pdbx_nonpoly_scheme.mon_id 
_pdbx_nonpoly_scheme.ndb_seq_num 
_pdbx_nonpoly_scheme.pdb_seq_num 
_pdbx_nonpoly_scheme.auth_seq_num 
_pdbx_nonpoly_scheme.pdb_mon_id 
_pdbx_nonpoly_scheme.auth_mon_id 
_pdbx_nonpoly_scheme.pdb_strand_id 
_pdbx_nonpoly_scheme.pdb_ins_code 
D 4 ZN  1  901  901 ZN  ZN  C . 
E 5 HOH 1  201  7   HOH HOH A . 
E 5 HOH 2  202  9   HOH HOH A . 
E 5 HOH 3  203  13  HOH HOH A . 
E 5 HOH 4  204  11  HOH HOH A . 
E 5 HOH 5  205  14  HOH HOH A . 
E 5 HOH 6  206  8   HOH HOH A . 
E 5 HOH 7  207  15  HOH HOH A . 
E 5 HOH 8  208  10  HOH HOH A . 
E 5 HOH 9  209  6   HOH HOH A . 
E 5 HOH 10 210  12  HOH HOH A . 
E 5 HOH 11 211  4   HOH HOH A . 
E 5 HOH 12 212  5   HOH HOH A . 
F 5 HOH 1  1001 3   HOH HOH C . 
F 5 HOH 2  1002 17  HOH HOH C . 
F 5 HOH 3  1003 16  HOH HOH C . 
F 5 HOH 4  1004 2   HOH HOH C . 
F 5 HOH 5  1005 18  HOH HOH C . 
# 
loop_
_software.citation_id 
_software.classification 
_software.compiler_name 
_software.compiler_version 
_software.contact_author 
_software.contact_author_email 
_software.date 
_software.description 
_software.dependencies 
_software.hardware 
_software.language 
_software.location 
_software.mods 
_software.name 
_software.os 
_software.os_version 
_software.type 
_software.version 
_software.pdbx_ordinal 
? refinement        ? ? ? ? ? ? ? ? ? ? ? PHENIX      ? ? ? 1.13_2998 1 
? 'data scaling'    ? ? ? ? ? ? ? ? ? ? ? HKL-2000    ? ? ? .         2 
? 'data extraction' ? ? ? ? ? ? ? ? ? ? ? PDB_EXTRACT ? ? ? 3.27      3 
? 'data reduction'  ? ? ? ? ? ? ? ? ? ? ? HKL-3000    ? ? ? .         4 
? phasing           ? ? ? ? ? ? ? ? ? ? ? AutoSol     ? ? ? .         5 
# 
_cell.angle_alpha                  90.00 
_cell.angle_alpha_esd              ? 
_cell.angle_beta                   90.00 
_cell.angle_beta_esd               ? 
_cell.angle_gamma                  90.00 
_cell.angle_gamma_esd              ? 
_cell.entry_id                     8DTU 
_cell.details                      ? 
_cell.formula_units_Z              ? 
_cell.length_a                     57.507 
_cell.length_a_esd                 ? 
_cell.length_b                     57.507 
_cell.length_b_esd                 ? 
_cell.length_c                     157.328 
_cell.length_c_esd                 ? 
_cell.volume                       ? 
_cell.volume_esd                   ? 
_cell.Z_PDB                        8 
_cell.reciprocal_angle_alpha       ? 
_cell.reciprocal_angle_beta        ? 
_cell.reciprocal_angle_gamma       ? 
_cell.reciprocal_angle_alpha_esd   ? 
_cell.reciprocal_angle_beta_esd    ? 
_cell.reciprocal_angle_gamma_esd   ? 
_cell.reciprocal_length_a          ? 
_cell.reciprocal_length_b          ? 
_cell.reciprocal_length_c          ? 
_cell.reciprocal_length_a_esd      ? 
_cell.reciprocal_length_b_esd      ? 
_cell.reciprocal_length_c_esd      ? 
_cell.pdbx_unique_axis             ? 
_cell.pdbx_esd_method              ? 
# 
_symmetry.entry_id                         8DTU 
_symmetry.cell_setting                     ? 
_symmetry.Int_Tables_number                96 
_symmetry.space_group_name_Hall            ? 
_symmetry.space_group_name_H-M             'P 43 21 2' 
_symmetry.pdbx_full_space_group_name_H-M   ? 
# 
_exptl.absorpt_coefficient_mu     ? 
_exptl.absorpt_correction_T_max   ? 
_exptl.absorpt_correction_T_min   ? 
_exptl.absorpt_correction_type    ? 
_exptl.absorpt_process_details    ? 
_exptl.entry_id                   8DTU 
_exptl.crystals_number            1 
_exptl.details                    ? 
_exptl.method                     'X-RAY DIFFRACTION' 
_exptl.method_details             ? 
# 
_exptl_crystal.colour                       ? 
_exptl_crystal.density_diffrn               ? 
_exptl_crystal.density_Matthews             3.98 
_exptl_crystal.density_method               ? 
_exptl_crystal.density_percent_sol          69.11 
_exptl_crystal.description                  ? 
_exptl_crystal.F_000                        ? 
_exptl_crystal.id                           1 
_exptl_crystal.preparation                  ? 
_exptl_crystal.size_max                     ? 
_exptl_crystal.size_mid                     ? 
_exptl_crystal.size_min                     ? 
_exptl_crystal.size_rad                     ? 
_exptl_crystal.colour_lustre                ? 
_exptl_crystal.colour_modifier              ? 
_exptl_crystal.colour_primary               ? 
_exptl_crystal.density_meas                 ? 
_exptl_crystal.density_meas_esd             ? 
_exptl_crystal.density_meas_gt              ? 
_exptl_crystal.density_meas_lt              ? 
_exptl_crystal.density_meas_temp            ? 
_exptl_crystal.density_meas_temp_esd        ? 
_exptl_crystal.density_meas_temp_gt         ? 
_exptl_crystal.density_meas_temp_lt         ? 
_exptl_crystal.pdbx_crystal_image_url       ? 
_exptl_crystal.pdbx_crystal_image_format    ? 
_exptl_crystal.pdbx_mosaicity               ? 
_exptl_crystal.pdbx_mosaicity_esd           ? 
_exptl_crystal.pdbx_mosaic_method           ? 
_exptl_crystal.pdbx_mosaic_block_size       ? 
_exptl_crystal.pdbx_mosaic_block_size_esd   ? 
# 
_exptl_crystal_grow.apparatus       ? 
_exptl_crystal_grow.atmosphere      ? 
_exptl_crystal_grow.crystal_id      1 
_exptl_crystal_grow.details         ? 
_exptl_crystal_grow.method          'VAPOR DIFFUSION, HANGING DROP' 
_exptl_crystal_grow.method_ref      ? 
_exptl_crystal_grow.pH              ? 
_exptl_crystal_grow.pressure        ? 
_exptl_crystal_grow.pressure_esd    ? 
_exptl_crystal_grow.seeding         ? 
_exptl_crystal_grow.seeding_ref     ? 
_exptl_crystal_grow.temp_details    ? 
_exptl_crystal_grow.temp_esd        ? 
_exptl_crystal_grow.time            ? 
_exptl_crystal_grow.pdbx_details    '0.1 M HEPES, pH 7.5-8.2, 2.2M Li2SO4.' 
_exptl_crystal_grow.pdbx_pH_range   7.5-8.2 
_exptl_crystal_grow.temp            281.15 
# 
_diffrn.ambient_environment              ? 
_diffrn.ambient_temp                     100 
_diffrn.ambient_temp_details             ? 
_diffrn.ambient_temp_esd                 ? 
_diffrn.crystal_id                       1 
_diffrn.crystal_support                  ? 
_diffrn.crystal_treatment                ? 
_diffrn.details                          ? 
_diffrn.id                               1 
_diffrn.ambient_pressure                 ? 
_diffrn.ambient_pressure_esd             ? 
_diffrn.ambient_pressure_gt              ? 
_diffrn.ambient_pressure_lt              ? 
_diffrn.ambient_temp_gt                  ? 
_diffrn.ambient_temp_lt                  ? 
_diffrn.pdbx_serial_crystal_experiment   N 
# 
_diffrn_detector.details                      ? 
_diffrn_detector.detector                     PIXEL 
_diffrn_detector.diffrn_id                    1 
_diffrn_detector.type                         'DECTRIS PILATUS 6M' 
_diffrn_detector.area_resol_mean              ? 
_diffrn_detector.dtime                        ? 
_diffrn_detector.pdbx_frames_total            ? 
_diffrn_detector.pdbx_collection_time_total   ? 
_diffrn_detector.pdbx_collection_date         2021-07-04 
_diffrn_detector.pdbx_frequency               ? 
# 
_diffrn_radiation.collimation                      ? 
_diffrn_radiation.diffrn_id                        1 
_diffrn_radiation.filter_edge                      ? 
_diffrn_radiation.inhomogeneity                    ? 
_diffrn_radiation.monochromator                    ? 
_diffrn_radiation.polarisn_norm                    ? 
_diffrn_radiation.polarisn_ratio                   ? 
_diffrn_radiation.probe                            ? 
_diffrn_radiation.type                             ? 
_diffrn_radiation.xray_symbol                      ? 
_diffrn_radiation.wavelength_id                    1 
_diffrn_radiation.pdbx_monochromatic_or_laue_m_l   M 
_diffrn_radiation.pdbx_wavelength_list             ? 
_diffrn_radiation.pdbx_wavelength                  ? 
_diffrn_radiation.pdbx_diffrn_protocol             'SINGLE WAVELENGTH' 
_diffrn_radiation.pdbx_analyzer                    ? 
_diffrn_radiation.pdbx_scattering_type             x-ray 
# 
_diffrn_radiation_wavelength.id           1 
_diffrn_radiation_wavelength.wavelength   0.97915 
_diffrn_radiation_wavelength.wt           1.0 
# 
_diffrn_source.current                     ? 
_diffrn_source.details                     ? 
_diffrn_source.diffrn_id                   1 
_diffrn_source.power                       ? 
_diffrn_source.size                        ? 
_diffrn_source.source                      SYNCHROTRON 
_diffrn_source.target                      ? 
_diffrn_source.type                        'SSRL BEAMLINE BL9-2' 
_diffrn_source.voltage                     ? 
_diffrn_source.take-off_angle              ? 
_diffrn_source.pdbx_wavelength_list        0.97915 
_diffrn_source.pdbx_wavelength             ? 
_diffrn_source.pdbx_synchrotron_beamline   BL9-2 
_diffrn_source.pdbx_synchrotron_site       SSRL 
# 
_reflns.B_iso_Wilson_estimate                          54.570 
_reflns.entry_id                                       8DTU 
_reflns.data_reduction_details                         ? 
_reflns.data_reduction_method                          ? 
_reflns.d_resolution_high                              2.447 
_reflns.d_resolution_low                               40.664 
_reflns.details                                        ? 
_reflns.limit_h_max                                    ? 
_reflns.limit_h_min                                    ? 
_reflns.limit_k_max                                    ? 
_reflns.limit_k_min                                    ? 
_reflns.limit_l_max                                    ? 
_reflns.limit_l_min                                    ? 
_reflns.number_all                                     ? 
_reflns.number_obs                                     10390 
_reflns.observed_criterion                             ? 
_reflns.observed_criterion_F_max                       ? 
_reflns.observed_criterion_F_min                       ? 
_reflns.observed_criterion_I_max                       ? 
_reflns.observed_criterion_I_min                       ? 
_reflns.observed_criterion_sigma_F                     ? 
_reflns.observed_criterion_sigma_I                     ? 
_reflns.percent_possible_obs                           96.56 
_reflns.R_free_details                                 ? 
_reflns.Rmerge_F_all                                   ? 
_reflns.Rmerge_F_obs                                   ? 
_reflns.Friedel_coverage                               ? 
_reflns.number_gt                                      ? 
_reflns.threshold_expression                           ? 
_reflns.pdbx_redundancy                                35.0 
_reflns.pdbx_netI_over_av_sigmaI                       ? 
_reflns.pdbx_netI_over_sigmaI                          24.49 
_reflns.pdbx_res_netI_over_av_sigmaI_2                 ? 
_reflns.pdbx_res_netI_over_sigmaI_2                    ? 
_reflns.pdbx_chi_squared                               ? 
_reflns.pdbx_scaling_rejects                           ? 
_reflns.pdbx_d_res_high_opt                            ? 
_reflns.pdbx_d_res_low_opt                             ? 
_reflns.pdbx_d_res_opt_method                          ? 
_reflns.phase_calculation_details                      ? 
_reflns.pdbx_Rrim_I_all                                0.157 
_reflns.pdbx_Rpim_I_all                                0.02625 
_reflns.pdbx_d_opt                                     ? 
_reflns.pdbx_number_measured_all                       ? 
_reflns.pdbx_diffrn_id                                 1 
_reflns.pdbx_ordinal                                   1 
_reflns.pdbx_CC_half                                   0.999 
_reflns.pdbx_CC_star                                   1 
_reflns.pdbx_R_split                                   ? 
_reflns.pdbx_Rmerge_I_obs                              0.1547 
_reflns.pdbx_Rmerge_I_all                              ? 
_reflns.pdbx_Rsym_value                                ? 
_reflns.pdbx_CC_split_method                           ? 
_reflns.pdbx_aniso_diffraction_limit_axis_1_ortho[1]   ? 
_reflns.pdbx_aniso_diffraction_limit_axis_1_ortho[2]   ? 
_reflns.pdbx_aniso_diffraction_limit_axis_1_ortho[3]   ? 
_reflns.pdbx_aniso_diffraction_limit_axis_2_ortho[1]   ? 
_reflns.pdbx_aniso_diffraction_limit_axis_2_ortho[2]   ? 
_reflns.pdbx_aniso_diffraction_limit_axis_2_ortho[3]   ? 
_reflns.pdbx_aniso_diffraction_limit_axis_3_ortho[1]   ? 
_reflns.pdbx_aniso_diffraction_limit_axis_3_ortho[2]   ? 
_reflns.pdbx_aniso_diffraction_limit_axis_3_ortho[3]   ? 
_reflns.pdbx_aniso_diffraction_limit_1                 ? 
_reflns.pdbx_aniso_diffraction_limit_2                 ? 
_reflns.pdbx_aniso_diffraction_limit_3                 ? 
_reflns.pdbx_aniso_B_tensor_eigenvector_1_ortho[1]     ? 
_reflns.pdbx_aniso_B_tensor_eigenvector_1_ortho[2]     ? 
_reflns.pdbx_aniso_B_tensor_eigenvector_1_ortho[3]     ? 
_reflns.pdbx_aniso_B_tensor_eigenvector_2_ortho[1]     ? 
_reflns.pdbx_aniso_B_tensor_eigenvector_2_ortho[2]     ? 
_reflns.pdbx_aniso_B_tensor_eigenvector_2_ortho[3]     ? 
_reflns.pdbx_aniso_B_tensor_eigenvector_3_ortho[1]     ? 
_reflns.pdbx_aniso_B_tensor_eigenvector_3_ortho[2]     ? 
_reflns.pdbx_aniso_B_tensor_eigenvector_3_ortho[3]     ? 
_reflns.pdbx_aniso_B_tensor_eigenvalue_1               ? 
_reflns.pdbx_aniso_B_tensor_eigenvalue_2               ? 
_reflns.pdbx_aniso_B_tensor_eigenvalue_3               ? 
_reflns.pdbx_orthogonalization_convention              ? 
_reflns.pdbx_percent_possible_ellipsoidal              ? 
_reflns.pdbx_percent_possible_spherical                ? 
_reflns.pdbx_percent_possible_ellipsoidal_anomalous    ? 
_reflns.pdbx_percent_possible_spherical_anomalous      ? 
_reflns.pdbx_redundancy_anomalous                      ? 
_reflns.pdbx_CC_half_anomalous                         ? 
_reflns.pdbx_absDiff_over_sigma_anomalous              ? 
_reflns.pdbx_percent_possible_anomalous                ? 
_reflns.pdbx_observed_signal_threshold                 ? 
_reflns.pdbx_signal_type                               ? 
_reflns.pdbx_signal_details                            ? 
_reflns.pdbx_signal_software_id                        ? 
# 
_reflns_shell.d_res_high                                    2.447 
_reflns_shell.d_res_low                                     2.535 
_reflns_shell.meanI_over_sigI_all                           ? 
_reflns_shell.meanI_over_sigI_obs                           2.77 
_reflns_shell.number_measured_all                           ? 
_reflns_shell.number_measured_obs                           ? 
_reflns_shell.number_possible                               ? 
_reflns_shell.number_unique_all                             ? 
_reflns_shell.number_unique_obs                             1011 
_reflns_shell.percent_possible_obs                          ? 
_reflns_shell.Rmerge_F_all                                  ? 
_reflns_shell.Rmerge_F_obs                                  ? 
_reflns_shell.meanI_over_sigI_gt                            ? 
_reflns_shell.meanI_over_uI_all                             ? 
_reflns_shell.meanI_over_uI_gt                              ? 
_reflns_shell.number_measured_gt                            ? 
_reflns_shell.number_unique_gt                              ? 
_reflns_shell.percent_possible_gt                           ? 
_reflns_shell.Rmerge_F_gt                                   ? 
_reflns_shell.Rmerge_I_gt                                   ? 
_reflns_shell.pdbx_redundancy                               36.2 
_reflns_shell.pdbx_chi_squared                              ? 
_reflns_shell.pdbx_netI_over_sigmaI_all                     ? 
_reflns_shell.pdbx_netI_over_sigmaI_obs                     ? 
_reflns_shell.pdbx_Rrim_I_all                               2.152 
_reflns_shell.pdbx_Rpim_I_all                               0.3513 
_reflns_shell.pdbx_rejects                                  ? 
_reflns_shell.pdbx_ordinal                                  1 
_reflns_shell.pdbx_diffrn_id                                1 
_reflns_shell.pdbx_CC_half                                  0.938 
_reflns_shell.pdbx_CC_star                                  0.984 
_reflns_shell.pdbx_R_split                                  ? 
_reflns_shell.percent_possible_all                          90.83 
_reflns_shell.Rmerge_I_all                                  ? 
_reflns_shell.Rmerge_I_obs                                  2.123 
_reflns_shell.pdbx_Rsym_value                               ? 
_reflns_shell.pdbx_percent_possible_ellipsoidal             ? 
_reflns_shell.pdbx_percent_possible_spherical               ? 
_reflns_shell.pdbx_percent_possible_ellipsoidal_anomalous   ? 
_reflns_shell.pdbx_percent_possible_spherical_anomalous     ? 
_reflns_shell.pdbx_redundancy_anomalous                     ? 
_reflns_shell.pdbx_CC_half_anomalous                        ? 
_reflns_shell.pdbx_absDiff_over_sigma_anomalous             ? 
_reflns_shell.pdbx_percent_possible_anomalous               ? 
# 
_refine.aniso_B[1][1]                            ? 
_refine.aniso_B[1][2]                            ? 
_refine.aniso_B[1][3]                            ? 
_refine.aniso_B[2][2]                            ? 
_refine.aniso_B[2][3]                            ? 
_refine.aniso_B[3][3]                            ? 
_refine.B_iso_max                                ? 
_refine.B_iso_mean                               ? 
_refine.B_iso_min                                ? 
_refine.correlation_coeff_Fo_to_Fc               ? 
_refine.correlation_coeff_Fo_to_Fc_free          ? 
_refine.details                                  ? 
_refine.diff_density_max                         ? 
_refine.diff_density_max_esd                     ? 
_refine.diff_density_min                         ? 
_refine.diff_density_min_esd                     ? 
_refine.diff_density_rms                         ? 
_refine.diff_density_rms_esd                     ? 
_refine.entry_id                                 8DTU 
_refine.pdbx_refine_id                           'X-RAY DIFFRACTION' 
_refine.ls_abs_structure_details                 ? 
_refine.ls_abs_structure_Flack                   ? 
_refine.ls_abs_structure_Flack_esd               ? 
_refine.ls_abs_structure_Rogers                  ? 
_refine.ls_abs_structure_Rogers_esd              ? 
_refine.ls_d_res_high                            2.447 
_refine.ls_d_res_low                             40.66 
_refine.ls_extinction_coef                       ? 
_refine.ls_extinction_coef_esd                   ? 
_refine.ls_extinction_expression                 ? 
_refine.ls_extinction_method                     ? 
_refine.ls_goodness_of_fit_all                   ? 
_refine.ls_goodness_of_fit_all_esd               ? 
_refine.ls_goodness_of_fit_obs                   ? 
_refine.ls_goodness_of_fit_obs_esd               ? 
_refine.ls_hydrogen_treatment                    ? 
_refine.ls_matrix_type                           ? 
_refine.ls_number_constraints                    ? 
_refine.ls_number_parameters                     ? 
_refine.ls_number_reflns_all                     ? 
_refine.ls_number_reflns_obs                     10390 
_refine.ls_number_reflns_R_free                  1011 
_refine.ls_number_reflns_R_work                  ? 
_refine.ls_number_restraints                     ? 
_refine.ls_percent_reflns_obs                    96.59 
_refine.ls_percent_reflns_R_free                 10.07 
_refine.ls_R_factor_all                          ? 
_refine.ls_R_factor_obs                          0.2639 
_refine.ls_R_factor_R_free                       0.2876 
_refine.ls_R_factor_R_free_error                 ? 
_refine.ls_R_factor_R_free_error_details         ? 
_refine.ls_R_factor_R_work                       0.2613 
_refine.ls_R_Fsqd_factor_obs                     ? 
_refine.ls_R_I_factor_obs                        ? 
_refine.ls_redundancy_reflns_all                 ? 
_refine.ls_redundancy_reflns_obs                 ? 
_refine.ls_restrained_S_all                      ? 
_refine.ls_restrained_S_obs                      ? 
_refine.ls_shift_over_esd_max                    ? 
_refine.ls_shift_over_esd_mean                   ? 
_refine.ls_structure_factor_coef                 ? 
_refine.ls_weighting_details                     ? 
_refine.ls_weighting_scheme                      ? 
_refine.ls_wR_factor_all                         ? 
_refine.ls_wR_factor_obs                         ? 
_refine.ls_wR_factor_R_free                      ? 
_refine.ls_wR_factor_R_work                      ? 
_refine.occupancy_max                            ? 
_refine.occupancy_min                            ? 
_refine.solvent_model_details                    'FLAT BULK SOLVENT MODEL' 
_refine.solvent_model_param_bsol                 ? 
_refine.solvent_model_param_ksol                 ? 
_refine.pdbx_R_complete                          ? 
_refine.ls_R_factor_gt                           ? 
_refine.ls_goodness_of_fit_gt                    ? 
_refine.ls_goodness_of_fit_ref                   ? 
_refine.ls_shift_over_su_max                     ? 
_refine.ls_shift_over_su_max_lt                  ? 
_refine.ls_shift_over_su_mean                    ? 
_refine.ls_shift_over_su_mean_lt                 ? 
_refine.pdbx_ls_sigma_I                          ? 
_refine.pdbx_ls_sigma_F                          0.00 
_refine.pdbx_ls_sigma_Fsqd                       ? 
_refine.pdbx_data_cutoff_high_absF               ? 
_refine.pdbx_data_cutoff_high_rms_absF           ? 
_refine.pdbx_data_cutoff_low_absF                ? 
_refine.pdbx_isotropic_thermal_model             ? 
_refine.pdbx_ls_cross_valid_method               THROUGHOUT 
_refine.pdbx_method_to_determine_struct          SAD 
_refine.pdbx_starting_model                      ? 
_refine.pdbx_stereochemistry_target_values       ML 
_refine.pdbx_R_Free_selection_details            ? 
_refine.pdbx_stereochem_target_val_spec_case     ? 
_refine.pdbx_overall_ESU_R                       ? 
_refine.pdbx_overall_ESU_R_Free                  ? 
_refine.pdbx_solvent_vdw_probe_radii             1.11 
_refine.pdbx_solvent_ion_probe_radii             ? 
_refine.pdbx_solvent_shrinkage_radii             0.90 
_refine.pdbx_real_space_R                        ? 
_refine.pdbx_density_correlation                 ? 
_refine.pdbx_pd_number_of_powder_patterns        ? 
_refine.pdbx_pd_number_of_points                 ? 
_refine.pdbx_pd_meas_number_of_points            ? 
_refine.pdbx_pd_proc_ls_prof_R_factor            ? 
_refine.pdbx_pd_proc_ls_prof_wR_factor           ? 
_refine.pdbx_pd_Marquardt_correlation_coeff      ? 
_refine.pdbx_pd_Fsqrd_R_factor                   ? 
_refine.pdbx_pd_ls_matrix_band_width             ? 
_refine.pdbx_overall_phase_error                 34.83 
_refine.pdbx_overall_SU_R_free_Cruickshank_DPI   ? 
_refine.pdbx_overall_SU_R_free_Blow_DPI          ? 
_refine.pdbx_overall_SU_R_Blow_DPI               ? 
_refine.pdbx_TLS_residual_ADP_flag               ? 
_refine.pdbx_diffrn_id                           1 
_refine.overall_SU_B                             ? 
_refine.overall_SU_ML                            0.36 
_refine.overall_SU_R_Cruickshank_DPI             ? 
_refine.overall_SU_R_free                        ? 
_refine.overall_FOM_free_R_set                   ? 
_refine.overall_FOM_work_R_set                   ? 
_refine.pdbx_average_fsc_overall                 ? 
_refine.pdbx_average_fsc_work                    ? 
_refine.pdbx_average_fsc_free                    ? 
# 
_refine_hist.pdbx_refine_id                   'X-RAY DIFFRACTION' 
_refine_hist.cycle_id                         LAST 
_refine_hist.details                          ? 
_refine_hist.d_res_high                       2.447 
_refine_hist.d_res_low                        40.66 
_refine_hist.number_atoms_solvent             17 
_refine_hist.number_atoms_total               1154 
_refine_hist.number_reflns_all                ? 
_refine_hist.number_reflns_obs                ? 
_refine_hist.number_reflns_R_free             ? 
_refine_hist.number_reflns_R_work             ? 
_refine_hist.R_factor_all                     ? 
_refine_hist.R_factor_obs                     ? 
_refine_hist.R_factor_R_free                  ? 
_refine_hist.R_factor_R_work                  ? 
_refine_hist.pdbx_number_residues_total       ? 
_refine_hist.pdbx_B_iso_mean_ligand           ? 
_refine_hist.pdbx_B_iso_mean_solvent          ? 
_refine_hist.pdbx_number_atoms_protein        1136 
_refine_hist.pdbx_number_atoms_nucleic_acid   0 
_refine_hist.pdbx_number_atoms_ligand         1 
_refine_hist.pdbx_number_atoms_lipid          ? 
_refine_hist.pdbx_number_atoms_carb           ? 
_refine_hist.pdbx_pseudo_atom_details         ? 
# 
loop_
_refine_ls_restr.pdbx_refine_id 
_refine_ls_restr.criterion 
_refine_ls_restr.dev_ideal 
_refine_ls_restr.dev_ideal_target 
_refine_ls_restr.number 
_refine_ls_restr.rejects 
_refine_ls_restr.type 
_refine_ls_restr.weight 
_refine_ls_restr.pdbx_restraint_function 
'X-RAY DIFFRACTION' ? 0.012  ? 1159 ? f_bond_d           ? ? 
'X-RAY DIFFRACTION' ? 1.318  ? 1563 ? f_angle_d          ? ? 
'X-RAY DIFFRACTION' ? 23.302 ? 417  ? f_dihedral_angle_d ? ? 
'X-RAY DIFFRACTION' ? 0.057  ? 167  ? f_chiral_restr     ? ? 
'X-RAY DIFFRACTION' ? 0.005  ? 197  ? f_plane_restr      ? ? 
# 
loop_
_refine_ls_shell.pdbx_refine_id 
_refine_ls_shell.d_res_high 
_refine_ls_shell.d_res_low 
_refine_ls_shell.number_reflns_all 
_refine_ls_shell.number_reflns_obs 
_refine_ls_shell.number_reflns_R_free 
_refine_ls_shell.number_reflns_R_work 
_refine_ls_shell.percent_reflns_obs 
_refine_ls_shell.percent_reflns_R_free 
_refine_ls_shell.R_factor_all 
_refine_ls_shell.R_factor_obs 
_refine_ls_shell.R_factor_R_free_error 
_refine_ls_shell.R_factor_R_work 
_refine_ls_shell.redundancy_reflns_all 
_refine_ls_shell.redundancy_reflns_obs 
_refine_ls_shell.wR_factor_all 
_refine_ls_shell.wR_factor_obs 
_refine_ls_shell.wR_factor_R_free 
_refine_ls_shell.wR_factor_R_work 
_refine_ls_shell.pdbx_R_complete 
_refine_ls_shell.pdbx_total_number_of_bins_used 
_refine_ls_shell.pdbx_phase_error 
_refine_ls_shell.pdbx_fsc_work 
_refine_ls_shell.pdbx_fsc_free 
_refine_ls_shell.R_factor_R_free 
'X-RAY DIFFRACTION' 2.4471 2.5761 . . 140 1168 91.00  . . . . 0.3825 . . . . . . . . . . . 0.3758 
'X-RAY DIFFRACTION' 2.5761 2.7375 . . 129 1218 93.00  . . . . 0.3682 . . . . . . . . . . . 0.4225 
'X-RAY DIFFRACTION' 2.7375 2.9488 . . 138 1226 96.00  . . . . 0.3369 . . . . . . . . . . . 0.3637 
'X-RAY DIFFRACTION' 2.9488 3.2454 . . 143 1304 98.00  . . . . 0.3172 . . . . . . . . . . . 0.3607 
'X-RAY DIFFRACTION' 3.2454 3.7147 . . 147 1315 99.00  . . . . 0.2692 . . . . . . . . . . . 0.2853 
'X-RAY DIFFRACTION' 3.7147 4.6791 . . 150 1346 100.00 . . . . 0.2216 . . . . . . . . . . . 0.2192 
'X-RAY DIFFRACTION' 4.6791 40.66  . . 164 1456 100.00 . . . . 0.2285 . . . . . . . . . . . 0.2782 
# 
_struct.entry_id                     8DTU 
_struct.title                        'The complex of nanobody 5344N74D with BCL11A ZF6.' 
_struct.pdbx_model_details           ? 
_struct.pdbx_formula_weight          ? 
_struct.pdbx_formula_weight_method   ? 
_struct.pdbx_model_type_details      ? 
_struct.pdbx_CASP_flag               N 
# 
_struct_keywords.entry_id        8DTU 
_struct_keywords.text            
'Nanobody, BCL11A, Transcription factor, Zinc finger domain, protein degradation, gamma globin, sickle cells, DNA BINDING PROTEIN' 
_struct_keywords.pdbx_keywords   'DNA BINDING PROTEIN' 
# 
loop_
_struct_asym.id 
_struct_asym.pdbx_blank_PDB_chainid_flag 
_struct_asym.pdbx_modified 
_struct_asym.entity_id 
_struct_asym.details 
A N N 1 ? 
B N N 2 ? 
C N N 3 ? 
D N N 4 ? 
E N N 5 ? 
F N N 5 ? 
# 
loop_
_struct_ref.id 
_struct_ref.db_name 
_struct_ref.db_code 
_struct_ref.pdbx_db_accession 
_struct_ref.pdbx_db_isoform 
_struct_ref.entity_id 
_struct_ref.pdbx_seq_one_letter_code 
_struct_ref.pdbx_align_begin 
1 PDB 8DTU        8DTU   ? 1 ?                            1   
2 PDB 8DTU        8DTU   ? 2 ?                            1   
3 UNP BC11A_HUMAN Q9H165 ? 3 VYKCEICKMPFSVYSTLEKHMKKWHSDR 799 
# 
loop_
_struct_ref_seq.align_id 
_struct_ref_seq.ref_id 
_struct_ref_seq.pdbx_PDB_id_code 
_struct_ref_seq.pdbx_strand_id 
_struct_ref_seq.seq_align_beg 
_struct_ref_seq.pdbx_seq_align_beg_ins_code 
_struct_ref_seq.seq_align_end 
_struct_ref_seq.pdbx_seq_align_end_ins_code 
_struct_ref_seq.pdbx_db_accession 
_struct_ref_seq.db_align_beg 
_struct_ref_seq.pdbx_db_align_beg_ins_code 
_struct_ref_seq.db_align_end 
_struct_ref_seq.pdbx_db_align_end_ins_code 
_struct_ref_seq.pdbx_auth_seq_align_beg 
_struct_ref_seq.pdbx_auth_seq_align_end 
1 1 8DTU B 1 ? 6   ? 8DTU   1   ? 6   ? 1   6   
2 2 8DTU A 1 ? 113 ? 8DTU   7   ? 119 ? 7   119 
3 3 8DTU C 1 ? 28  ? Q9H165 799 ? 826 ? 799 826 
# 
_pdbx_struct_assembly.id                   1 
_pdbx_struct_assembly.details              author_and_software_defined_assembly 
_pdbx_struct_assembly.method_details       PISA 
_pdbx_struct_assembly.oligomeric_details   trimeric 
_pdbx_struct_assembly.oligomeric_count     3 
# 
loop_
_pdbx_struct_assembly_prop.biol_id 
_pdbx_struct_assembly_prop.type 
_pdbx_struct_assembly_prop.value 
_pdbx_struct_assembly_prop.details 
1 'ABSA (A^2)' 2250 ? 
1 MORE         -15  ? 
1 'SSA (A^2)'  8000 ? 
# 
_pdbx_struct_assembly_gen.assembly_id       1 
_pdbx_struct_assembly_gen.oper_expression   1 
_pdbx_struct_assembly_gen.asym_id_list      A,B,C,D,E,F 
# 
loop_
_pdbx_struct_assembly_auth_evidence.id 
_pdbx_struct_assembly_auth_evidence.assembly_id 
_pdbx_struct_assembly_auth_evidence.experimental_support 
_pdbx_struct_assembly_auth_evidence.details 
1 1 'NMR relaxation study' ? 
2 1 'gel filtration'       ? 
# 
_pdbx_struct_oper_list.id                   1 
_pdbx_struct_oper_list.type                 'identity operation' 
_pdbx_struct_oper_list.name                 1_555 
_pdbx_struct_oper_list.symmetry_operation   x,y,z 
_pdbx_struct_oper_list.matrix[1][1]         1.0000000000 
_pdbx_struct_oper_list.matrix[1][2]         0.0000000000 
_pdbx_struct_oper_list.matrix[1][3]         0.0000000000 
_pdbx_struct_oper_list.vector[1]            0.0000000000 
_pdbx_struct_oper_list.matrix[2][1]         0.0000000000 
_pdbx_struct_oper_list.matrix[2][2]         1.0000000000 
_pdbx_struct_oper_list.matrix[2][3]         0.0000000000 
_pdbx_struct_oper_list.vector[2]            0.0000000000 
_pdbx_struct_oper_list.matrix[3][1]         0.0000000000 
_pdbx_struct_oper_list.matrix[3][2]         0.0000000000 
_pdbx_struct_oper_list.matrix[3][3]         1.0000000000 
_pdbx_struct_oper_list.vector[3]            0.0000000000 
# 
loop_
_struct_conf.conf_type_id 
_struct_conf.id 
_struct_conf.pdbx_PDB_helix_id 
_struct_conf.beg_label_comp_id 
_struct_conf.beg_label_asym_id 
_struct_conf.beg_label_seq_id 
_struct_conf.pdbx_beg_PDB_ins_code 
_struct_conf.end_label_comp_id 
_struct_conf.end_label_asym_id 
_struct_conf.end_label_seq_id 
_struct_conf.pdbx_end_PDB_ins_code 
_struct_conf.beg_auth_comp_id 
_struct_conf.beg_auth_asym_id 
_struct_conf.beg_auth_seq_id 
_struct_conf.end_auth_comp_id 
_struct_conf.end_auth_asym_id 
_struct_conf.end_auth_seq_id 
_struct_conf.pdbx_PDB_helix_class 
_struct_conf.details 
_struct_conf.pdbx_PDB_helix_length 
HELX_P HELX_P1 AA1 ASP B 56 ? ARG B 59  ? ASP A 62  ARG A 65  5 ? 4  
HELX_P HELX_P2 AA2 ASP B 68 ? LYS B 70  ? ASP A 74  LYS A 76  5 ? 3  
HELX_P HELX_P3 AA3 LYS B 81 ? THR B 85  ? LYS A 87  THR A 91  5 ? 5  
HELX_P HELX_P4 AA4 ASP B 94 ? GLY B 96  ? ASP A 100 GLY A 102 5 ? 3  
HELX_P HELX_P5 AA5 ASP B 99 ? TRP B 103 ? ASP A 105 TRP A 109 5 ? 5  
HELX_P HELX_P6 AA6 THR C 16 ? SER C 26  ? THR C 814 SER C 824 1 ? 11 
# 
_struct_conf_type.id          HELX_P 
_struct_conf_type.criteria    ? 
_struct_conf_type.reference   ? 
# 
loop_
_struct_conn.id 
_struct_conn.conn_type_id 
_struct_conn.pdbx_leaving_atom_flag 
_struct_conn.pdbx_PDB_id 
_struct_conn.ptnr1_label_asym_id 
_struct_conn.ptnr1_label_comp_id 
_struct_conn.ptnr1_label_seq_id 
_struct_conn.ptnr1_label_atom_id 
_struct_conn.pdbx_ptnr1_label_alt_id 
_struct_conn.pdbx_ptnr1_PDB_ins_code 
_struct_conn.pdbx_ptnr1_standard_comp_id 
_struct_conn.ptnr1_symmetry 
_struct_conn.ptnr2_label_asym_id 
_struct_conn.ptnr2_label_comp_id 
_struct_conn.ptnr2_label_seq_id 
_struct_conn.ptnr2_label_atom_id 
_struct_conn.pdbx_ptnr2_label_alt_id 
_struct_conn.pdbx_ptnr2_PDB_ins_code 
_struct_conn.ptnr1_auth_asym_id 
_struct_conn.ptnr1_auth_comp_id 
_struct_conn.ptnr1_auth_seq_id 
_struct_conn.ptnr2_auth_asym_id 
_struct_conn.ptnr2_auth_comp_id 
_struct_conn.ptnr2_auth_seq_id 
_struct_conn.ptnr2_symmetry 
_struct_conn.pdbx_ptnr3_label_atom_id 
_struct_conn.pdbx_ptnr3_label_seq_id 
_struct_conn.pdbx_ptnr3_label_comp_id 
_struct_conn.pdbx_ptnr3_label_asym_id 
_struct_conn.pdbx_ptnr3_label_alt_id 
_struct_conn.pdbx_ptnr3_PDB_ins_code 
_struct_conn.details 
_struct_conn.pdbx_dist_value 
_struct_conn.pdbx_value_order 
_struct_conn.pdbx_role 
covale1 covale both ? B ALA 27 C   ? ? ? 1_555 B MSE 28 N  ? ? A ALA 33  A MSE 34  1_555 ? ? ? ? ? ? ? 1.326 ? ? 
covale2 covale both ? B MSE 28 C   ? ? ? 1_555 B GLY 29 N  ? ? A MSE 34  A GLY 35  1_555 ? ? ? ? ? ? ? 1.328 ? ? 
covale3 covale both ? B GLN 76 C   ? ? ? 1_555 B MSE 77 N  ? ? A GLN 82  A MSE 83  1_555 ? ? ? ? ? ? ? 1.325 ? ? 
covale4 covale both ? B MSE 77 C   ? ? ? 1_555 B ASN 78 N  ? ? A MSE 83  A ASN 84  1_555 ? ? ? ? ? ? ? 1.327 ? ? 
metalc1 metalc ?    ? C CYS 4  SG  ? ? ? 1_555 D ZN  .  ZN ? ? C CYS 802 C ZN  901 1_555 ? ? ? ? ? ? ? 2.506 ? ? 
metalc2 metalc ?    ? C CYS 7  SG  ? ? ? 1_555 D ZN  .  ZN ? ? C CYS 805 C ZN  901 1_555 ? ? ? ? ? ? ? 2.086 ? ? 
metalc3 metalc ?    ? C HIS 20 NE2 ? ? ? 1_555 D ZN  .  ZN ? ? C HIS 818 C ZN  901 1_555 ? ? ? ? ? ? ? 2.035 ? ? 
metalc4 metalc ?    ? C HIS 25 NE2 ? ? ? 1_555 D ZN  .  ZN ? ? C HIS 823 C ZN  901 1_555 ? ? ? ? ? ? ? 2.074 ? ? 
# 
loop_
_struct_conn_type.id 
_struct_conn_type.criteria 
_struct_conn_type.reference 
covale ? ? 
metalc ? ? 
# 
loop_
_pdbx_struct_conn_angle.id 
_pdbx_struct_conn_angle.ptnr1_label_atom_id 
_pdbx_struct_conn_angle.ptnr1_label_alt_id 
_pdbx_struct_conn_angle.ptnr1_label_asym_id 
_pdbx_struct_conn_angle.ptnr1_label_comp_id 
_pdbx_struct_conn_angle.ptnr1_label_seq_id 
_pdbx_struct_conn_angle.ptnr1_auth_atom_id 
_pdbx_struct_conn_angle.ptnr1_auth_asym_id 
_pdbx_struct_conn_angle.ptnr1_auth_comp_id 
_pdbx_struct_conn_angle.ptnr1_auth_seq_id 
_pdbx_struct_conn_angle.ptnr1_PDB_ins_code 
_pdbx_struct_conn_angle.ptnr1_symmetry 
_pdbx_struct_conn_angle.ptnr2_label_atom_id 
_pdbx_struct_conn_angle.ptnr2_label_alt_id 
_pdbx_struct_conn_angle.ptnr2_label_asym_id 
_pdbx_struct_conn_angle.ptnr2_label_comp_id 
_pdbx_struct_conn_angle.ptnr2_label_seq_id 
_pdbx_struct_conn_angle.ptnr2_auth_atom_id 
_pdbx_struct_conn_angle.ptnr2_auth_asym_id 
_pdbx_struct_conn_angle.ptnr2_auth_comp_id 
_pdbx_struct_conn_angle.ptnr2_auth_seq_id 
_pdbx_struct_conn_angle.ptnr2_PDB_ins_code 
_pdbx_struct_conn_angle.ptnr2_symmetry 
_pdbx_struct_conn_angle.ptnr3_label_atom_id 
_pdbx_struct_conn_angle.ptnr3_label_alt_id 
_pdbx_struct_conn_angle.ptnr3_label_asym_id 
_pdbx_struct_conn_angle.ptnr3_label_comp_id 
_pdbx_struct_conn_angle.ptnr3_label_seq_id 
_pdbx_struct_conn_angle.ptnr3_auth_atom_id 
_pdbx_struct_conn_angle.ptnr3_auth_asym_id 
_pdbx_struct_conn_angle.ptnr3_auth_comp_id 
_pdbx_struct_conn_angle.ptnr3_auth_seq_id 
_pdbx_struct_conn_angle.ptnr3_PDB_ins_code 
_pdbx_struct_conn_angle.ptnr3_symmetry 
_pdbx_struct_conn_angle.value 
_pdbx_struct_conn_angle.value_esd 
1 SG  ? C CYS 4  ? C CYS 802 ? 1_555 ZN ? D ZN . ? C ZN 901 ? 1_555 SG  ? C CYS 7  ? C CYS 805 ? 1_555 102.0 ? 
2 SG  ? C CYS 4  ? C CYS 802 ? 1_555 ZN ? D ZN . ? C ZN 901 ? 1_555 NE2 ? C HIS 20 ? C HIS 818 ? 1_555 104.2 ? 
3 SG  ? C CYS 7  ? C CYS 805 ? 1_555 ZN ? D ZN . ? C ZN 901 ? 1_555 NE2 ? C HIS 20 ? C HIS 818 ? 1_555 86.3  ? 
4 SG  ? C CYS 4  ? C CYS 802 ? 1_555 ZN ? D ZN . ? C ZN 901 ? 1_555 NE2 ? C HIS 25 ? C HIS 823 ? 1_555 129.3 ? 
5 SG  ? C CYS 7  ? C CYS 805 ? 1_555 ZN ? D ZN . ? C ZN 901 ? 1_555 NE2 ? C HIS 25 ? C HIS 823 ? 1_555 116.4 ? 
6 NE2 ? C HIS 20 ? C HIS 818 ? 1_555 ZN ? D ZN . ? C ZN 901 ? 1_555 NE2 ? C HIS 25 ? C HIS 823 ? 1_555 109.7 ? 
# 
loop_
_pdbx_modification_feature.ordinal 
_pdbx_modification_feature.label_comp_id 
_pdbx_modification_feature.label_asym_id 
_pdbx_modification_feature.label_seq_id 
_pdbx_modification_feature.label_alt_id 
_pdbx_modification_feature.modified_residue_label_comp_id 
_pdbx_modification_feature.modified_residue_label_asym_id 
_pdbx_modification_feature.modified_residue_label_seq_id 
_pdbx_modification_feature.modified_residue_label_alt_id 
_pdbx_modification_feature.auth_comp_id 
_pdbx_modification_feature.auth_asym_id 
_pdbx_modification_feature.auth_seq_id 
_pdbx_modification_feature.PDB_ins_code 
_pdbx_modification_feature.symmetry 
_pdbx_modification_feature.modified_residue_auth_comp_id 
_pdbx_modification_feature.modified_residue_auth_asym_id 
_pdbx_modification_feature.modified_residue_auth_seq_id 
_pdbx_modification_feature.modified_residue_PDB_ins_code 
_pdbx_modification_feature.modified_residue_symmetry 
_pdbx_modification_feature.comp_id_linking_atom 
_pdbx_modification_feature.modified_residue_id_linking_atom 
_pdbx_modification_feature.modified_residue_id 
_pdbx_modification_feature.ref_pcm_id 
_pdbx_modification_feature.ref_comp_id 
_pdbx_modification_feature.type 
_pdbx_modification_feature.category 
1 MSE B 28 ? . . . . MSE A 34 ? 1_555 . . . . . . . MET 1 MSE Selenomethionine 'Named protein modification' 
2 MSE B 77 ? . . . . MSE A 83 ? 1_555 . . . . . . . MET 1 MSE Selenomethionine 'Named protein modification' 
# 
loop_
_struct_sheet.id 
_struct_sheet.type 
_struct_sheet.number_strands 
_struct_sheet.details 
AA1 ? 4 ? 
AA2 ? 6 ? 
AA3 ? 2 ? 
# 
loop_
_struct_sheet_order.sheet_id 
_struct_sheet_order.range_id_1 
_struct_sheet_order.range_id_2 
_struct_sheet_order.offset 
_struct_sheet_order.sense 
AA1 1 2 ? anti-parallel 
AA1 2 3 ? anti-parallel 
AA1 3 4 ? anti-parallel 
AA2 1 2 ? parallel      
AA2 2 3 ? anti-parallel 
AA2 3 4 ? anti-parallel 
AA2 4 5 ? anti-parallel 
AA2 5 6 ? anti-parallel 
AA3 1 2 ? anti-parallel 
# 
loop_
_struct_sheet_range.sheet_id 
_struct_sheet_range.id 
_struct_sheet_range.beg_label_comp_id 
_struct_sheet_range.beg_label_asym_id 
_struct_sheet_range.beg_label_seq_id 
_struct_sheet_range.pdbx_beg_PDB_ins_code 
_struct_sheet_range.end_label_comp_id 
_struct_sheet_range.end_label_asym_id 
_struct_sheet_range.end_label_seq_id 
_struct_sheet_range.pdbx_end_PDB_ins_code 
_struct_sheet_range.beg_auth_comp_id 
_struct_sheet_range.beg_auth_asym_id 
_struct_sheet_range.beg_auth_seq_id 
_struct_sheet_range.end_auth_comp_id 
_struct_sheet_range.end_auth_asym_id 
_struct_sheet_range.end_auth_seq_id 
AA1 1 GLN A 3   ? VAL A 5   ? GLN B 3   VAL B 5   
AA1 2 LEU B 12  ? ALA B 17  ? LEU A 18  ALA A 23  
AA1 3 THR B 72  ? MSE B 77  ? THR A 78  MSE A 83  
AA1 4 PHE B 62  ? ASP B 67  ? PHE A 68  ASP A 73  
AA2 1 LEU B 5   ? VAL B 6   ? LEU A 11  VAL A 12  
AA2 2 THR B 107 ? VAL B 111 ? THR A 113 VAL A 117 
AA2 3 ALA B 86  ? ALA B 92  ? ALA A 92  ALA A 98  
AA2 4 MSE B 28  ? GLN B 33  ? MSE A 34  GLN A 39  
AA2 5 GLU B 40  ? ILE B 45  ? GLU A 46  ILE A 51  
AA2 6 THR B 52  ? TYR B 54  ? THR A 58  TYR A 60  
AA3 1 TYR C 2   ? LYS C 3   ? TYR C 800 LYS C 801 
AA3 2 PRO C 10  ? PHE C 11  ? PRO C 808 PHE C 809 
# 
loop_
_pdbx_struct_sheet_hbond.sheet_id 
_pdbx_struct_sheet_hbond.range_id_1 
_pdbx_struct_sheet_hbond.range_id_2 
_pdbx_struct_sheet_hbond.range_1_label_atom_id 
_pdbx_struct_sheet_hbond.range_1_label_comp_id 
_pdbx_struct_sheet_hbond.range_1_label_asym_id 
_pdbx_struct_sheet_hbond.range_1_label_seq_id 
_pdbx_struct_sheet_hbond.range_1_PDB_ins_code 
_pdbx_struct_sheet_hbond.range_1_auth_atom_id 
_pdbx_struct_sheet_hbond.range_1_auth_comp_id 
_pdbx_struct_sheet_hbond.range_1_auth_asym_id 
_pdbx_struct_sheet_hbond.range_1_auth_seq_id 
_pdbx_struct_sheet_hbond.range_2_label_atom_id 
_pdbx_struct_sheet_hbond.range_2_label_comp_id 
_pdbx_struct_sheet_hbond.range_2_label_asym_id 
_pdbx_struct_sheet_hbond.range_2_label_seq_id 
_pdbx_struct_sheet_hbond.range_2_PDB_ins_code 
_pdbx_struct_sheet_hbond.range_2_auth_atom_id 
_pdbx_struct_sheet_hbond.range_2_auth_comp_id 
_pdbx_struct_sheet_hbond.range_2_auth_asym_id 
_pdbx_struct_sheet_hbond.range_2_auth_seq_id 
AA1 1 2 N VAL A 5   ? N VAL B 5   O SER B 15  ? O SER A 21  
AA1 2 3 N LEU B 12  ? N LEU A 18  O MSE B 77  ? O MSE A 83  
AA1 3 4 O GLN B 76  ? O GLN A 82  N THR B 63  ? N THR A 69  
AA2 1 2 N VAL B 6   ? N VAL A 12  O THR B 110 ? O THR A 116 
AA2 2 3 O THR B 107 ? O THR A 113 N TYR B 88  ? N TYR A 94  
AA2 3 4 O TYR B 89  ? O TYR A 95  N TYR B 31  ? N TYR A 37  
AA2 4 5 N TRP B 30  ? N TRP A 36  O VAL B 42  ? O VAL A 48  
AA2 5 6 N ALA B 44  ? N ALA A 50  O TYR B 53  ? O TYR A 59  
AA3 1 2 N TYR C 2   ? N TYR C 800 O PHE C 11  ? O PHE C 809 
# 
_pdbx_entry_details.entry_id                   8DTU 
_pdbx_entry_details.nonpolymer_details         ? 
_pdbx_entry_details.sequence_details           ? 
_pdbx_entry_details.compound_details           ? 
_pdbx_entry_details.source_details             ? 
_pdbx_entry_details.has_ligand_of_interest     N 
_pdbx_entry_details.has_protein_modification   Y 
# 
_pdbx_validate_close_contact.id               1 
_pdbx_validate_close_contact.PDB_model_num    1 
_pdbx_validate_close_contact.auth_atom_id_1   SG 
_pdbx_validate_close_contact.auth_asym_id_1   A 
_pdbx_validate_close_contact.auth_comp_id_1   CYS 
_pdbx_validate_close_contact.auth_seq_id_1    22 
_pdbx_validate_close_contact.PDB_ins_code_1   ? 
_pdbx_validate_close_contact.label_alt_id_1   ? 
_pdbx_validate_close_contact.auth_atom_id_2   SG 
_pdbx_validate_close_contact.auth_asym_id_2   A 
_pdbx_validate_close_contact.auth_comp_id_2   CYS 
_pdbx_validate_close_contact.auth_seq_id_2    96 
_pdbx_validate_close_contact.PDB_ins_code_2   ? 
_pdbx_validate_close_contact.label_alt_id_2   ? 
_pdbx_validate_close_contact.dist             1.72 
# 
loop_
_pdbx_validate_torsion.id 
_pdbx_validate_torsion.PDB_model_num 
_pdbx_validate_torsion.auth_comp_id 
_pdbx_validate_torsion.auth_asym_id 
_pdbx_validate_torsion.auth_seq_id 
_pdbx_validate_torsion.PDB_ins_code 
_pdbx_validate_torsion.label_alt_id 
_pdbx_validate_torsion.phi 
_pdbx_validate_torsion.psi 
1 1 VAL B 2   ? ? -140.58 -70.09  
2 1 ALA A 14  ? ? -49.91  150.34  
3 1 TYR C 812 ? ? -89.24  36.72   
4 1 SER C 813 ? ? -168.47 114.33  
5 1 SER C 824 ? ? -103.65 -147.37 
# 
loop_
_chem_comp_atom.comp_id 
_chem_comp_atom.atom_id 
_chem_comp_atom.type_symbol 
_chem_comp_atom.pdbx_aromatic_flag 
_chem_comp_atom.pdbx_stereo_config 
_chem_comp_atom.pdbx_ordinal 
ALA N    N  N N 1   
ALA CA   C  N S 2   
ALA C    C  N N 3   
ALA O    O  N N 4   
ALA CB   C  N N 5   
ALA OXT  O  N N 6   
ALA H    H  N N 7   
ALA H2   H  N N 8   
ALA HA   H  N N 9   
ALA HB1  H  N N 10  
ALA HB2  H  N N 11  
ALA HB3  H  N N 12  
ALA HXT  H  N N 13  
ARG N    N  N N 14  
ARG CA   C  N S 15  
ARG C    C  N N 16  
ARG O    O  N N 17  
ARG CB   C  N N 18  
ARG CG   C  N N 19  
ARG CD   C  N N 20  
ARG NE   N  N N 21  
ARG CZ   C  N N 22  
ARG NH1  N  N N 23  
ARG NH2  N  N N 24  
ARG OXT  O  N N 25  
ARG H    H  N N 26  
ARG H2   H  N N 27  
ARG HA   H  N N 28  
ARG HB2  H  N N 29  
ARG HB3  H  N N 30  
ARG HG2  H  N N 31  
ARG HG3  H  N N 32  
ARG HD2  H  N N 33  
ARG HD3  H  N N 34  
ARG HE   H  N N 35  
ARG HH11 H  N N 36  
ARG HH12 H  N N 37  
ARG HH21 H  N N 38  
ARG HH22 H  N N 39  
ARG HXT  H  N N 40  
ASN N    N  N N 41  
ASN CA   C  N S 42  
ASN C    C  N N 43  
ASN O    O  N N 44  
ASN CB   C  N N 45  
ASN CG   C  N N 46  
ASN OD1  O  N N 47  
ASN ND2  N  N N 48  
ASN OXT  O  N N 49  
ASN H    H  N N 50  
ASN H2   H  N N 51  
ASN HA   H  N N 52  
ASN HB2  H  N N 53  
ASN HB3  H  N N 54  
ASN HD21 H  N N 55  
ASN HD22 H  N N 56  
ASN HXT  H  N N 57  
ASP N    N  N N 58  
ASP CA   C  N S 59  
ASP C    C  N N 60  
ASP O    O  N N 61  
ASP CB   C  N N 62  
ASP CG   C  N N 63  
ASP OD1  O  N N 64  
ASP OD2  O  N N 65  
ASP OXT  O  N N 66  
ASP H    H  N N 67  
ASP H2   H  N N 68  
ASP HA   H  N N 69  
ASP HB2  H  N N 70  
ASP HB3  H  N N 71  
ASP HD2  H  N N 72  
ASP HXT  H  N N 73  
CYS N    N  N N 74  
CYS CA   C  N R 75  
CYS C    C  N N 76  
CYS O    O  N N 77  
CYS CB   C  N N 78  
CYS SG   S  N N 79  
CYS OXT  O  N N 80  
CYS H    H  N N 81  
CYS H2   H  N N 82  
CYS HA   H  N N 83  
CYS HB2  H  N N 84  
CYS HB3  H  N N 85  
CYS HG   H  N N 86  
CYS HXT  H  N N 87  
GLN N    N  N N 88  
GLN CA   C  N S 89  
GLN C    C  N N 90  
GLN O    O  N N 91  
GLN CB   C  N N 92  
GLN CG   C  N N 93  
GLN CD   C  N N 94  
GLN OE1  O  N N 95  
GLN NE2  N  N N 96  
GLN OXT  O  N N 97  
GLN H    H  N N 98  
GLN H2   H  N N 99  
GLN HA   H  N N 100 
GLN HB2  H  N N 101 
GLN HB3  H  N N 102 
GLN HG2  H  N N 103 
GLN HG3  H  N N 104 
GLN HE21 H  N N 105 
GLN HE22 H  N N 106 
GLN HXT  H  N N 107 
GLU N    N  N N 108 
GLU CA   C  N S 109 
GLU C    C  N N 110 
GLU O    O  N N 111 
GLU CB   C  N N 112 
GLU CG   C  N N 113 
GLU CD   C  N N 114 
GLU OE1  O  N N 115 
GLU OE2  O  N N 116 
GLU OXT  O  N N 117 
GLU H    H  N N 118 
GLU H2   H  N N 119 
GLU HA   H  N N 120 
GLU HB2  H  N N 121 
GLU HB3  H  N N 122 
GLU HG2  H  N N 123 
GLU HG3  H  N N 124 
GLU HE2  H  N N 125 
GLU HXT  H  N N 126 
GLY N    N  N N 127 
GLY CA   C  N N 128 
GLY C    C  N N 129 
GLY O    O  N N 130 
GLY OXT  O  N N 131 
GLY H    H  N N 132 
GLY H2   H  N N 133 
GLY HA2  H  N N 134 
GLY HA3  H  N N 135 
GLY HXT  H  N N 136 
HIS N    N  N N 137 
HIS CA   C  N S 138 
HIS C    C  N N 139 
HIS O    O  N N 140 
HIS CB   C  N N 141 
HIS CG   C  Y N 142 
HIS ND1  N  Y N 143 
HIS CD2  C  Y N 144 
HIS CE1  C  Y N 145 
HIS NE2  N  Y N 146 
HIS OXT  O  N N 147 
HIS H    H  N N 148 
HIS H2   H  N N 149 
HIS HA   H  N N 150 
HIS HB2  H  N N 151 
HIS HB3  H  N N 152 
HIS HD1  H  N N 153 
HIS HD2  H  N N 154 
HIS HE1  H  N N 155 
HIS HE2  H  N N 156 
HIS HXT  H  N N 157 
HOH O    O  N N 158 
HOH H1   H  N N 159 
HOH H2   H  N N 160 
ILE N    N  N N 161 
ILE CA   C  N S 162 
ILE C    C  N N 163 
ILE O    O  N N 164 
ILE CB   C  N S 165 
ILE CG1  C  N N 166 
ILE CG2  C  N N 167 
ILE CD1  C  N N 168 
ILE OXT  O  N N 169 
ILE H    H  N N 170 
ILE H2   H  N N 171 
ILE HA   H  N N 172 
ILE HB   H  N N 173 
ILE HG12 H  N N 174 
ILE HG13 H  N N 175 
ILE HG21 H  N N 176 
ILE HG22 H  N N 177 
ILE HG23 H  N N 178 
ILE HD11 H  N N 179 
ILE HD12 H  N N 180 
ILE HD13 H  N N 181 
ILE HXT  H  N N 182 
LEU N    N  N N 183 
LEU CA   C  N S 184 
LEU C    C  N N 185 
LEU O    O  N N 186 
LEU CB   C  N N 187 
LEU CG   C  N N 188 
LEU CD1  C  N N 189 
LEU CD2  C  N N 190 
LEU OXT  O  N N 191 
LEU H    H  N N 192 
LEU H2   H  N N 193 
LEU HA   H  N N 194 
LEU HB2  H  N N 195 
LEU HB3  H  N N 196 
LEU HG   H  N N 197 
LEU HD11 H  N N 198 
LEU HD12 H  N N 199 
LEU HD13 H  N N 200 
LEU HD21 H  N N 201 
LEU HD22 H  N N 202 
LEU HD23 H  N N 203 
LEU HXT  H  N N 204 
LYS N    N  N N 205 
LYS CA   C  N S 206 
LYS C    C  N N 207 
LYS O    O  N N 208 
LYS CB   C  N N 209 
LYS CG   C  N N 210 
LYS CD   C  N N 211 
LYS CE   C  N N 212 
LYS NZ   N  N N 213 
LYS OXT  O  N N 214 
LYS H    H  N N 215 
LYS H2   H  N N 216 
LYS HA   H  N N 217 
LYS HB2  H  N N 218 
LYS HB3  H  N N 219 
LYS HG2  H  N N 220 
LYS HG3  H  N N 221 
LYS HD2  H  N N 222 
LYS HD3  H  N N 223 
LYS HE2  H  N N 224 
LYS HE3  H  N N 225 
LYS HZ1  H  N N 226 
LYS HZ2  H  N N 227 
LYS HZ3  H  N N 228 
LYS HXT  H  N N 229 
MET N    N  N N 230 
MET CA   C  N S 231 
MET C    C  N N 232 
MET O    O  N N 233 
MET CB   C  N N 234 
MET CG   C  N N 235 
MET SD   S  N N 236 
MET CE   C  N N 237 
MET OXT  O  N N 238 
MET H    H  N N 239 
MET H2   H  N N 240 
MET HA   H  N N 241 
MET HB2  H  N N 242 
MET HB3  H  N N 243 
MET HG2  H  N N 244 
MET HG3  H  N N 245 
MET HE1  H  N N 246 
MET HE2  H  N N 247 
MET HE3  H  N N 248 
MET HXT  H  N N 249 
MSE N    N  N N 250 
MSE CA   C  N S 251 
MSE C    C  N N 252 
MSE O    O  N N 253 
MSE OXT  O  N N 254 
MSE CB   C  N N 255 
MSE CG   C  N N 256 
MSE SE   SE N N 257 
MSE CE   C  N N 258 
MSE H    H  N N 259 
MSE H2   H  N N 260 
MSE HA   H  N N 261 
MSE HXT  H  N N 262 
MSE HB2  H  N N 263 
MSE HB3  H  N N 264 
MSE HG2  H  N N 265 
MSE HG3  H  N N 266 
MSE HE1  H  N N 267 
MSE HE2  H  N N 268 
MSE HE3  H  N N 269 
PHE N    N  N N 270 
PHE CA   C  N S 271 
PHE C    C  N N 272 
PHE O    O  N N 273 
PHE CB   C  N N 274 
PHE CG   C  Y N 275 
PHE CD1  C  Y N 276 
PHE CD2  C  Y N 277 
PHE CE1  C  Y N 278 
PHE CE2  C  Y N 279 
PHE CZ   C  Y N 280 
PHE OXT  O  N N 281 
PHE H    H  N N 282 
PHE H2   H  N N 283 
PHE HA   H  N N 284 
PHE HB2  H  N N 285 
PHE HB3  H  N N 286 
PHE HD1  H  N N 287 
PHE HD2  H  N N 288 
PHE HE1  H  N N 289 
PHE HE2  H  N N 290 
PHE HZ   H  N N 291 
PHE HXT  H  N N 292 
PRO N    N  N N 293 
PRO CA   C  N S 294 
PRO C    C  N N 295 
PRO O    O  N N 296 
PRO CB   C  N N 297 
PRO CG   C  N N 298 
PRO CD   C  N N 299 
PRO OXT  O  N N 300 
PRO H    H  N N 301 
PRO HA   H  N N 302 
PRO HB2  H  N N 303 
PRO HB3  H  N N 304 
PRO HG2  H  N N 305 
PRO HG3  H  N N 306 
PRO HD2  H  N N 307 
PRO HD3  H  N N 308 
PRO HXT  H  N N 309 
SER N    N  N N 310 
SER CA   C  N S 311 
SER C    C  N N 312 
SER O    O  N N 313 
SER CB   C  N N 314 
SER OG   O  N N 315 
SER OXT  O  N N 316 
SER H    H  N N 317 
SER H2   H  N N 318 
SER HA   H  N N 319 
SER HB2  H  N N 320 
SER HB3  H  N N 321 
SER HG   H  N N 322 
SER HXT  H  N N 323 
THR N    N  N N 324 
THR CA   C  N S 325 
THR C    C  N N 326 
THR O    O  N N 327 
THR CB   C  N R 328 
THR OG1  O  N N 329 
THR CG2  C  N N 330 
THR OXT  O  N N 331 
THR H    H  N N 332 
THR H2   H  N N 333 
THR HA   H  N N 334 
THR HB   H  N N 335 
THR HG1  H  N N 336 
THR HG21 H  N N 337 
THR HG22 H  N N 338 
THR HG23 H  N N 339 
THR HXT  H  N N 340 
TRP N    N  N N 341 
TRP CA   C  N S 342 
TRP C    C  N N 343 
TRP O    O  N N 344 
TRP CB   C  N N 345 
TRP CG   C  Y N 346 
TRP CD1  C  Y N 347 
TRP CD2  C  Y N 348 
TRP NE1  N  Y N 349 
TRP CE2  C  Y N 350 
TRP CE3  C  Y N 351 
TRP CZ2  C  Y N 352 
TRP CZ3  C  Y N 353 
TRP CH2  C  Y N 354 
TRP OXT  O  N N 355 
TRP H    H  N N 356 
TRP H2   H  N N 357 
TRP HA   H  N N 358 
TRP HB2  H  N N 359 
TRP HB3  H  N N 360 
TRP HD1  H  N N 361 
TRP HE1  H  N N 362 
TRP HE3  H  N N 363 
TRP HZ2  H  N N 364 
TRP HZ3  H  N N 365 
TRP HH2  H  N N 366 
TRP HXT  H  N N 367 
TYR N    N  N N 368 
TYR CA   C  N S 369 
TYR C    C  N N 370 
TYR O    O  N N 371 
TYR CB   C  N N 372 
TYR CG   C  Y N 373 
TYR CD1  C  Y N 374 
TYR CD2  C  Y N 375 
TYR CE1  C  Y N 376 
TYR CE2  C  Y N 377 
TYR CZ   C  Y N 378 
TYR OH   O  N N 379 
TYR OXT  O  N N 380 
TYR H    H  N N 381 
TYR H2   H  N N 382 
TYR HA   H  N N 383 
TYR HB2  H  N N 384 
TYR HB3  H  N N 385 
TYR HD1  H  N N 386 
TYR HD2  H  N N 387 
TYR HE1  H  N N 388 
TYR HE2  H  N N 389 
TYR HH   H  N N 390 
TYR HXT  H  N N 391 
VAL N    N  N N 392 
VAL CA   C  N S 393 
VAL C    C  N N 394 
VAL O    O  N N 395 
VAL CB   C  N N 396 
VAL CG1  C  N N 397 
VAL CG2  C  N N 398 
VAL OXT  O  N N 399 
VAL H    H  N N 400 
VAL H2   H  N N 401 
VAL HA   H  N N 402 
VAL HB   H  N N 403 
VAL HG11 H  N N 404 
VAL HG12 H  N N 405 
VAL HG13 H  N N 406 
VAL HG21 H  N N 407 
VAL HG22 H  N N 408 
VAL HG23 H  N N 409 
VAL HXT  H  N N 410 
ZN  ZN   ZN N N 411 
# 
loop_
_chem_comp_bond.comp_id 
_chem_comp_bond.atom_id_1 
_chem_comp_bond.atom_id_2 
_chem_comp_bond.value_order 
_chem_comp_bond.pdbx_aromatic_flag 
_chem_comp_bond.pdbx_stereo_config 
_chem_comp_bond.pdbx_ordinal 
ALA N   CA   sing N N 1   
ALA N   H    sing N N 2   
ALA N   H2   sing N N 3   
ALA CA  C    sing N N 4   
ALA CA  CB   sing N N 5   
ALA CA  HA   sing N N 6   
ALA C   O    doub N N 7   
ALA C   OXT  sing N N 8   
ALA CB  HB1  sing N N 9   
ALA CB  HB2  sing N N 10  
ALA CB  HB3  sing N N 11  
ALA OXT HXT  sing N N 12  
ARG N   CA   sing N N 13  
ARG N   H    sing N N 14  
ARG N   H2   sing N N 15  
ARG CA  C    sing N N 16  
ARG CA  CB   sing N N 17  
ARG CA  HA   sing N N 18  
ARG C   O    doub N N 19  
ARG C   OXT  sing N N 20  
ARG CB  CG   sing N N 21  
ARG CB  HB2  sing N N 22  
ARG CB  HB3  sing N N 23  
ARG CG  CD   sing N N 24  
ARG CG  HG2  sing N N 25  
ARG CG  HG3  sing N N 26  
ARG CD  NE   sing N N 27  
ARG CD  HD2  sing N N 28  
ARG CD  HD3  sing N N 29  
ARG NE  CZ   sing N N 30  
ARG NE  HE   sing N N 31  
ARG CZ  NH1  sing N N 32  
ARG CZ  NH2  doub N N 33  
ARG NH1 HH11 sing N N 34  
ARG NH1 HH12 sing N N 35  
ARG NH2 HH21 sing N N 36  
ARG NH2 HH22 sing N N 37  
ARG OXT HXT  sing N N 38  
ASN N   CA   sing N N 39  
ASN N   H    sing N N 40  
ASN N   H2   sing N N 41  
ASN CA  C    sing N N 42  
ASN CA  CB   sing N N 43  
ASN CA  HA   sing N N 44  
ASN C   O    doub N N 45  
ASN C   OXT  sing N N 46  
ASN CB  CG   sing N N 47  
ASN CB  HB2  sing N N 48  
ASN CB  HB3  sing N N 49  
ASN CG  OD1  doub N N 50  
ASN CG  ND2  sing N N 51  
ASN ND2 HD21 sing N N 52  
ASN ND2 HD22 sing N N 53  
ASN OXT HXT  sing N N 54  
ASP N   CA   sing N N 55  
ASP N   H    sing N N 56  
ASP N   H2   sing N N 57  
ASP CA  C    sing N N 58  
ASP CA  CB   sing N N 59  
ASP CA  HA   sing N N 60  
ASP C   O    doub N N 61  
ASP C   OXT  sing N N 62  
ASP CB  CG   sing N N 63  
ASP CB  HB2  sing N N 64  
ASP CB  HB3  sing N N 65  
ASP CG  OD1  doub N N 66  
ASP CG  OD2  sing N N 67  
ASP OD2 HD2  sing N N 68  
ASP OXT HXT  sing N N 69  
CYS N   CA   sing N N 70  
CYS N   H    sing N N 71  
CYS N   H2   sing N N 72  
CYS CA  C    sing N N 73  
CYS CA  CB   sing N N 74  
CYS CA  HA   sing N N 75  
CYS C   O    doub N N 76  
CYS C   OXT  sing N N 77  
CYS CB  SG   sing N N 78  
CYS CB  HB2  sing N N 79  
CYS CB  HB3  sing N N 80  
CYS SG  HG   sing N N 81  
CYS OXT HXT  sing N N 82  
GLN N   CA   sing N N 83  
GLN N   H    sing N N 84  
GLN N   H2   sing N N 85  
GLN CA  C    sing N N 86  
GLN CA  CB   sing N N 87  
GLN CA  HA   sing N N 88  
GLN C   O    doub N N 89  
GLN C   OXT  sing N N 90  
GLN CB  CG   sing N N 91  
GLN CB  HB2  sing N N 92  
GLN CB  HB3  sing N N 93  
GLN CG  CD   sing N N 94  
GLN CG  HG2  sing N N 95  
GLN CG  HG3  sing N N 96  
GLN CD  OE1  doub N N 97  
GLN CD  NE2  sing N N 98  
GLN NE2 HE21 sing N N 99  
GLN NE2 HE22 sing N N 100 
GLN OXT HXT  sing N N 101 
GLU N   CA   sing N N 102 
GLU N   H    sing N N 103 
GLU N   H2   sing N N 104 
GLU CA  C    sing N N 105 
GLU CA  CB   sing N N 106 
GLU CA  HA   sing N N 107 
GLU C   O    doub N N 108 
GLU C   OXT  sing N N 109 
GLU CB  CG   sing N N 110 
GLU CB  HB2  sing N N 111 
GLU CB  HB3  sing N N 112 
GLU CG  CD   sing N N 113 
GLU CG  HG2  sing N N 114 
GLU CG  HG3  sing N N 115 
GLU CD  OE1  doub N N 116 
GLU CD  OE2  sing N N 117 
GLU OE2 HE2  sing N N 118 
GLU OXT HXT  sing N N 119 
GLY N   CA   sing N N 120 
GLY N   H    sing N N 121 
GLY N   H2   sing N N 122 
GLY CA  C    sing N N 123 
GLY CA  HA2  sing N N 124 
GLY CA  HA3  sing N N 125 
GLY C   O    doub N N 126 
GLY C   OXT  sing N N 127 
GLY OXT HXT  sing N N 128 
HIS N   CA   sing N N 129 
HIS N   H    sing N N 130 
HIS N   H2   sing N N 131 
HIS CA  C    sing N N 132 
HIS CA  CB   sing N N 133 
HIS CA  HA   sing N N 134 
HIS C   O    doub N N 135 
HIS C   OXT  sing N N 136 
HIS CB  CG   sing N N 137 
HIS CB  HB2  sing N N 138 
HIS CB  HB3  sing N N 139 
HIS CG  ND1  sing Y N 140 
HIS CG  CD2  doub Y N 141 
HIS ND1 CE1  doub Y N 142 
HIS ND1 HD1  sing N N 143 
HIS CD2 NE2  sing Y N 144 
HIS CD2 HD2  sing N N 145 
HIS CE1 NE2  sing Y N 146 
HIS CE1 HE1  sing N N 147 
HIS NE2 HE2  sing N N 148 
HIS OXT HXT  sing N N 149 
HOH O   H1   sing N N 150 
HOH O   H2   sing N N 151 
ILE N   CA   sing N N 152 
ILE N   H    sing N N 153 
ILE N   H2   sing N N 154 
ILE CA  C    sing N N 155 
ILE CA  CB   sing N N 156 
ILE CA  HA   sing N N 157 
ILE C   O    doub N N 158 
ILE C   OXT  sing N N 159 
ILE CB  CG1  sing N N 160 
ILE CB  CG2  sing N N 161 
ILE CB  HB   sing N N 162 
ILE CG1 CD1  sing N N 163 
ILE CG1 HG12 sing N N 164 
ILE CG1 HG13 sing N N 165 
ILE CG2 HG21 sing N N 166 
ILE CG2 HG22 sing N N 167 
ILE CG2 HG23 sing N N 168 
ILE CD1 HD11 sing N N 169 
ILE CD1 HD12 sing N N 170 
ILE CD1 HD13 sing N N 171 
ILE OXT HXT  sing N N 172 
LEU N   CA   sing N N 173 
LEU N   H    sing N N 174 
LEU N   H2   sing N N 175 
LEU CA  C    sing N N 176 
LEU CA  CB   sing N N 177 
LEU CA  HA   sing N N 178 
LEU C   O    doub N N 179 
LEU C   OXT  sing N N 180 
LEU CB  CG   sing N N 181 
LEU CB  HB2  sing N N 182 
LEU CB  HB3  sing N N 183 
LEU CG  CD1  sing N N 184 
LEU CG  CD2  sing N N 185 
LEU CG  HG   sing N N 186 
LEU CD1 HD11 sing N N 187 
LEU CD1 HD12 sing N N 188 
LEU CD1 HD13 sing N N 189 
LEU CD2 HD21 sing N N 190 
LEU CD2 HD22 sing N N 191 
LEU CD2 HD23 sing N N 192 
LEU OXT HXT  sing N N 193 
LYS N   CA   sing N N 194 
LYS N   H    sing N N 195 
LYS N   H2   sing N N 196 
LYS CA  C    sing N N 197 
LYS CA  CB   sing N N 198 
LYS CA  HA   sing N N 199 
LYS C   O    doub N N 200 
LYS C   OXT  sing N N 201 
LYS CB  CG   sing N N 202 
LYS CB  HB2  sing N N 203 
LYS CB  HB3  sing N N 204 
LYS CG  CD   sing N N 205 
LYS CG  HG2  sing N N 206 
LYS CG  HG3  sing N N 207 
LYS CD  CE   sing N N 208 
LYS CD  HD2  sing N N 209 
LYS CD  HD3  sing N N 210 
LYS CE  NZ   sing N N 211 
LYS CE  HE2  sing N N 212 
LYS CE  HE3  sing N N 213 
LYS NZ  HZ1  sing N N 214 
LYS NZ  HZ2  sing N N 215 
LYS NZ  HZ3  sing N N 216 
LYS OXT HXT  sing N N 217 
MET N   CA   sing N N 218 
MET N   H    sing N N 219 
MET N   H2   sing N N 220 
MET CA  C    sing N N 221 
MET CA  CB   sing N N 222 
MET CA  HA   sing N N 223 
MET C   O    doub N N 224 
MET C   OXT  sing N N 225 
MET CB  CG   sing N N 226 
MET CB  HB2  sing N N 227 
MET CB  HB3  sing N N 228 
MET CG  SD   sing N N 229 
MET CG  HG2  sing N N 230 
MET CG  HG3  sing N N 231 
MET SD  CE   sing N N 232 
MET CE  HE1  sing N N 233 
MET CE  HE2  sing N N 234 
MET CE  HE3  sing N N 235 
MET OXT HXT  sing N N 236 
MSE N   CA   sing N N 237 
MSE N   H    sing N N 238 
MSE N   H2   sing N N 239 
MSE CA  C    sing N N 240 
MSE CA  CB   sing N N 241 
MSE CA  HA   sing N N 242 
MSE C   O    doub N N 243 
MSE C   OXT  sing N N 244 
MSE OXT HXT  sing N N 245 
MSE CB  CG   sing N N 246 
MSE CB  HB2  sing N N 247 
MSE CB  HB3  sing N N 248 
MSE CG  SE   sing N N 249 
MSE CG  HG2  sing N N 250 
MSE CG  HG3  sing N N 251 
MSE SE  CE   sing N N 252 
MSE CE  HE1  sing N N 253 
MSE CE  HE2  sing N N 254 
MSE CE  HE3  sing N N 255 
PHE N   CA   sing N N 256 
PHE N   H    sing N N 257 
PHE N   H2   sing N N 258 
PHE CA  C    sing N N 259 
PHE CA  CB   sing N N 260 
PHE CA  HA   sing N N 261 
PHE C   O    doub N N 262 
PHE C   OXT  sing N N 263 
PHE CB  CG   sing N N 264 
PHE CB  HB2  sing N N 265 
PHE CB  HB3  sing N N 266 
PHE CG  CD1  doub Y N 267 
PHE CG  CD2  sing Y N 268 
PHE CD1 CE1  sing Y N 269 
PHE CD1 HD1  sing N N 270 
PHE CD2 CE2  doub Y N 271 
PHE CD2 HD2  sing N N 272 
PHE CE1 CZ   doub Y N 273 
PHE CE1 HE1  sing N N 274 
PHE CE2 CZ   sing Y N 275 
PHE CE2 HE2  sing N N 276 
PHE CZ  HZ   sing N N 277 
PHE OXT HXT  sing N N 278 
PRO N   CA   sing N N 279 
PRO N   CD   sing N N 280 
PRO N   H    sing N N 281 
PRO CA  C    sing N N 282 
PRO CA  CB   sing N N 283 
PRO CA  HA   sing N N 284 
PRO C   O    doub N N 285 
PRO C   OXT  sing N N 286 
PRO CB  CG   sing N N 287 
PRO CB  HB2  sing N N 288 
PRO CB  HB3  sing N N 289 
PRO CG  CD   sing N N 290 
PRO CG  HG2  sing N N 291 
PRO CG  HG3  sing N N 292 
PRO CD  HD2  sing N N 293 
PRO CD  HD3  sing N N 294 
PRO OXT HXT  sing N N 295 
SER N   CA   sing N N 296 
SER N   H    sing N N 297 
SER N   H2   sing N N 298 
SER CA  C    sing N N 299 
SER CA  CB   sing N N 300 
SER CA  HA   sing N N 301 
SER C   O    doub N N 302 
SER C   OXT  sing N N 303 
SER CB  OG   sing N N 304 
SER CB  HB2  sing N N 305 
SER CB  HB3  sing N N 306 
SER OG  HG   sing N N 307 
SER OXT HXT  sing N N 308 
THR N   CA   sing N N 309 
THR N   H    sing N N 310 
THR N   H2   sing N N 311 
THR CA  C    sing N N 312 
THR CA  CB   sing N N 313 
THR CA  HA   sing N N 314 
THR C   O    doub N N 315 
THR C   OXT  sing N N 316 
THR CB  OG1  sing N N 317 
THR CB  CG2  sing N N 318 
THR CB  HB   sing N N 319 
THR OG1 HG1  sing N N 320 
THR CG2 HG21 sing N N 321 
THR CG2 HG22 sing N N 322 
THR CG2 HG23 sing N N 323 
THR OXT HXT  sing N N 324 
TRP N   CA   sing N N 325 
TRP N   H    sing N N 326 
TRP N   H2   sing N N 327 
TRP CA  C    sing N N 328 
TRP CA  CB   sing N N 329 
TRP CA  HA   sing N N 330 
TRP C   O    doub N N 331 
TRP C   OXT  sing N N 332 
TRP CB  CG   sing N N 333 
TRP CB  HB2  sing N N 334 
TRP CB  HB3  sing N N 335 
TRP CG  CD1  doub Y N 336 
TRP CG  CD2  sing Y N 337 
TRP CD1 NE1  sing Y N 338 
TRP CD1 HD1  sing N N 339 
TRP CD2 CE2  doub Y N 340 
TRP CD2 CE3  sing Y N 341 
TRP NE1 CE2  sing Y N 342 
TRP NE1 HE1  sing N N 343 
TRP CE2 CZ2  sing Y N 344 
TRP CE3 CZ3  doub Y N 345 
TRP CE3 HE3  sing N N 346 
TRP CZ2 CH2  doub Y N 347 
TRP CZ2 HZ2  sing N N 348 
TRP CZ3 CH2  sing Y N 349 
TRP CZ3 HZ3  sing N N 350 
TRP CH2 HH2  sing N N 351 
TRP OXT HXT  sing N N 352 
TYR N   CA   sing N N 353 
TYR N   H    sing N N 354 
TYR N   H2   sing N N 355 
TYR CA  C    sing N N 356 
TYR CA  CB   sing N N 357 
TYR CA  HA   sing N N 358 
TYR C   O    doub N N 359 
TYR C   OXT  sing N N 360 
TYR CB  CG   sing N N 361 
TYR CB  HB2  sing N N 362 
TYR CB  HB3  sing N N 363 
TYR CG  CD1  doub Y N 364 
TYR CG  CD2  sing Y N 365 
TYR CD1 CE1  sing Y N 366 
TYR CD1 HD1  sing N N 367 
TYR CD2 CE2  doub Y N 368 
TYR CD2 HD2  sing N N 369 
TYR CE1 CZ   doub Y N 370 
TYR CE1 HE1  sing N N 371 
TYR CE2 CZ   sing Y N 372 
TYR CE2 HE2  sing N N 373 
TYR CZ  OH   sing N N 374 
TYR OH  HH   sing N N 375 
TYR OXT HXT  sing N N 376 
VAL N   CA   sing N N 377 
VAL N   H    sing N N 378 
VAL N   H2   sing N N 379 
VAL CA  C    sing N N 380 
VAL CA  CB   sing N N 381 
VAL CA  HA   sing N N 382 
VAL C   O    doub N N 383 
VAL C   OXT  sing N N 384 
VAL CB  CG1  sing N N 385 
VAL CB  CG2  sing N N 386 
VAL CB  HB   sing N N 387 
VAL CG1 HG11 sing N N 388 
VAL CG1 HG12 sing N N 389 
VAL CG1 HG13 sing N N 390 
VAL CG2 HG21 sing N N 391 
VAL CG2 HG22 sing N N 392 
VAL CG2 HG23 sing N N 393 
VAL OXT HXT  sing N N 394 
# 
_pdbx_audit_support.funding_organization   'National Institutes of Health/National Cancer Institute (NIH/NCI)' 
_pdbx_audit_support.country                'United States' 
_pdbx_audit_support.grant_number           ? 
_pdbx_audit_support.ordinal                1 
# 
_pdbx_initial_refinement_model.id               1 
_pdbx_initial_refinement_model.entity_id_list   ? 
_pdbx_initial_refinement_model.type             'experimental model' 
_pdbx_initial_refinement_model.source_name      Other 
_pdbx_initial_refinement_model.accession_code   ? 
_pdbx_initial_refinement_model.details          ? 
# 
_atom_sites.entry_id                    8DTU 
_atom_sites.Cartn_transf_matrix[1][1]   ? 
_atom_sites.Cartn_transf_matrix[1][2]   ? 
_atom_sites.Cartn_transf_matrix[1][3]   ? 
_atom_sites.Cartn_transf_matrix[2][1]   ? 
_atom_sites.Cartn_transf_matrix[2][2]   ? 
_atom_sites.Cartn_transf_matrix[2][3]   ? 
_atom_sites.Cartn_transf_matrix[3][1]   ? 
_atom_sites.Cartn_transf_matrix[3][2]   ? 
_atom_sites.Cartn_transf_matrix[3][3]   ? 
_atom_sites.Cartn_transf_vector[1]      ? 
_atom_sites.Cartn_transf_vector[2]      ? 
_atom_sites.Cartn_transf_vector[3]      ? 
_atom_sites.fract_transf_matrix[1][1]   -0.00528126 
_atom_sites.fract_transf_matrix[1][2]   -0.01499268 
_atom_sites.fract_transf_matrix[1][3]   0.00705019 
_atom_sites.fract_transf_matrix[2][1]   0.01438138 
_atom_sites.fract_transf_matrix[2][2]   -0.00047468 
_atom_sites.fract_transf_matrix[2][3]   0.00976360 
_atom_sites.fract_transf_matrix[3][1]   -0.00300663 
_atom_sites.fract_transf_matrix[3][2]   0.00321514 
_atom_sites.fract_transf_matrix[3][3]   0.00458495 
_atom_sites.fract_transf_vector[1]      0.846925 
_atom_sites.fract_transf_vector[2]      0.616864 
_atom_sites.fract_transf_vector[3]      0.418867 
_atom_sites.solution_primary            ? 
_atom_sites.solution_secondary          ? 
_atom_sites.solution_hydrogens          ? 
_atom_sites.special_details             ? 
# 
loop_
_atom_type.symbol 
C  
N  
O  
S  
SE 
ZN 
# 
loop_
_atom_site.group_PDB 
_atom_site.id 
_atom_site.type_symbol 
_atom_site.label_atom_id 
_atom_site.label_alt_id 
_atom_site.label_comp_id 
_atom_site.label_asym_id 
_atom_site.label_entity_id 
_atom_site.label_seq_id 
_atom_site.pdbx_PDB_ins_code 
_atom_site.Cartn_x 
_atom_site.Cartn_y 
_atom_site.Cartn_z 
_atom_site.occupancy 
_atom_site.B_iso_or_equiv 
_atom_site.pdbx_formal_charge 
_atom_site.auth_seq_id 
_atom_site.auth_comp_id 
_atom_site.auth_asym_id 
_atom_site.auth_atom_id 
_atom_site.pdbx_PDB_model_num 
ATOM   1    N  N   . GLN A 1 1   ? -2.041  11.967  -1.565  1.00 95.57  ? 1    GLN B N   1 
ATOM   2    C  CA  . GLN A 1 1   ? -1.242  11.501  -0.427  1.00 82.41  ? 1    GLN B CA  1 
ATOM   3    C  C   . GLN A 1 1   ? -0.086  12.469  -0.293  1.00 101.03 ? 1    GLN B C   1 
ATOM   4    O  O   . GLN A 1 1   ? 0.233   13.136  -1.283  1.00 135.45 ? 1    GLN B O   1 
ATOM   5    C  CB  . GLN A 1 1   ? -0.690  10.118  -0.723  1.00 107.14 ? 1    GLN B CB  1 
ATOM   6    C  CG  . GLN A 1 1   ? 0.776   10.124  -1.131  1.00 112.34 ? 1    GLN B CG  1 
ATOM   7    C  CD  . GLN A 1 1   ? 0.991   10.200  -2.625  1.00 112.57 ? 1    GLN B CD  1 
ATOM   8    O  OE1 . GLN A 1 1   ? 1.567   9.303   -3.233  1.00 113.10 ? 1    GLN B OE1 1 
ATOM   9    N  NE2 . GLN A 1 1   ? 0.534   11.283  -3.230  1.00 105.79 ? 1    GLN B NE2 1 
ATOM   10   N  N   . VAL A 1 2   ? 0.493   12.553  0.896   1.00 91.22  ? 2    VAL B N   1 
ATOM   11   C  CA  . VAL A 1 2   ? 1.609   13.469  1.107   1.00 88.72  ? 2    VAL B CA  1 
ATOM   12   C  C   . VAL A 1 2   ? 2.674   12.842  1.997   1.00 82.49  ? 2    VAL B C   1 
ATOM   13   O  O   . VAL A 1 2   ? 3.780   12.550  1.536   1.00 83.72  ? 2    VAL B O   1 
ATOM   14   C  CB  . VAL A 1 2   ? 1.137   14.812  1.697   1.00 95.59  ? 2    VAL B CB  1 
ATOM   15   C  CG1 . VAL A 1 2   ? 2.177   15.903  1.436   1.00 89.42  ? 2    VAL B CG1 1 
ATOM   16   C  CG2 . VAL A 1 2   ? -0.190  15.209  1.134   1.00 99.81  ? 2    VAL B CG2 1 
ATOM   17   N  N   . GLN A 1 3   ? 2.387   12.662  3.284   1.00 76.30  ? 3    GLN B N   1 
ATOM   18   C  CA  . GLN A 1 3   ? 3.432   12.219  4.200   1.00 71.17  ? 3    GLN B CA  1 
ATOM   19   C  C   . GLN A 1 3   ? 3.051   10.897  4.828   1.00 64.82  ? 3    GLN B C   1 
ATOM   20   O  O   . GLN A 1 3   ? 1.865   10.610  5.038   1.00 57.13  ? 3    GLN B O   1 
ATOM   21   C  CB  . GLN A 1 3   ? 3.735   13.255  5.287   1.00 82.12  ? 3    GLN B CB  1 
ATOM   22   C  CG  . GLN A 1 3   ? 4.060   14.643  4.746   1.00 89.86  ? 3    GLN B CG  1 
ATOM   23   C  CD  . GLN A 1 3   ? 2.850   15.563  4.716   1.00 113.41 ? 3    GLN B CD  1 
ATOM   24   O  OE1 . GLN A 1 3   ? 1.706   15.110  4.795   1.00 124.33 ? 3    GLN B OE1 1 
ATOM   25   N  NE2 . GLN A 1 3   ? 3.101   16.862  4.585   1.00 112.60 ? 3    GLN B NE2 1 
ATOM   26   N  N   . LEU A 1 4   ? 4.073   10.099  5.111   1.00 62.03  ? 4    LEU B N   1 
ATOM   27   C  CA  . LEU A 1 4   ? 3.935   8.779   5.696   1.00 59.85  ? 4    LEU B CA  1 
ATOM   28   C  C   . LEU A 1 4   ? 4.854   8.746   6.888   1.00 52.39  ? 4    LEU B C   1 
ATOM   29   O  O   . LEU A 1 4   ? 5.999   9.192   6.796   1.00 52.16  ? 4    LEU B O   1 
ATOM   30   C  CB  . LEU A 1 4   ? 4.321   7.660   4.730   1.00 56.30  ? 4    LEU B CB  1 
ATOM   31   C  CG  . LEU A 1 4   ? 3.701   7.889   3.377   1.00 67.71  ? 4    LEU B CG  1 
ATOM   32   C  CD1 . LEU A 1 4   ? 4.574   8.835   2.566   1.00 75.70  ? 4    LEU B CD1 1 
ATOM   33   C  CD2 . LEU A 1 4   ? 3.508   6.598   2.715   1.00 72.34  ? 4    LEU B CD2 1 
ATOM   34   N  N   . VAL A 1 5   ? 4.367   8.217   7.992   1.00 49.63  ? 5    VAL B N   1 
ATOM   35   C  CA  . VAL A 1 5   ? 5.095   8.316   9.242   1.00 57.84  ? 5    VAL B CA  1 
ATOM   36   C  C   . VAL A 1 5   ? 5.147   6.949   9.903   1.00 53.65  ? 5    VAL B C   1 
ATOM   37   O  O   . VAL A 1 5   ? 4.232   6.131   9.734   1.00 45.11  ? 5    VAL B O   1 
ATOM   38   C  CB  . VAL A 1 5   ? 4.460   9.358   10.190  1.00 63.70  ? 5    VAL B CB  1 
ATOM   39   C  CG1 . VAL A 1 5   ? 5.474   9.763   11.251  1.00 80.29  ? 5    VAL B CG1 1 
ATOM   40   C  CG2 . VAL A 1 5   ? 3.898   10.555  9.419   1.00 65.40  ? 5    VAL B CG2 1 
ATOM   41   N  N   . LYS A 1 6   ? 6.254   6.711   10.614  1.00 58.12  ? 6    LYS B N   1 
ATOM   42   C  CA  . LYS A 1 6   ? 6.452   5.677   11.634  1.00 63.23  ? 6    LYS B CA  1 
ATOM   43   C  C   . LYS A 1 6   ? 7.111   4.425   11.040  1.00 68.75  ? 6    LYS B C   1 
ATOM   44   O  O   . LYS A 1 6   ? 8.324   4.393   10.781  1.00 75.79  ? 6    LYS B O   1 
ATOM   45   C  CB  . LYS A 1 6   ? 5.125   5.328   12.323  1.00 64.72  ? 6    LYS B CB  1 
ATOM   46   C  CG  . LYS A 1 6   ? 4.557   6.392   13.238  1.00 63.61  ? 6    LYS B CG  1 
ATOM   47   C  CD  . LYS A 1 6   ? 3.190   5.956   13.748  1.00 58.48  ? 6    LYS B CD  1 
ATOM   48   C  CE  . LYS A 1 6   ? 3.363   4.824   14.745  1.00 59.49  ? 6    LYS B CE  1 
ATOM   49   N  NZ  . LYS A 1 6   ? 2.829   5.222   16.068  1.00 65.96  ? 6    LYS B NZ  1 
ATOM   50   N  N   . SER B 2 1   ? 10.432  6.487   19.651  1.00 69.23  ? 7    SER A N   1 
ATOM   51   C  CA  . SER B 2 1   ? 10.296  6.653   18.206  1.00 81.91  ? 7    SER A CA  1 
ATOM   52   C  C   . SER B 2 1   ? 11.563  7.264   17.627  1.00 84.87  ? 7    SER A C   1 
ATOM   53   O  O   . SER B 2 1   ? 11.905  8.403   17.933  1.00 88.75  ? 7    SER A O   1 
ATOM   54   C  CB  . SER B 2 1   ? 9.088   7.529   17.881  1.00 71.25  ? 7    SER A CB  1 
ATOM   55   O  OG  . SER B 2 1   ? 8.785   7.551   16.496  1.00 64.10  ? 7    SER A OG  1 
ATOM   56   N  N   . GLY B 2 2   ? 12.256  6.496   16.791  1.00 84.33  ? 8    GLY A N   1 
ATOM   57   C  CA  . GLY B 2 2   ? 13.503  6.948   16.207  1.00 90.18  ? 8    GLY A CA  1 
ATOM   58   C  C   . GLY B 2 2   ? 13.538  6.849   14.696  1.00 93.73  ? 8    GLY A C   1 
ATOM   59   O  O   . GLY B 2 2   ? 13.443  7.869   14.006  1.00 99.24  ? 8    GLY A O   1 
ATOM   60   N  N   . GLY B 2 3   ? 13.676  5.631   14.170  1.00 84.13  ? 9    GLY A N   1 
ATOM   61   C  CA  . GLY B 2 3   ? 13.677  5.412   12.732  1.00 67.71  ? 9    GLY A CA  1 
ATOM   62   C  C   . GLY B 2 3   ? 13.084  4.076   12.314  1.00 69.69  ? 9    GLY A C   1 
ATOM   63   O  O   . GLY B 2 3   ? 12.562  3.334   13.148  1.00 69.60  ? 9    GLY A O   1 
ATOM   64   N  N   . GLY B 2 4   ? 13.167  3.752   11.023  1.00 68.13  ? 10   GLY A N   1 
ATOM   65   C  CA  . GLY B 2 4   ? 12.664  2.503   10.487  1.00 60.54  ? 10   GLY A CA  1 
ATOM   66   C  C   . GLY B 2 4   ? 13.533  1.276   10.693  1.00 59.08  ? 10   GLY A C   1 
ATOM   67   O  O   . GLY B 2 4   ? 13.135  0.179   10.289  1.00 55.40  ? 10   GLY A O   1 
ATOM   68   N  N   . LEU B 2 5   ? 14.697  1.410   11.329  1.00 58.60  ? 11   LEU A N   1 
ATOM   69   C  CA  . LEU B 2 5   ? 15.591  0.276   11.560  1.00 64.16  ? 11   LEU A CA  1 
ATOM   70   C  C   . LEU B 2 5   ? 15.059  -0.582  12.703  1.00 63.40  ? 11   LEU A C   1 
ATOM   71   O  O   . LEU B 2 5   ? 14.996  -0.131  13.852  1.00 58.89  ? 11   LEU A O   1 
ATOM   72   C  CB  . LEU B 2 5   ? 17.001  0.772   11.866  1.00 62.58  ? 11   LEU A CB  1 
ATOM   73   C  CG  . LEU B 2 5   ? 17.704  1.558   10.757  1.00 62.00  ? 11   LEU A CG  1 
ATOM   74   C  CD1 . LEU B 2 5   ? 18.458  2.728   11.369  1.00 56.66  ? 11   LEU A CD1 1 
ATOM   75   C  CD2 . LEU B 2 5   ? 18.634  0.661   9.895   1.00 59.17  ? 11   LEU A CD2 1 
ATOM   76   N  N   . VAL B 2 6   ? 14.694  -1.825  12.393  1.00 62.55  ? 12   VAL A N   1 
ATOM   77   C  CA  . VAL B 2 6   ? 14.158  -2.789  13.348  1.00 63.29  ? 12   VAL A CA  1 
ATOM   78   C  C   . VAL B 2 6   ? 14.722  -4.161  13.016  1.00 68.87  ? 12   VAL A C   1 
ATOM   79   O  O   . VAL B 2 6   ? 15.422  -4.346  12.012  1.00 68.40  ? 12   VAL A O   1 
ATOM   80   C  CB  . VAL B 2 6   ? 12.620  -2.822  13.321  1.00 60.90  ? 12   VAL A CB  1 
ATOM   81   C  CG1 . VAL B 2 6   ? 12.048  -1.507  13.793  1.00 61.66  ? 12   VAL A CG1 1 
ATOM   82   C  CG2 . VAL B 2 6   ? 12.161  -3.125  11.910  1.00 64.22  ? 12   VAL A CG2 1 
ATOM   83   N  N   . GLN B 2 7   ? 14.405  -5.156  13.849  1.00 68.80  ? 13   GLN A N   1 
ATOM   84   C  CA  . GLN B 2 7   ? 14.813  -6.525  13.569  1.00 76.18  ? 13   GLN A CA  1 
ATOM   85   C  C   . GLN B 2 7   ? 13.611  -7.429  13.316  1.00 70.39  ? 13   GLN A C   1 
ATOM   86   O  O   . GLN B 2 7   ? 12.490  -7.138  13.732  1.00 68.10  ? 13   GLN A O   1 
ATOM   87   C  CB  . GLN B 2 7   ? 15.673  -7.126  14.693  1.00 81.13  ? 13   GLN A CB  1 
ATOM   88   C  CG  . GLN B 2 7   ? 16.778  -6.240  15.224  1.00 79.56  ? 13   GLN A CG  1 
ATOM   89   C  CD  . GLN B 2 7   ? 17.706  -6.999  16.164  1.00 97.03  ? 13   GLN A CD  1 
ATOM   90   O  OE1 . GLN B 2 7   ? 18.557  -6.406  16.826  1.00 110.43 ? 13   GLN A OE1 1 
ATOM   91   N  NE2 . GLN B 2 7   ? 17.564  -8.324  16.201  1.00 90.20  ? 13   GLN A NE2 1 
ATOM   92   N  N   . ALA B 2 8   ? 13.882  -8.547  12.632  1.00 67.80  ? 14   ALA A N   1 
ATOM   93   C  CA  . ALA B 2 8   ? 12.847  -9.508  12.265  1.00 65.40  ? 14   ALA A CA  1 
ATOM   94   C  C   . ALA B 2 8   ? 11.985  -9.885  13.463  1.00 65.75  ? 14   ALA A C   1 
ATOM   95   O  O   . ALA B 2 8   ? 12.430  -9.860  14.613  1.00 70.83  ? 14   ALA A O   1 
ATOM   96   C  CB  . ALA B 2 8   ? 13.482  -10.761 11.663  1.00 65.87  ? 14   ALA A CB  1 
ATOM   97   N  N   . GLY B 2 9   ? 10.729  -10.218 13.191  1.00 64.41  ? 15   GLY A N   1 
ATOM   98   C  CA  . GLY B 2 9   ? 9.788   -10.496 14.258  1.00 63.29  ? 15   GLY A CA  1 
ATOM   99   C  C   . GLY B 2 9   ? 9.166   -9.246  14.849  1.00 69.10  ? 15   GLY A C   1 
ATOM   100  O  O   . GLY B 2 9   ? 8.026   -9.287  15.333  1.00 70.47  ? 15   GLY A O   1 
ATOM   101  N  N   . ASP B 2 10  ? 9.896   -8.128  14.830  1.00 68.20  ? 16   ASP A N   1 
ATOM   102  C  CA  . ASP B 2 10  ? 9.304   -6.887  15.313  1.00 68.38  ? 16   ASP A CA  1 
ATOM   103  C  C   . ASP B 2 10  ? 8.119   -6.492  14.446  1.00 63.93  ? 16   ASP A C   1 
ATOM   104  O  O   . ASP B 2 10  ? 7.939   -6.957  13.315  1.00 62.08  ? 16   ASP A O   1 
ATOM   105  C  CB  . ASP B 2 10  ? 10.315  -5.734  15.337  1.00 69.49  ? 16   ASP A CB  1 
ATOM   106  C  CG  . ASP B 2 10  ? 11.423  -5.939  16.348  1.00 74.59  ? 16   ASP A CG  1 
ATOM   107  O  OD1 . ASP B 2 10  ? 11.125  -6.451  17.450  1.00 80.18  ? 16   ASP A OD1 1 
ATOM   108  O  OD2 . ASP B 2 10  ? 12.584  -5.572  16.047  1.00 70.63  ? 16   ASP A OD2 1 
ATOM   109  N  N   . SER B 2 11  ? 7.299   -5.615  14.994  1.00 66.31  ? 17   SER A N   1 
ATOM   110  C  CA  . SER B 2 11  ? 6.180   -5.090  14.248  1.00 64.80  ? 17   SER A CA  1 
ATOM   111  C  C   . SER B 2 11  ? 6.306   -3.572  14.179  1.00 59.20  ? 17   SER A C   1 
ATOM   112  O  O   . SER B 2 11  ? 6.980   -2.960  15.004  1.00 59.80  ? 17   SER A O   1 
ATOM   113  C  CB  . SER B 2 11  ? 4.869   -5.545  14.879  1.00 54.58  ? 17   SER A CB  1 
ATOM   114  O  OG  . SER B 2 11  ? 4.340   -4.525  15.654  1.00 66.04  ? 17   SER A OG  1 
ATOM   115  N  N   . LEU B 2 12  ? 5.728   -2.978  13.137  1.00 56.17  ? 18   LEU A N   1 
ATOM   116  C  CA  . LEU B 2 12  ? 5.667   -1.531  12.973  1.00 51.73  ? 18   LEU A CA  1 
ATOM   117  C  C   . LEU B 2 12  ? 4.298   -1.161  12.442  1.00 53.74  ? 18   LEU A C   1 
ATOM   118  O  O   . LEU B 2 12  ? 3.565   -1.999  11.914  1.00 51.44  ? 18   LEU A O   1 
ATOM   119  C  CB  . LEU B 2 12  ? 6.710   -0.987  11.990  1.00 54.31  ? 18   LEU A CB  1 
ATOM   120  C  CG  . LEU B 2 12  ? 8.189   -0.900  12.339  1.00 60.52  ? 18   LEU A CG  1 
ATOM   121  C  CD1 . LEU B 2 12  ? 8.986   -0.626  11.076  1.00 55.88  ? 18   LEU A CD1 1 
ATOM   122  C  CD2 . LEU B 2 12  ? 8.434   0.169   13.393  1.00 51.51  ? 18   LEU A CD2 1 
ATOM   123  N  N   . ARG B 2 13  ? 3.963   0.118   12.554  1.00 50.65  ? 19   ARG A N   1 
ATOM   124  C  CA  . ARG B 2 13  ? 2.728   0.588   11.959  1.00 50.78  ? 19   ARG A CA  1 
ATOM   125  C  C   . ARG B 2 13  ? 2.984   1.884   11.214  1.00 48.81  ? 19   ARG A C   1 
ATOM   126  O  O   . ARG B 2 13  ? 3.586   2.814   11.752  1.00 45.88  ? 19   ARG A O   1 
ATOM   127  C  CB  . ARG B 2 13  ? 1.636   0.751   13.007  1.00 53.48  ? 19   ARG A CB  1 
ATOM   128  C  CG  . ARG B 2 13  ? 0.452   1.553   12.567  1.00 59.37  ? 19   ARG A CG  1 
ATOM   129  C  CD  . ARG B 2 13  ? -0.715  1.251   13.467  1.00 60.76  ? 19   ARG A CD  1 
ATOM   130  N  NE  . ARG B 2 13  ? -1.718  0.525   12.709  1.00 71.18  ? 19   ARG A NE  1 
ATOM   131  C  CZ  . ARG B 2 13  ? -2.977  0.918   12.584  1.00 73.56  ? 19   ARG A CZ  1 
ATOM   132  N  NH1 . ARG B 2 13  ? -3.393  2.033   13.190  1.00 67.24  ? 19   ARG A NH1 1 
ATOM   133  N  NH2 . ARG B 2 13  ? -3.814  0.194   11.854  1.00 76.82  ? 19   ARG A NH2 1 
ATOM   134  N  N   . LEU B 2 14  ? 2.539   1.920   9.969   1.00 45.84  ? 20   LEU A N   1 
ATOM   135  C  CA  . LEU B 2 14  ? 2.712   3.055   9.087   1.00 49.68  ? 20   LEU A CA  1 
ATOM   136  C  C   . LEU B 2 14  ? 1.381   3.754   8.882   1.00 43.37  ? 20   LEU A C   1 
ATOM   137  O  O   . LEU B 2 14  ? 0.325   3.119   8.830   1.00 43.40  ? 20   LEU A O   1 
ATOM   138  C  CB  . LEU B 2 14  ? 3.266   2.611   7.723   1.00 51.72  ? 20   LEU A CB  1 
ATOM   139  C  CG  . LEU B 2 14  ? 4.749   2.326   7.549   1.00 50.10  ? 20   LEU A CG  1 
ATOM   140  C  CD1 . LEU B 2 14  ? 4.972   1.847   6.124   1.00 49.83  ? 20   LEU A CD1 1 
ATOM   141  C  CD2 . LEU B 2 14  ? 5.563   3.587   7.834   1.00 49.87  ? 20   LEU A CD2 1 
ATOM   142  N  N   . SER B 2 15  ? 1.440   5.069   8.750   1.00 44.97  ? 21   SER A N   1 
ATOM   143  C  CA  . SER B 2 15  ? 0.249   5.848   8.471   1.00 55.23  ? 21   SER A CA  1 
ATOM   144  C  C   . SER B 2 15  ? 0.561   6.754   7.296   1.00 46.42  ? 21   SER A C   1 
ATOM   145  O  O   . SER B 2 15  ? 1.702   7.180   7.116   1.00 42.21  ? 21   SER A O   1 
ATOM   146  C  CB  . SER B 2 15  ? -0.200  6.696   9.685   1.00 36.89  ? 21   SER A CB  1 
ATOM   147  O  OG  . SER B 2 15  ? 0.377   7.994   9.622   1.00 42.39  ? 21   SER A OG  1 
ATOM   148  N  N   . CYS B 2 16  ? -0.463  7.073   6.516   1.00 47.70  ? 22   CYS A N   1 
ATOM   149  C  CA  . CYS B 2 16  ? -0.339  8.018   5.416   1.00 55.36  ? 22   CYS A CA  1 
ATOM   150  C  C   . CYS B 2 16  ? -1.544  8.933   5.454   1.00 52.03  ? 22   CYS A C   1 
ATOM   151  O  O   . CYS B 2 16  ? -2.686  8.460   5.402   1.00 52.55  ? 22   CYS A O   1 
ATOM   152  C  CB  . CYS B 2 16  ? -0.233  7.284   4.073   1.00 61.70  ? 22   CYS A CB  1 
ATOM   153  S  SG  . CYS B 2 16  ? -0.463  8.286   2.585   1.00 74.27  ? 22   CYS A SG  1 
ATOM   154  N  N   . ALA B 2 17  ? -1.300  10.232  5.558   1.00 52.76  ? 23   ALA A N   1 
ATOM   155  C  CA  . ALA B 2 17  ? -2.351  11.209  5.792   1.00 60.47  ? 23   ALA A CA  1 
ATOM   156  C  C   . ALA B 2 17  ? -2.141  12.415  4.894   1.00 60.78  ? 23   ALA A C   1 
ATOM   157  O  O   . ALA B 2 17  ? -1.007  12.780  4.565   1.00 63.69  ? 23   ALA A O   1 
ATOM   158  C  CB  . ALA B 2 17  ? -2.392  11.667  7.265   1.00 54.48  ? 23   ALA A CB  1 
ATOM   159  N  N   . ALA B 2 18  ? -3.250  13.032  4.502   1.00 58.83  ? 24   ALA A N   1 
ATOM   160  C  CA  . ALA B 2 18  ? -3.207  14.212  3.656   1.00 66.25  ? 24   ALA A CA  1 
ATOM   161  C  C   . ALA B 2 18  ? -4.303  15.174  4.086   1.00 67.00  ? 24   ALA A C   1 
ATOM   162  O  O   . ALA B 2 18  ? -5.299  14.780  4.696   1.00 64.55  ? 24   ALA A O   1 
ATOM   163  C  CB  . ALA B 2 18  ? -3.357  13.851  2.171   1.00 63.61  ? 24   ALA A CB  1 
ATOM   164  N  N   . SER B 2 19  ? -4.101  16.448  3.758   1.00 66.12  ? 25   SER A N   1 
ATOM   165  C  CA  . SER B 2 19  ? -5.073  17.478  4.086   1.00 67.16  ? 25   SER A CA  1 
ATOM   166  C  C   . SER B 2 19  ? -6.350  17.269  3.285   1.00 60.53  ? 25   SER A C   1 
ATOM   167  O  O   . SER B 2 19  ? -6.358  16.599  2.254   1.00 65.06  ? 25   SER A O   1 
ATOM   168  C  CB  . SER B 2 19  ? -4.494  18.866  3.804   1.00 67.20  ? 25   SER A CB  1 
ATOM   169  O  OG  . SER B 2 19  ? -3.237  19.045  4.439   1.00 61.94  ? 25   SER A OG  1 
ATOM   170  N  N   . GLY B 2 20  ? -7.436  17.852  3.768   1.00 58.62  ? 26   GLY A N   1 
ATOM   171  C  CA  . GLY B 2 20  ? -8.716  17.697  3.108   1.00 57.56  ? 26   GLY A CA  1 
ATOM   172  C  C   . GLY B 2 20  ? -9.281  16.297  3.285   1.00 59.27  ? 26   GLY A C   1 
ATOM   173  O  O   . GLY B 2 20  ? -8.999  15.590  4.264   1.00 53.94  ? 26   GLY A O   1 
ATOM   174  N  N   . SER B 2 21  ? -10.094 15.896  2.302   1.00 59.70  ? 27   SER A N   1 
ATOM   175  C  CA  . SER B 2 21  ? -10.662 14.552  2.238   1.00 61.46  ? 27   SER A CA  1 
ATOM   176  C  C   . SER B 2 21  ? -10.330 13.819  0.927   1.00 57.64  ? 27   SER A C   1 
ATOM   177  O  O   . SER B 2 21  ? -11.164 13.073  0.400   1.00 53.36  ? 27   SER A O   1 
ATOM   178  C  CB  . SER B 2 21  ? -12.172 14.622  2.452   1.00 57.53  ? 27   SER A CB  1 
ATOM   179  O  OG  . SER B 2 21  ? -12.477 14.487  3.834   1.00 65.12  ? 27   SER A OG  1 
ATOM   180  N  N   . THR B 2 22  ? -9.097  13.976  0.423   1.00 55.01  ? 28   THR A N   1 
ATOM   181  C  CA  . THR B 2 22  ? -8.762  13.502  -0.927  1.00 61.26  ? 28   THR A CA  1 
ATOM   182  C  C   . THR B 2 22  ? -8.908  11.985  -1.102  1.00 57.40  ? 28   THR A C   1 
ATOM   183  O  O   . THR B 2 22  ? -9.280  11.534  -2.191  1.00 56.71  ? 28   THR A O   1 
ATOM   184  C  CB  . THR B 2 22  ? -7.338  13.907  -1.309  1.00 55.93  ? 28   THR A CB  1 
ATOM   185  O  OG1 . THR B 2 22  ? -6.409  13.308  -0.397  1.00 56.72  ? 28   THR A OG1 1 
ATOM   186  C  CG2 . THR B 2 22  ? -7.172  15.412  -1.302  1.00 49.35  ? 28   THR A CG2 1 
ATOM   187  N  N   . PHE B 2 23  ? -8.615  11.178  -0.075  1.00 54.60  ? 29   PHE A N   1 
ATOM   188  C  CA  . PHE B 2 23  ? -8.661  9.727   -0.269  1.00 54.64  ? 29   PHE A CA  1 
ATOM   189  C  C   . PHE B 2 23  ? -10.077 9.179   -0.352  1.00 60.27  ? 29   PHE A C   1 
ATOM   190  O  O   . PHE B 2 23  ? -10.237 7.965   -0.501  1.00 60.67  ? 29   PHE A O   1 
ATOM   191  C  CB  . PHE B 2 23  ? -7.955  8.955   0.852   1.00 50.92  ? 29   PHE A CB  1 
ATOM   192  C  CG  . PHE B 2 23  ? -6.562  9.411   1.148   1.00 51.06  ? 29   PHE A CG  1 
ATOM   193  C  CD1 . PHE B 2 23  ? -5.864  10.212  0.273   1.00 48.92  ? 29   PHE A CD1 1 
ATOM   194  C  CD2 . PHE B 2 23  ? -5.943  9.015   2.320   1.00 56.10  ? 29   PHE A CD2 1 
ATOM   195  C  CE1 . PHE B 2 23  ? -4.584  10.629  0.568   1.00 58.19  ? 29   PHE A CE1 1 
ATOM   196  C  CE2 . PHE B 2 23  ? -4.659  9.425   2.619   1.00 58.53  ? 29   PHE A CE2 1 
ATOM   197  C  CZ  . PHE B 2 23  ? -3.976  10.234  1.740   1.00 59.71  ? 29   PHE A CZ  1 
ATOM   198  N  N   . SER B 2 24  ? -11.104 10.013  -0.212  1.00 61.38  ? 30   SER A N   1 
ATOM   199  C  CA  . SER B 2 24  ? -12.473 9.514   -0.175  1.00 60.80  ? 30   SER A CA  1 
ATOM   200  C  C   . SER B 2 24  ? -12.993 9.248   -1.577  1.00 52.15  ? 30   SER A C   1 
ATOM   201  O  O   . SER B 2 24  ? -12.838 10.069  -2.480  1.00 51.63  ? 30   SER A O   1 
ATOM   202  C  CB  . SER B 2 24  ? -13.390 10.505  0.545   1.00 59.61  ? 30   SER A CB  1 
ATOM   203  O  OG  . SER B 2 24  ? -13.029 10.609  1.897   1.00 57.39  ? 30   SER A OG  1 
ATOM   204  N  N   . GLY B 2 25  ? -13.639 8.107   -1.747  1.00 55.57  ? 31   GLY A N   1 
ATOM   205  C  CA  . GLY B 2 25  ? -14.067 7.703   -3.064  1.00 58.45  ? 31   GLY A CA  1 
ATOM   206  C  C   . GLY B 2 25  ? -12.994 7.029   -3.893  1.00 65.81  ? 31   GLY A C   1 
ATOM   207  O  O   . GLY B 2 25  ? -13.285 6.586   -5.012  1.00 63.05  ? 31   GLY A O   1 
ATOM   208  N  N   . TYR B 2 26  ? -11.766 6.939   -3.385  1.00 59.71  ? 32   TYR A N   1 
ATOM   209  C  CA  . TYR B 2 26  ? -10.693 6.212   -4.043  1.00 61.98  ? 32   TYR A CA  1 
ATOM   210  C  C   . TYR B 2 26  ? -10.247 5.039   -3.188  1.00 57.98  ? 32   TYR A C   1 
ATOM   211  O  O   . TYR B 2 26  ? -10.154 5.140   -1.958  1.00 58.25  ? 32   TYR A O   1 
ATOM   212  C  CB  . TYR B 2 26  ? -9.497  7.121   -4.337  1.00 59.62  ? 32   TYR A CB  1 
ATOM   213  C  CG  . TYR B 2 26  ? -9.882  8.283   -5.209  1.00 64.59  ? 32   TYR A CG  1 
ATOM   214  C  CD1 . TYR B 2 26  ? -9.927  8.157   -6.586  1.00 57.09  ? 32   TYR A CD1 1 
ATOM   215  C  CD2 . TYR B 2 26  ? -10.250 9.494   -4.649  1.00 61.68  ? 32   TYR A CD2 1 
ATOM   216  C  CE1 . TYR B 2 26  ? -10.298 9.227   -7.382  1.00 63.39  ? 32   TYR A CE1 1 
ATOM   217  C  CE2 . TYR B 2 26  ? -10.615 10.563  -5.435  1.00 62.70  ? 32   TYR A CE2 1 
ATOM   218  C  CZ  . TYR B 2 26  ? -10.648 10.426  -6.797  1.00 60.98  ? 32   TYR A CZ  1 
ATOM   219  O  OH  . TYR B 2 26  ? -11.019 11.501  -7.565  1.00 59.56  ? 32   TYR A OH  1 
ATOM   220  N  N   . ALA B 2 27  ? -9.997  3.922   -3.855  1.00 59.90  ? 33   ALA A N   1 
ATOM   221  C  CA  . ALA B 2 27  ? -9.241  2.842   -3.253  1.00 53.47  ? 33   ALA A CA  1 
ATOM   222  C  C   . ALA B 2 27  ? -7.791  3.277   -3.071  1.00 48.32  ? 33   ALA A C   1 
ATOM   223  O  O   . ALA B 2 27  ? -7.231  4.008   -3.894  1.00 49.22  ? 33   ALA A O   1 
ATOM   224  C  CB  . ALA B 2 27  ? -9.327  1.591   -4.123  1.00 55.92  ? 33   ALA A CB  1 
HETATM 225  N  N   . MSE B 2 28  ? -7.192  2.830   -1.976  1.00 48.24  ? 34   MSE A N   1 
HETATM 226  C  CA  . MSE B 2 28  ? -5.853  3.255   -1.610  1.00 45.97  ? 34   MSE A CA  1 
HETATM 227  C  C   . MSE B 2 28  ? -4.922  2.059   -1.527  1.00 48.08  ? 34   MSE A C   1 
HETATM 228  O  O   . MSE B 2 28  ? -5.350  0.946   -1.236  1.00 47.55  ? 34   MSE A O   1 
HETATM 229  C  CB  . MSE B 2 28  ? -5.873  4.018   -0.267  1.00 51.40  ? 34   MSE A CB  1 
HETATM 230  C  CG  . MSE B 2 28  ? -6.716  5.285   -0.275  1.00 47.71  ? 34   MSE A CG  1 
HETATM 231  SE SE  . MSE B 2 28  ? -6.145  6.706   -1.472  1.00 94.17  ? 34   MSE A SE  1 
HETATM 232  C  CE  . MSE B 2 28  ? -4.396  7.009   -0.724  1.00 51.80  ? 34   MSE A CE  1 
ATOM   233  N  N   . GLY B 2 29  ? -3.640  2.297   -1.778  1.00 42.56  ? 35   GLY A N   1 
ATOM   234  C  CA  . GLY B 2 29  ? -2.693  1.215   -1.716  1.00 48.82  ? 35   GLY A CA  1 
ATOM   235  C  C   . GLY B 2 29  ? -1.350  1.594   -1.148  1.00 45.97  ? 35   GLY A C   1 
ATOM   236  O  O   . GLY B 2 29  ? -0.872  2.711   -1.343  1.00 43.89  ? 35   GLY A O   1 
ATOM   237  N  N   . TRP B 2 30  ? -0.737  0.654   -0.443  1.00 48.26  ? 36   TRP A N   1 
ATOM   238  C  CA  . TRP B 2 30  ? 0.622   0.792   0.047   1.00 50.45  ? 36   TRP A CA  1 
ATOM   239  C  C   . TRP B 2 30  ? 1.588   0.158   -0.956  1.00 51.32  ? 36   TRP A C   1 
ATOM   240  O  O   . TRP B 2 30  ? 1.399   -0.989  -1.386  1.00 47.34  ? 36   TRP A O   1 
ATOM   241  C  CB  . TRP B 2 30  ? 0.750   0.150   1.427   1.00 51.42  ? 36   TRP A CB  1 
ATOM   242  C  CG  . TRP B 2 30  ? 0.134   0.966   2.514   1.00 50.56  ? 36   TRP A CG  1 
ATOM   243  C  CD1 . TRP B 2 30  ? -1.117  0.824   3.048   1.00 56.12  ? 36   TRP A CD1 1 
ATOM   244  C  CD2 . TRP B 2 30  ? 0.744   2.048   3.215   1.00 49.35  ? 36   TRP A CD2 1 
ATOM   245  N  NE1 . TRP B 2 30  ? -1.329  1.762   4.025   1.00 43.26  ? 36   TRP A NE1 1 
ATOM   246  C  CE2 . TRP B 2 30  ? -0.197  2.523   4.153   1.00 51.08  ? 36   TRP A CE2 1 
ATOM   247  C  CE3 . TRP B 2 30  ? 1.996   2.661   3.143   1.00 50.07  ? 36   TRP A CE3 1 
ATOM   248  C  CZ2 . TRP B 2 30  ? 0.083   3.588   5.010   1.00 49.02  ? 36   TRP A CZ2 1 
ATOM   249  C  CZ3 . TRP B 2 30  ? 2.272   3.706   3.993   1.00 52.23  ? 36   TRP A CZ3 1 
ATOM   250  C  CH2 . TRP B 2 30  ? 1.321   4.168   4.915   1.00 51.27  ? 36   TRP A CH2 1 
ATOM   251  N  N   . TYR B 2 31  ? 2.587   0.931   -1.365  1.00 46.05  ? 37   TYR A N   1 
ATOM   252  C  CA  . TYR B 2 31  ? 3.577   0.499   -2.329  1.00 49.24  ? 37   TYR A CA  1 
ATOM   253  C  C   . TYR B 2 31  ? 4.940   0.454   -1.668  1.00 55.14  ? 37   TYR A C   1 
ATOM   254  O  O   . TYR B 2 31  ? 5.191   1.157   -0.683  1.00 47.77  ? 37   TYR A O   1 
ATOM   255  C  CB  . TYR B 2 31  ? 3.632   1.430   -3.531  1.00 47.44  ? 37   TYR A CB  1 
ATOM   256  C  CG  . TYR B 2 31  ? 2.421   1.312   -4.408  1.00 52.24  ? 37   TYR A CG  1 
ATOM   257  C  CD1 . TYR B 2 31  ? 2.333   0.327   -5.389  1.00 48.60  ? 37   TYR A CD1 1 
ATOM   258  C  CD2 . TYR B 2 31  ? 1.350   2.181   -4.250  1.00 53.49  ? 37   TYR A CD2 1 
ATOM   259  C  CE1 . TYR B 2 31  ? 1.215   0.227   -6.186  1.00 50.22  ? 37   TYR A CE1 1 
ATOM   260  C  CE2 . TYR B 2 31  ? 0.235   2.087   -5.045  1.00 51.74  ? 37   TYR A CE2 1 
ATOM   261  C  CZ  . TYR B 2 31  ? 0.165   1.113   -6.006  1.00 47.46  ? 37   TYR A CZ  1 
ATOM   262  O  OH  . TYR B 2 31  ? -0.968  1.040   -6.773  1.00 45.71  ? 37   TYR A OH  1 
ATOM   263  N  N   . ARG B 2 32  ? 5.831   -0.374  -2.210  1.00 45.87  ? 38   ARG A N   1 
ATOM   264  C  CA  . ARG B 2 32  ? 7.197   -0.352  -1.725  1.00 47.52  ? 38   ARG A CA  1 
ATOM   265  C  C   . ARG B 2 32  ? 8.182   -0.510  -2.870  1.00 56.45  ? 38   ARG A C   1 
ATOM   266  O  O   . ARG B 2 32  ? 7.926   -1.213  -3.858  1.00 49.53  ? 38   ARG A O   1 
ATOM   267  C  CB  . ARG B 2 32  ? 7.438   -1.403  -0.650  1.00 46.23  ? 38   ARG A CB  1 
ATOM   268  C  CG  . ARG B 2 32  ? 7.329   -2.818  -1.098  1.00 54.96  ? 38   ARG A CG  1 
ATOM   269  C  CD  . ARG B 2 32  ? 7.327   -3.707  0.129   1.00 55.78  ? 38   ARG A CD  1 
ATOM   270  N  NE  . ARG B 2 32  ? 7.339   -5.122  -0.226  1.00 55.35  ? 38   ARG A NE  1 
ATOM   271  C  CZ  . ARG B 2 32  ? 7.275   -6.107  0.664   1.00 57.33  ? 38   ARG A CZ  1 
ATOM   272  N  NH1 . ARG B 2 32  ? 7.200   -5.819  1.954   1.00 49.00  ? 38   ARG A NH1 1 
ATOM   273  N  NH2 . ARG B 2 32  ? 7.289   -7.376  0.265   1.00 54.98  ? 38   ARG A NH2 1 
ATOM   274  N  N   . GLN B 2 33  ? 9.281   0.217   -2.727  1.00 54.71  ? 39   GLN A N   1 
ATOM   275  C  CA  . GLN B 2 33  ? 10.460  0.190   -3.573  1.00 56.54  ? 39   GLN A CA  1 
ATOM   276  C  C   . GLN B 2 33  ? 11.547  -0.518  -2.764  1.00 57.39  ? 39   GLN A C   1 
ATOM   277  O  O   . GLN B 2 33  ? 12.211  0.090   -1.925  1.00 54.03  ? 39   GLN A O   1 
ATOM   278  C  CB  . GLN B 2 33  ? 10.857  1.608   -3.945  1.00 58.92  ? 39   GLN A CB  1 
ATOM   279  C  CG  . GLN B 2 33  ? 11.975  1.757   -4.946  1.00 63.10  ? 39   GLN A CG  1 
ATOM   280  C  CD  . GLN B 2 33  ? 12.371  3.224   -5.107  1.00 74.38  ? 39   GLN A CD  1 
ATOM   281  O  OE1 . GLN B 2 33  ? 13.031  3.600   -6.077  1.00 80.00  ? 39   GLN A OE1 1 
ATOM   282  N  NE2 . GLN B 2 33  ? 11.946  4.065   -4.152  1.00 72.33  ? 39   GLN A NE2 1 
ATOM   283  N  N   . ALA B 2 34  ? 11.703  -1.821  -2.993  1.00 61.55  ? 40   ALA A N   1 
ATOM   284  C  CA  . ALA B 2 34  ? 12.805  -2.536  -2.375  1.00 58.52  ? 40   ALA A CA  1 
ATOM   285  C  C   . ALA B 2 34  ? 14.049  -2.364  -3.235  1.00 56.23  ? 40   ALA A C   1 
ATOM   286  O  O   . ALA B 2 34  ? 13.951  -2.007  -4.413  1.00 59.92  ? 40   ALA A O   1 
ATOM   287  C  CB  . ALA B 2 34  ? 12.453  -4.006  -2.198  1.00 56.12  ? 40   ALA A CB  1 
ATOM   288  N  N   . PRO B 2 35  ? 15.235  -2.548  -2.658  1.00 56.30  ? 41   PRO A N   1 
ATOM   289  C  CA  . PRO B 2 35  ? 16.454  -2.495  -3.481  1.00 64.87  ? 41   PRO A CA  1 
ATOM   290  C  C   . PRO B 2 35  ? 16.395  -3.545  -4.580  1.00 61.91  ? 41   PRO A C   1 
ATOM   291  O  O   . PRO B 2 35  ? 16.115  -4.719  -4.322  1.00 58.45  ? 41   PRO A O   1 
ATOM   292  C  CB  . PRO B 2 35  ? 17.576  -2.778  -2.476  1.00 59.56  ? 41   PRO A CB  1 
ATOM   293  C  CG  . PRO B 2 35  ? 16.985  -2.492  -1.146  1.00 60.57  ? 41   PRO A CG  1 
ATOM   294  C  CD  . PRO B 2 35  ? 15.539  -2.820  -1.248  1.00 57.07  ? 41   PRO A CD  1 
ATOM   295  N  N   . GLY B 2 36  ? 16.621  -3.105  -5.812  1.00 61.60  ? 42   GLY A N   1 
ATOM   296  C  CA  . GLY B 2 36  ? 16.583  -3.967  -6.980  1.00 66.52  ? 42   GLY A CA  1 
ATOM   297  C  C   . GLY B 2 36  ? 15.293  -4.006  -7.797  1.00 71.36  ? 42   GLY A C   1 
ATOM   298  O  O   . GLY B 2 36  ? 15.347  -4.045  -9.030  1.00 73.39  ? 42   GLY A O   1 
ATOM   299  N  N   . LYS B 2 37  ? 14.138  -3.992  -7.135  1.00 69.46  ? 43   LYS A N   1 
ATOM   300  C  CA  . LYS B 2 37  ? 12.876  -4.237  -7.817  1.00 67.15  ? 43   LYS A CA  1 
ATOM   301  C  C   . LYS B 2 37  ? 12.170  -2.926  -8.158  1.00 67.04  ? 43   LYS A C   1 
ATOM   302  O  O   . LYS B 2 37  ? 12.519  -1.856  -7.654  1.00 72.46  ? 43   LYS A O   1 
ATOM   303  C  CB  . LYS B 2 37  ? 11.986  -5.121  -6.952  1.00 67.61  ? 43   LYS A CB  1 
ATOM   304  C  CG  . LYS B 2 37  ? 12.777  -6.009  -5.998  1.00 73.59  ? 43   LYS A CG  1 
ATOM   305  C  CD  . LYS B 2 37  ? 11.911  -7.117  -5.403  1.00 82.74  ? 43   LYS A CD  1 
ATOM   306  C  CE  . LYS B 2 37  ? 12.763  -8.236  -4.826  1.00 81.03  ? 43   LYS A CE  1 
ATOM   307  N  NZ  . LYS B 2 37  ? 13.218  -7.889  -3.451  1.00 94.09  ? 43   LYS A NZ  1 
ATOM   308  N  N   . GLU B 2 38  ? 11.173  -3.006  -9.045  1.00 71.25  ? 44   GLU A N   1 
ATOM   309  C  CA  . GLU B 2 38  ? 10.292  -1.863  -9.249  1.00 74.95  ? 44   GLU A CA  1 
ATOM   310  C  C   . GLU B 2 38  ? 9.169   -1.923  -8.215  1.00 67.02  ? 44   GLU A C   1 
ATOM   311  O  O   . GLU B 2 38  ? 9.145   -2.811  -7.360  1.00 58.56  ? 44   GLU A O   1 
ATOM   312  C  CB  . GLU B 2 38  ? 9.748   -1.809  -10.681 1.00 71.47  ? 44   GLU A CB  1 
ATOM   313  C  CG  . GLU B 2 38  ? 10.011  -0.451  -11.426 1.00 78.36  ? 44   GLU A CG  1 
ATOM   314  C  CD  . GLU B 2 38  ? 9.671   0.832   -10.623 1.00 84.93  ? 44   GLU A CD  1 
ATOM   315  O  OE1 . GLU B 2 38  ? 10.421  1.206   -9.694  1.00 88.97  ? 44   GLU A OE1 1 
ATOM   316  O  OE2 . GLU B 2 38  ? 8.670   1.498   -10.953 1.00 85.60  ? 44   GLU A OE2 1 
ATOM   317  N  N   . ARG B 2 39  ? 8.230   -0.965  -8.295  1.00 68.74  ? 45   ARG A N   1 
ATOM   318  C  CA  . ARG B 2 39  ? 7.132   -0.861  -7.338  1.00 63.80  ? 45   ARG A CA  1 
ATOM   319  C  C   . ARG B 2 39  ? 6.505   -2.219  -7.094  1.00 57.92  ? 45   ARG A C   1 
ATOM   320  O  O   . ARG B 2 39  ? 6.377   -3.030  -8.014  1.00 53.65  ? 45   ARG A O   1 
ATOM   321  C  CB  . ARG B 2 39  ? 6.018   0.065   -7.841  1.00 66.34  ? 45   ARG A CB  1 
ATOM   322  C  CG  . ARG B 2 39  ? 6.455   1.309   -8.498  1.00 77.16  ? 45   ARG A CG  1 
ATOM   323  C  CD  . ARG B 2 39  ? 5.249   2.120   -8.922  1.00 76.25  ? 45   ARG A CD  1 
ATOM   324  N  NE  . ARG B 2 39  ? 5.547   3.543   -8.881  1.00 76.54  ? 45   ARG A NE  1 
ATOM   325  C  CZ  . ARG B 2 39  ? 6.021   4.225   -9.915  1.00 76.57  ? 45   ARG A CZ  1 
ATOM   326  N  NH1 . ARG B 2 39  ? 6.242   3.619   -11.075 1.00 91.12  ? 45   ARG A NH1 1 
ATOM   327  N  NH2 . ARG B 2 39  ? 6.277   5.515   -9.795  1.00 80.63  ? 45   ARG A NH2 1 
ATOM   328  N  N   . GLU B 2 40  ? 6.090   -2.446  -5.851  1.00 51.59  ? 46   GLU A N   1 
ATOM   329  C  CA  . GLU B 2 40  ? 5.243   -3.576  -5.521  1.00 51.42  ? 46   GLU A CA  1 
ATOM   330  C  C   . GLU B 2 40  ? 4.027   -3.067  -4.748  1.00 54.55  ? 46   GLU A C   1 
ATOM   331  O  O   . GLU B 2 40  ? 4.160   -2.295  -3.791  1.00 44.48  ? 46   GLU A O   1 
ATOM   332  C  CB  . GLU B 2 40  ? 6.023   -4.623  -4.728  1.00 46.10  ? 46   GLU A CB  1 
ATOM   333  C  CG  . GLU B 2 40  ? 5.219   -5.827  -4.317  1.00 49.22  ? 46   GLU A CG  1 
ATOM   334  C  CD  . GLU B 2 40  ? 6.003   -6.758  -3.412  1.00 53.69  ? 46   GLU A CD  1 
ATOM   335  O  OE1 . GLU B 2 40  ? 7.083   -6.342  -2.929  1.00 52.21  ? 46   GLU A OE1 1 
ATOM   336  O  OE2 . GLU B 2 40  ? 5.539   -7.899  -3.181  1.00 54.40  ? 46   GLU A OE2 1 
ATOM   337  N  N   . LEU B 2 41  ? 2.842   -3.452  -5.205  1.00 55.10  ? 47   LEU A N   1 
ATOM   338  C  CA  . LEU B 2 41  ? 1.626   -3.233  -4.445  1.00 46.24  ? 47   LEU A CA  1 
ATOM   339  C  C   . LEU B 2 41  ? 1.634   -4.200  -3.275  1.00 50.03  ? 47   LEU A C   1 
ATOM   340  O  O   . LEU B 2 41  ? 1.494   -5.411  -3.459  1.00 49.35  ? 47   LEU A O   1 
ATOM   341  C  CB  . LEU B 2 41  ? 0.393   -3.427  -5.323  1.00 39.59  ? 47   LEU A CB  1 
ATOM   342  C  CG  . LEU B 2 41  ? -0.965  -3.135  -4.668  1.00 53.64  ? 47   LEU A CG  1 
ATOM   343  C  CD1 . LEU B 2 41  ? -0.970  -1.739  -4.020  1.00 45.02  ? 47   LEU A CD1 1 
ATOM   344  C  CD2 . LEU B 2 41  ? -2.101  -3.261  -5.690  1.00 52.75  ? 47   LEU A CD2 1 
ATOM   345  N  N   . VAL B 2 42  ? 1.809   -3.678  -2.065  1.00 53.15  ? 48   VAL A N   1 
ATOM   346  C  CA  . VAL B 2 42  ? 1.886   -4.561  -0.911  1.00 55.18  ? 48   VAL A CA  1 
ATOM   347  C  C   . VAL B 2 42  ? 0.507   -4.818  -0.319  1.00 48.32  ? 48   VAL A C   1 
ATOM   348  O  O   . VAL B 2 42  ? 0.211   -5.928  0.120   1.00 49.71  ? 48   VAL A O   1 
ATOM   349  C  CB  . VAL B 2 42  ? 2.887   -4.000  0.124   1.00 56.83  ? 48   VAL A CB  1 
ATOM   350  C  CG1 . VAL B 2 42  ? 2.268   -2.955  0.991   1.00 57.95  ? 48   VAL A CG1 1 
ATOM   351  C  CG2 . VAL B 2 42  ? 3.400   -5.114  0.993   1.00 62.24  ? 48   VAL A CG2 1 
ATOM   352  N  N   . ALA B 2 43  ? -0.379  -3.834  -0.353  1.00 52.83  ? 49   ALA A N   1 
ATOM   353  C  CA  . ALA B 2 43  ? -1.707  -3.979  0.222   1.00 54.74  ? 49   ALA A CA  1 
ATOM   354  C  C   . ALA B 2 43  ? -2.601  -2.911  -0.376  1.00 48.92  ? 49   ALA A C   1 
ATOM   355  O  O   . ALA B 2 43  ? -2.142  -1.819  -0.716  1.00 47.29  ? 49   ALA A O   1 
ATOM   356  C  CB  . ALA B 2 43  ? -1.692  -3.868  1.754   1.00 49.92  ? 49   ALA A CB  1 
ATOM   357  N  N   . ALA B 2 44  ? -3.877  -3.239  -0.526  1.00 47.45  ? 50   ALA A N   1 
ATOM   358  C  CA  . ALA B 2 44  ? -4.828  -2.255  -1.008  1.00 52.49  ? 50   ALA A CA  1 
ATOM   359  C  C   . ALA B 2 44  ? -6.155  -2.428  -0.283  1.00 52.70  ? 50   ALA A C   1 
ATOM   360  O  O   . ALA B 2 44  ? -6.424  -3.448  0.361   1.00 52.04  ? 50   ALA A O   1 
ATOM   361  C  CB  . ALA B 2 44  ? -5.025  -2.337  -2.524  1.00 48.26  ? 50   ALA A CB  1 
ATOM   362  N  N   . ILE B 2 45  ? -6.980  -1.402  -0.395  1.00 50.68  ? 51   ILE A N   1 
ATOM   363  C  CA  . ILE B 2 45  ? -8.291  -1.379  0.234   1.00 53.35  ? 51   ILE A CA  1 
ATOM   364  C  C   . ILE B 2 45  ? -9.232  -0.599  -0.673  1.00 50.03  ? 51   ILE A C   1 
ATOM   365  O  O   . ILE B 2 45  ? -8.905  0.506   -1.119  1.00 48.71  ? 51   ILE A O   1 
ATOM   366  C  CB  . ILE B 2 45  ? -8.225  -0.764  1.648   1.00 52.35  ? 51   ILE A CB  1 
ATOM   367  C  CG1 . ILE B 2 45  ? -9.604  -0.796  2.320   1.00 55.65  ? 51   ILE A CG1 1 
ATOM   368  C  CG2 . ILE B 2 45  ? -7.610  0.635   1.601   1.00 48.19  ? 51   ILE A CG2 1 
ATOM   369  C  CD1 . ILE B 2 45  ? -9.552  -0.795  3.838   1.00 56.61  ? 51   ILE A CD1 1 
ATOM   370  N  N   . THR B 2 46  ? -10.388 -1.181  -0.956  1.00 51.12  ? 52   THR A N   1 
ATOM   371  C  CA  . THR B 2 46  ? -11.380 -0.523  -1.785  1.00 57.43  ? 52   THR A CA  1 
ATOM   372  C  C   . THR B 2 46  ? -11.864 0.785   -1.143  1.00 60.65  ? 52   THR A C   1 
ATOM   373  O  O   . THR B 2 46  ? -11.563 1.104   0.014   1.00 56.92  ? 52   THR A O   1 
ATOM   374  C  CB  . THR B 2 46  ? -12.553 -1.465  -2.033  1.00 62.32  ? 52   THR A CB  1 
ATOM   375  O  OG1 . THR B 2 46  ? -13.087 -1.935  -0.784  1.00 58.84  ? 52   THR A OG1 1 
ATOM   376  C  CG2 . THR B 2 46  ? -12.109 -2.649  -2.879  1.00 59.36  ? 52   THR A CG2 1 
ATOM   377  N  N   . SER B 2 47  ? -12.632 1.552   -1.925  1.00 61.94  ? 53   SER A N   1 
ATOM   378  C  CA  . SER B 2 47  ? -13.136 2.839   -1.449  1.00 61.83  ? 53   SER A CA  1 
ATOM   379  C  C   . SER B 2 47  ? -14.015 2.688   -0.210  1.00 59.68  ? 53   SER A C   1 
ATOM   380  O  O   . SER B 2 47  ? -13.936 3.495   0.722   1.00 59.73  ? 53   SER A O   1 
ATOM   381  C  CB  . SER B 2 47  ? -13.912 3.538   -2.560  1.00 63.84  ? 53   SER A CB  1 
ATOM   382  O  OG  . SER B 2 47  ? -14.292 4.837   -2.159  1.00 66.35  ? 53   SER A OG  1 
ATOM   383  N  N   . SER B 2 48  ? -14.867 1.674   -0.187  1.00 62.20  ? 54   SER A N   1 
ATOM   384  C  CA  . SER B 2 48  ? -15.752 1.476   0.948   1.00 64.49  ? 54   SER A CA  1 
ATOM   385  C  C   . SER B 2 48  ? -15.033 0.889   2.151   1.00 66.41  ? 54   SER A C   1 
ATOM   386  O  O   . SER B 2 48  ? -15.536 1.014   3.277   1.00 62.92  ? 54   SER A O   1 
ATOM   387  C  CB  . SER B 2 48  ? -16.916 0.561   0.561   1.00 62.85  ? 54   SER A CB  1 
ATOM   388  O  OG  . SER B 2 48  ? -16.469 -0.775  0.370   1.00 63.75  ? 54   SER A OG  1 
ATOM   389  N  N   . GLY B 2 49  ? -13.871 0.269   1.941   1.00 59.42  ? 55   GLY A N   1 
ATOM   390  C  CA  . GLY B 2 49  ? -13.206 -0.496  2.969   1.00 56.43  ? 55   GLY A CA  1 
ATOM   391  C  C   . GLY B 2 49  ? -13.684 -1.922  3.073   1.00 58.05  ? 55   GLY A C   1 
ATOM   392  O  O   . GLY B 2 49  ? -13.175 -2.673  3.919   1.00 54.73  ? 55   GLY A O   1 
ATOM   393  N  N   . ALA B 2 50  ? -14.636 -2.322  2.230   1.00 57.41  ? 56   ALA A N   1 
ATOM   394  C  CA  . ALA B 2 50  ? -15.231 -3.646  2.330   1.00 61.38  ? 56   ALA A CA  1 
ATOM   395  C  C   . ALA B 2 50  ? -14.293 -4.742  1.853   1.00 63.74  ? 56   ALA A C   1 
ATOM   396  O  O   . ALA B 2 50  ? -14.427 -5.887  2.295   1.00 68.36  ? 56   ALA A O   1 
ATOM   397  C  CB  . ALA B 2 50  ? -16.536 -3.705  1.536   1.00 61.86  ? 56   ALA A CB  1 
ATOM   398  N  N   . SER B 2 51  ? -13.350 -4.428  0.965   1.00 61.55  ? 57   SER A N   1 
ATOM   399  C  CA  . SER B 2 51  ? -12.513 -5.453  0.355   1.00 64.56  ? 57   SER A CA  1 
ATOM   400  C  C   . SER B 2 51  ? -11.037 -5.070  0.439   1.00 60.76  ? 57   SER A C   1 
ATOM   401  O  O   . SER B 2 51  ? -10.672 -3.897  0.561   1.00 56.35  ? 57   SER A O   1 
ATOM   402  C  CB  . SER B 2 51  ? -12.920 -5.708  -1.104  1.00 67.73  ? 57   SER A CB  1 
ATOM   403  O  OG  . SER B 2 51  ? -14.178 -6.359  -1.181  1.00 67.74  ? 57   SER A OG  1 
ATOM   404  N  N   . THR B 2 52  ? -10.188 -6.088  0.318   1.00 60.64  ? 58   THR A N   1 
ATOM   405  C  CA  . THR B 2 52  ? -8.795  -5.986  0.721   1.00 59.11  ? 58   THR A CA  1 
ATOM   406  C  C   . THR B 2 52  ? -7.911  -6.857  -0.178  1.00 58.29  ? 58   THR A C   1 
ATOM   407  O  O   . THR B 2 52  ? -8.306  -7.960  -0.568  1.00 58.36  ? 58   THR A O   1 
ATOM   408  C  CB  . THR B 2 52  ? -8.707  -6.372  2.206   1.00 56.52  ? 58   THR A CB  1 
ATOM   409  O  OG1 . THR B 2 52  ? -7.975  -5.378  2.928   1.00 65.16  ? 58   THR A OG1 1 
ATOM   410  C  CG2 . THR B 2 52  ? -8.127  -7.745  2.425   1.00 50.47  ? 58   THR A CG2 1 
ATOM   411  N  N   . TYR B 2 53  ? -6.730  -6.340  -0.540  1.00 57.61  ? 59   TYR A N   1 
ATOM   412  C  CA  . TYR B 2 53  ? -5.727  -7.097  -1.285  1.00 56.20  ? 59   TYR A CA  1 
ATOM   413  C  C   . TYR B 2 53  ? -4.414  -7.123  -0.515  1.00 57.92  ? 59   TYR A C   1 
ATOM   414  O  O   . TYR B 2 53  ? -4.061  -6.143  0.154   1.00 56.77  ? 59   TYR A O   1 
ATOM   415  C  CB  . TYR B 2 53  ? -5.461  -6.513  -2.686  1.00 54.97  ? 59   TYR A CB  1 
ATOM   416  C  CG  . TYR B 2 53  ? -4.165  -7.030  -3.292  1.00 55.66  ? 59   TYR A CG  1 
ATOM   417  C  CD1 . TYR B 2 53  ? -4.090  -8.315  -3.847  1.00 55.76  ? 59   TYR A CD1 1 
ATOM   418  C  CD2 . TYR B 2 53  ? -3.008  -6.254  -3.292  1.00 56.30  ? 59   TYR A CD2 1 
ATOM   419  C  CE1 . TYR B 2 53  ? -2.910  -8.805  -4.381  1.00 48.59  ? 59   TYR A CE1 1 
ATOM   420  C  CE2 . TYR B 2 53  ? -1.812  -6.745  -3.839  1.00 57.41  ? 59   TYR A CE2 1 
ATOM   421  C  CZ  . TYR B 2 53  ? -1.774  -8.025  -4.382  1.00 52.53  ? 59   TYR A CZ  1 
ATOM   422  O  OH  . TYR B 2 53  ? -0.591  -8.517  -4.910  1.00 50.24  ? 59   TYR A OH  1 
ATOM   423  N  N   . TYR B 2 54  ? -3.690  -8.238  -0.619  1.00 51.11  ? 60   TYR A N   1 
ATOM   424  C  CA  . TYR B 2 54  ? -2.372  -8.359  -0.013  1.00 53.42  ? 60   TYR A CA  1 
ATOM   425  C  C   . TYR B 2 54  ? -1.461  -9.126  -0.953  1.00 56.73  ? 60   TYR A C   1 
ATOM   426  O  O   . TYR B 2 54  ? -1.855  -10.157 -1.506  1.00 63.52  ? 60   TYR A O   1 
ATOM   427  C  CB  . TYR B 2 54  ? -2.425  -9.071  1.349   1.00 57.06  ? 60   TYR A CB  1 
ATOM   428  C  CG  . TYR B 2 54  ? -3.138  -8.284  2.425   1.00 58.04  ? 60   TYR A CG  1 
ATOM   429  C  CD1 . TYR B 2 54  ? -2.540  -7.189  3.032   1.00 53.49  ? 60   TYR A CD1 1 
ATOM   430  C  CD2 . TYR B 2 54  ? -4.421  -8.631  2.819   1.00 55.56  ? 60   TYR A CD2 1 
ATOM   431  C  CE1 . TYR B 2 54  ? -3.201  -6.469  4.001   1.00 55.47  ? 60   TYR A CE1 1 
ATOM   432  C  CE2 . TYR B 2 54  ? -5.076  -7.936  3.782   1.00 56.10  ? 60   TYR A CE2 1 
ATOM   433  C  CZ  . TYR B 2 54  ? -4.485  -6.846  4.380   1.00 60.63  ? 60   TYR A CZ  1 
ATOM   434  O  OH  . TYR B 2 54  ? -5.189  -6.149  5.365   1.00 50.98  ? 60   TYR A OH  1 
ATOM   435  N  N   . ALA B 2 55  ? -0.248  -8.622  -1.139  1.00 56.30  ? 61   ALA A N   1 
ATOM   436  C  CA  . ALA B 2 55  ? 0.757   -9.412  -1.824  1.00 53.29  ? 61   ALA A CA  1 
ATOM   437  C  C   . ALA B 2 55  ? 1.004   -10.710 -1.057  1.00 56.90  ? 61   ALA A C   1 
ATOM   438  O  O   . ALA B 2 55  ? 0.894   -10.761 0.170   1.00 55.61  ? 61   ALA A O   1 
ATOM   439  C  CB  . ALA B 2 55  ? 2.047   -8.607  -1.972  1.00 52.92  ? 61   ALA A CB  1 
ATOM   440  N  N   . ASP B 2 56  ? 1.315   -11.770 -1.806  1.00 60.23  ? 62   ASP A N   1 
ATOM   441  C  CA  . ASP B 2 56  ? 1.541   -13.091 -1.227  1.00 61.25  ? 62   ASP A CA  1 
ATOM   442  C  C   . ASP B 2 56  ? 2.546   -13.047 -0.080  1.00 60.55  ? 62   ASP A C   1 
ATOM   443  O  O   . ASP B 2 56  ? 2.318   -13.633 0.984   1.00 61.84  ? 62   ASP A O   1 
ATOM   444  C  CB  . ASP B 2 56  ? 2.032   -14.045 -2.316  1.00 66.78  ? 62   ASP A CB  1 
ATOM   445  C  CG  . ASP B 2 56  ? 0.902   -14.723 -3.072  1.00 71.27  ? 62   ASP A CG  1 
ATOM   446  O  OD1 . ASP B 2 56  ? -0.200  -14.900 -2.499  1.00 69.42  ? 62   ASP A OD1 1 
ATOM   447  O  OD2 . ASP B 2 56  ? 1.128   -15.068 -4.255  1.00 69.41  ? 62   ASP A OD2 1 
ATOM   448  N  N   . SER B 2 57  ? 3.666   -12.348 -0.282  1.00 56.50  ? 63   SER A N   1 
ATOM   449  C  CA  . SER B 2 57  ? 4.747   -12.379 0.699   1.00 60.86  ? 63   SER A CA  1 
ATOM   450  C  C   . SER B 2 57  ? 4.313   -11.861 2.068   1.00 64.90  ? 63   SER A C   1 
ATOM   451  O  O   . SER B 2 57  ? 4.828   -12.330 3.090   1.00 68.33  ? 63   SER A O   1 
ATOM   452  C  CB  . SER B 2 57  ? 5.943   -11.578 0.194   1.00 61.48  ? 63   SER A CB  1 
ATOM   453  O  OG  . SER B 2 57  ? 5.520   -10.404 -0.467  1.00 65.14  ? 63   SER A OG  1 
ATOM   454  N  N   . VAL B 2 58  ? 3.373   -10.914 2.119   1.00 60.76  ? 64   VAL A N   1 
ATOM   455  C  CA  . VAL B 2 58  ? 2.981   -10.270 3.373   1.00 61.90  ? 64   VAL A CA  1 
ATOM   456  C  C   . VAL B 2 58  ? 1.609   -10.704 3.846   1.00 66.12  ? 64   VAL A C   1 
ATOM   457  O  O   . VAL B 2 58  ? 1.144   -10.218 4.893   1.00 60.25  ? 64   VAL A O   1 
ATOM   458  C  CB  . VAL B 2 58  ? 3.034   -8.732  3.265   1.00 56.15  ? 64   VAL A CB  1 
ATOM   459  C  CG1 . VAL B 2 58  ? 4.310   -8.285  2.558   1.00 54.94  ? 64   VAL A CG1 1 
ATOM   460  C  CG2 . VAL B 2 58  ? 1.776   -8.187  2.580   1.00 51.19  ? 64   VAL A CG2 1 
ATOM   461  N  N   . ARG B 2 59  ? 0.935   -11.587 3.120   1.00 69.03  ? 65   ARG A N   1 
ATOM   462  C  CA  . ARG B 2 59  ? -0.410  -11.955 3.525   1.00 69.75  ? 65   ARG A CA  1 
ATOM   463  C  C   . ARG B 2 59  ? -0.339  -12.757 4.817   1.00 66.91  ? 65   ARG A C   1 
ATOM   464  O  O   . ARG B 2 59  ? 0.560   -13.582 5.012   1.00 66.79  ? 65   ARG A O   1 
ATOM   465  C  CB  . ARG B 2 59  ? -1.109  -12.730 2.407   1.00 72.52  ? 65   ARG A CB  1 
ATOM   466  C  CG  . ARG B 2 59  ? -2.546  -13.128 2.721   1.00 80.80  ? 65   ARG A CG  1 
ATOM   467  C  CD  . ARG B 2 59  ? -3.357  -13.224 1.425   1.00 88.23  ? 65   ARG A CD  1 
ATOM   468  N  NE  . ARG B 2 59  ? -2.891  -14.259 0.494   1.00 98.20  ? 65   ARG A NE  1 
ATOM   469  C  CZ  . ARG B 2 59  ? -2.760  -15.560 0.771   1.00 99.61  ? 65   ARG A CZ  1 
ATOM   470  N  NH1 . ARG B 2 59  ? -2.329  -16.385 -0.178  1.00 95.26  ? 65   ARG A NH1 1 
ATOM   471  N  NH2 . ARG B 2 59  ? -3.075  -16.051 1.971   1.00 91.52  ? 65   ARG A NH2 1 
ATOM   472  N  N   . GLY B 2 60  ? -1.261  -12.463 5.724   1.00 64.06  ? 66   GLY A N   1 
ATOM   473  C  CA  . GLY B 2 60  ? -1.207  -12.974 7.067   1.00 66.04  ? 66   GLY A CA  1 
ATOM   474  C  C   . GLY B 2 60  ? -0.514  -12.066 8.058   1.00 68.57  ? 66   GLY A C   1 
ATOM   475  O  O   . GLY B 2 60  ? -0.881  -12.073 9.239   1.00 61.34  ? 66   GLY A O   1 
ATOM   476  N  N   . ARG B 2 61  ? 0.459   -11.267 7.608   1.00 68.41  ? 67   ARG A N   1 
ATOM   477  C  CA  . ARG B 2 61  ? 1.309   -10.452 8.472   1.00 61.86  ? 67   ARG A CA  1 
ATOM   478  C  C   . ARG B 2 61  ? 0.955   -8.973  8.454   1.00 59.54  ? 67   ARG A C   1 
ATOM   479  O  O   . ARG B 2 61  ? 1.042   -8.306  9.491   1.00 61.05  ? 67   ARG A O   1 
ATOM   480  C  CB  . ARG B 2 61  ? 2.776   -10.612 8.064   1.00 58.91  ? 67   ARG A CB  1 
ATOM   481  C  CG  . ARG B 2 61  ? 3.277   -12.047 8.085   1.00 58.62  ? 67   ARG A CG  1 
ATOM   482  C  CD  . ARG B 2 61  ? 4.408   -12.231 7.089   1.00 63.18  ? 67   ARG A CD  1 
ATOM   483  N  NE  . ARG B 2 61  ? 5.433   -11.226 7.320   1.00 62.93  ? 67   ARG A NE  1 
ATOM   484  C  CZ  . ARG B 2 61  ? 6.028   -10.519 6.368   1.00 58.37  ? 67   ARG A CZ  1 
ATOM   485  N  NH1 . ARG B 2 61  ? 5.725   -10.714 5.098   1.00 59.50  ? 67   ARG A NH1 1 
ATOM   486  N  NH2 . ARG B 2 61  ? 6.936   -9.622  6.697   1.00 58.19  ? 67   ARG A NH2 1 
ATOM   487  N  N   . PHE B 2 62  ? 0.577   -8.440  7.302   1.00 59.50  ? 68   PHE A N   1 
ATOM   488  C  CA  . PHE B 2 62  ? 0.269   -7.027  7.144   1.00 57.39  ? 68   PHE A CA  1 
ATOM   489  C  C   . PHE B 2 62  ? -1.238  -6.824  7.198   1.00 51.73  ? 68   PHE A C   1 
ATOM   490  O  O   . PHE B 2 62  ? -2.009  -7.738  6.908   1.00 55.54  ? 68   PHE A O   1 
ATOM   491  C  CB  . PHE B 2 62  ? 0.819   -6.498  5.813   1.00 50.61  ? 68   PHE A CB  1 
ATOM   492  C  CG  . PHE B 2 62  ? 2.310   -6.323  5.786   1.00 49.34  ? 68   PHE A CG  1 
ATOM   493  C  CD1 . PHE B 2 62  ? 3.117   -6.883  6.768   1.00 56.22  ? 68   PHE A CD1 1 
ATOM   494  C  CD2 . PHE B 2 62  ? 2.908   -5.600  4.771   1.00 51.59  ? 68   PHE A CD2 1 
ATOM   495  C  CE1 . PHE B 2 62  ? 4.496   -6.718  6.739   1.00 56.55  ? 68   PHE A CE1 1 
ATOM   496  C  CE2 . PHE B 2 62  ? 4.295   -5.441  4.723   1.00 56.60  ? 68   PHE A CE2 1 
ATOM   497  C  CZ  . PHE B 2 62  ? 5.090   -5.999  5.705   1.00 53.08  ? 68   PHE A CZ  1 
ATOM   498  N  N   . THR B 2 63  ? -1.655  -5.614  7.550   1.00 56.66  ? 69   THR A N   1 
ATOM   499  C  CA  . THR B 2 63  ? -3.074  -5.286  7.679   1.00 57.44  ? 69   THR A CA  1 
ATOM   500  C  C   . THR B 2 63  ? -3.277  -3.849  7.239   1.00 50.47  ? 69   THR A C   1 
ATOM   501  O  O   . THR B 2 63  ? -2.578  -2.954  7.719   1.00 48.86  ? 69   THR A O   1 
ATOM   502  C  CB  . THR B 2 63  ? -3.574  -5.452  9.125   1.00 55.15  ? 69   THR A CB  1 
ATOM   503  O  OG1 . THR B 2 63  ? -3.121  -6.706  9.653   1.00 60.29  ? 69   THR A OG1 1 
ATOM   504  C  CG2 . THR B 2 63  ? -5.102  -5.397  9.181   1.00 46.62  ? 69   THR A CG2 1 
ATOM   505  N  N   . ILE B 2 64  ? -4.226  -3.630  6.335   1.00 50.85  ? 70   ILE A N   1 
ATOM   506  C  CA  . ILE B 2 64  ? -4.497  -2.300  5.802   1.00 53.07  ? 70   ILE A CA  1 
ATOM   507  C  C   . ILE B 2 64  ? -5.859  -1.835  6.299   1.00 49.32  ? 70   ILE A C   1 
ATOM   508  O  O   . ILE B 2 64  ? -6.758  -2.637  6.561   1.00 51.43  ? 70   ILE A O   1 
ATOM   509  C  CB  . ILE B 2 64  ? -4.410  -2.281  4.258   1.00 54.06  ? 70   ILE A CB  1 
ATOM   510  C  CG1 . ILE B 2 64  ? -4.259  -0.855  3.734   1.00 49.28  ? 70   ILE A CG1 1 
ATOM   511  C  CG2 . ILE B 2 64  ? -5.602  -2.978  3.612   1.00 50.93  ? 70   ILE A CG2 1 
ATOM   512  C  CD1 . ILE B 2 64  ? -4.277  -0.796  2.232   1.00 51.80  ? 70   ILE A CD1 1 
ATOM   513  N  N   . SER B 2 65  ? -6.001  -0.523  6.450   1.00 54.99  ? 71   SER A N   1 
ATOM   514  C  CA  . SER B 2 65  ? -7.217  0.057   7.012   1.00 54.71  ? 71   SER A CA  1 
ATOM   515  C  C   . SER B 2 65  ? -7.248  1.528   6.657   1.00 48.38  ? 71   SER A C   1 
ATOM   516  O  O   . SER B 2 65  ? -6.211  2.130   6.373   1.00 46.99  ? 71   SER A O   1 
ATOM   517  C  CB  . SER B 2 65  ? -7.286  -0.126  8.531   1.00 50.16  ? 71   SER A CB  1 
ATOM   518  O  OG  . SER B 2 65  ? -6.065  0.283   9.136   1.00 54.88  ? 71   SER A OG  1 
ATOM   519  N  N   . ARG B 2 66  ? -8.443  2.096   6.669   1.00 53.51  ? 72   ARG A N   1 
ATOM   520  C  CA  . ARG B 2 66  ? -8.617  3.479   6.263   1.00 54.54  ? 72   ARG A CA  1 
ATOM   521  C  C   . ARG B 2 66  ? -9.557  4.186   7.227   1.00 52.11  ? 72   ARG A C   1 
ATOM   522  O  O   . ARG B 2 66  ? -10.382 3.556   7.893   1.00 51.05  ? 72   ARG A O   1 
ATOM   523  C  CB  . ARG B 2 66  ? -9.149  3.577   4.819   1.00 50.76  ? 72   ARG A CB  1 
ATOM   524  C  CG  . ARG B 2 66  ? -10.566 3.073   4.645   1.00 48.55  ? 72   ARG A CG  1 
ATOM   525  C  CD  . ARG B 2 66  ? -10.977 3.117   3.191   1.00 56.12  ? 72   ARG A CD  1 
ATOM   526  N  NE  . ARG B 2 66  ? -10.844 4.463   2.642   1.00 56.45  ? 72   ARG A NE  1 
ATOM   527  C  CZ  . ARG B 2 66  ? -10.451 4.735   1.400   1.00 55.81  ? 72   ARG A CZ  1 
ATOM   528  N  NH1 . ARG B 2 66  ? -10.146 3.746   0.566   1.00 52.29  ? 72   ARG A NH1 1 
ATOM   529  N  NH2 . ARG B 2 66  ? -10.369 6.002   0.997   1.00 53.32  ? 72   ARG A NH2 1 
ATOM   530  N  N   . ASP B 2 67  ? -9.407  5.509   7.306   1.00 53.62  ? 73   ASP A N   1 
ATOM   531  C  CA  . ASP B 2 67  ? -10.256 6.378   8.128   1.00 51.67  ? 73   ASP A CA  1 
ATOM   532  C  C   . ASP B 2 67  ? -10.479 7.646   7.305   1.00 52.37  ? 73   ASP A C   1 
ATOM   533  O  O   . ASP B 2 67  ? -9.702  8.606   7.387   1.00 46.52  ? 73   ASP A O   1 
ATOM   534  C  CB  . ASP B 2 67  ? -9.614  6.682   9.478   1.00 56.50  ? 73   ASP A CB  1 
ATOM   535  C  CG  . ASP B 2 67  ? -10.597 7.309   10.482  1.00 60.79  ? 73   ASP A CG  1 
ATOM   536  O  OD1 . ASP B 2 67  ? -11.535 8.024   10.057  1.00 55.29  ? 73   ASP A OD1 1 
ATOM   537  O  OD2 . ASP B 2 67  ? -10.411 7.081   11.700  1.00 59.80  ? 73   ASP A OD2 1 
ATOM   538  N  N   . ASP B 2 68  ? -11.548 7.636   6.508   1.00 53.50  ? 74   ASP A N   1 
ATOM   539  C  CA  . ASP B 2 68  ? -11.798 8.753   5.606   1.00 55.60  ? 74   ASP A CA  1 
ATOM   540  C  C   . ASP B 2 68  ? -12.054 10.031  6.377   1.00 55.20  ? 74   ASP A C   1 
ATOM   541  O  O   . ASP B 2 68  ? -11.720 11.120  5.893   1.00 57.99  ? 74   ASP A O   1 
ATOM   542  C  CB  . ASP B 2 68  ? -12.965 8.418   4.683   1.00 57.33  ? 74   ASP A CB  1 
ATOM   543  C  CG  . ASP B 2 68  ? -12.615 7.314   3.696   1.00 54.21  ? 74   ASP A CG  1 
ATOM   544  O  OD1 . ASP B 2 68  ? -11.408 7.136   3.438   1.00 56.78  ? 74   ASP A OD1 1 
ATOM   545  O  OD2 . ASP B 2 68  ? -13.521 6.612   3.194   1.00 55.27  ? 74   ASP A OD2 1 
ATOM   546  N  N   . ALA B 2 69  ? -12.612 9.903   7.590   1.00 60.75  ? 75   ALA A N   1 
ATOM   547  C  CA  . ALA B 2 69  ? -12.854 11.045  8.472   1.00 58.85  ? 75   ALA A CA  1 
ATOM   548  C  C   . ALA B 2 69  ? -11.570 11.801  8.788   1.00 56.74  ? 75   ALA A C   1 
ATOM   549  O  O   . ALA B 2 69  ? -11.549 13.036  8.790   1.00 49.32  ? 75   ALA A O   1 
ATOM   550  C  CB  . ALA B 2 69  ? -13.506 10.553  9.759   1.00 57.08  ? 75   ALA A CB  1 
ATOM   551  N  N   . LYS B 2 70  ? -10.494 11.076  9.075   1.00 60.57  ? 76   LYS A N   1 
ATOM   552  C  CA  . LYS B 2 70  ? -9.178  11.661  9.304   1.00 62.45  ? 76   LYS A CA  1 
ATOM   553  C  C   . LYS B 2 70  ? -8.330  11.756  8.037   1.00 52.16  ? 76   LYS A C   1 
ATOM   554  O  O   . LYS B 2 70  ? -7.189  12.229  8.111   1.00 50.31  ? 76   LYS A O   1 
ATOM   555  C  CB  . LYS B 2 70  ? -8.423  10.843  10.362  1.00 64.15  ? 76   LYS A CB  1 
ATOM   556  C  CG  . LYS B 2 70  ? -8.938  11.009  11.769  1.00 68.11  ? 76   LYS A CG  1 
ATOM   557  C  CD  . LYS B 2 70  ? -8.681  9.763   12.603  1.00 70.55  ? 76   LYS A CD  1 
ATOM   558  C  CE  . LYS B 2 70  ? -8.547  10.115  14.076  1.00 69.91  ? 76   LYS A CE  1 
ATOM   559  N  NZ  . LYS B 2 70  ? -7.724  11.341  14.214  1.00 74.25  ? 76   LYS A NZ  1 
ATOM   560  N  N   . ASN B 2 71  ? -8.863  11.336  6.884   1.00 58.16  ? 77   ASN A N   1 
ATOM   561  C  CA  . ASN B 2 71  ? -8.117  11.250  5.617   1.00 53.41  ? 77   ASN A CA  1 
ATOM   562  C  C   . ASN B 2 71  ? -6.766  10.559  5.812   1.00 46.38  ? 77   ASN A C   1 
ATOM   563  O  O   . ASN B 2 71  ? -5.696  11.074  5.477   1.00 46.68  ? 77   ASN A O   1 
ATOM   564  C  CB  . ASN B 2 71  ? -7.946  12.621  4.960   1.00 54.58  ? 77   ASN A CB  1 
ATOM   565  C  CG  . ASN B 2 71  ? -7.866  12.515  3.441   1.00 57.29  ? 77   ASN A CG  1 
ATOM   566  O  OD1 . ASN B 2 71  ? -8.722  11.879  2.824   1.00 54.22  ? 77   ASN A OD1 1 
ATOM   567  N  ND2 . ASN B 2 71  ? -6.832  13.115  2.835   1.00 51.21  ? 77   ASN A ND2 1 
ATOM   568  N  N   . THR B 2 72  ? -6.833  9.364   6.362   1.00 45.05  ? 78   THR A N   1 
ATOM   569  C  CA  . THR B 2 72  ? -5.647  8.648   6.772   1.00 49.02  ? 78   THR A CA  1 
ATOM   570  C  C   . THR B 2 72  ? -5.835  7.182   6.431   1.00 52.93  ? 78   THR A C   1 
ATOM   571  O  O   . THR B 2 72  ? -6.947  6.644   6.533   1.00 46.15  ? 78   THR A O   1 
ATOM   572  C  CB  . THR B 2 72  ? -5.371  8.849   8.275   1.00 49.74  ? 78   THR A CB  1 
ATOM   573  O  OG1 . THR B 2 72  ? -4.933  10.192  8.484   1.00 45.44  ? 78   THR A OG1 1 
ATOM   574  C  CG2 . THR B 2 72  ? -4.278  7.921   8.757   1.00 55.45  ? 78   THR A CG2 1 
ATOM   575  N  N   . VAL B 2 73  ? -4.741  6.566   5.986   1.00 46.76  ? 79   VAL A N   1 
ATOM   576  C  CA  . VAL B 2 73  ? -4.665  5.149   5.675   1.00 52.54  ? 79   VAL A CA  1 
ATOM   577  C  C   . VAL B 2 73  ? -3.541  4.541   6.510   1.00 52.25  ? 79   VAL A C   1 
ATOM   578  O  O   . VAL B 2 73  ? -2.543  5.201   6.828   1.00 48.11  ? 79   VAL A O   1 
ATOM   579  C  CB  . VAL B 2 73  ? -4.439  4.917   4.160   1.00 49.50  ? 79   VAL A CB  1 
ATOM   580  C  CG1 . VAL B 2 73  ? -4.414  3.465   3.860   1.00 47.02  ? 79   VAL A CG1 1 
ATOM   581  C  CG2 . VAL B 2 73  ? -5.541  5.584   3.360   1.00 49.41  ? 79   VAL A CG2 1 
ATOM   582  N  N   . TYR B 2 74  ? -3.706  3.275   6.876   1.00 53.97  ? 80   TYR A N   1 
ATOM   583  C  CA  . TYR B 2 74  ? -2.812  2.622   7.819   1.00 55.19  ? 80   TYR A CA  1 
ATOM   584  C  C   . TYR B 2 74  ? -2.345  1.281   7.270   1.00 48.18  ? 80   TYR A C   1 
ATOM   585  O  O   . TYR B 2 74  ? -3.075  0.594   6.550   1.00 48.65  ? 80   TYR A O   1 
ATOM   586  C  CB  . TYR B 2 74  ? -3.497  2.393   9.190   1.00 50.34  ? 80   TYR A CB  1 
ATOM   587  C  CG  . TYR B 2 74  ? -4.073  3.621   9.853   1.00 60.29  ? 80   TYR A CG  1 
ATOM   588  C  CD1 . TYR B 2 74  ? -3.257  4.514   10.548  1.00 55.74  ? 80   TYR A CD1 1 
ATOM   589  C  CD2 . TYR B 2 74  ? -5.443  3.871   9.826   1.00 56.60  ? 80   TYR A CD2 1 
ATOM   590  C  CE1 . TYR B 2 74  ? -3.785  5.626   11.169  1.00 50.08  ? 80   TYR A CE1 1 
ATOM   591  C  CE2 . TYR B 2 74  ? -5.976  4.983   10.453  1.00 57.45  ? 80   TYR A CE2 1 
ATOM   592  C  CZ  . TYR B 2 74  ? -5.147  5.862   11.124  1.00 56.90  ? 80   TYR A CZ  1 
ATOM   593  O  OH  . TYR B 2 74  ? -5.688  6.985   11.745  1.00 56.40  ? 80   TYR A OH  1 
ATOM   594  N  N   . LEU B 2 75  ? -1.136  0.888   7.659   1.00 47.08  ? 81   LEU A N   1 
ATOM   595  C  CA  . LEU B 2 75  ? -0.634  -0.453  7.374   1.00 47.64  ? 81   LEU A CA  1 
ATOM   596  C  C   . LEU B 2 75  ? 0.030   -0.983  8.637   1.00 46.43  ? 81   LEU A C   1 
ATOM   597  O  O   . LEU B 2 75  ? 1.068   -0.470  9.061   1.00 46.24  ? 81   LEU A O   1 
ATOM   598  C  CB  . LEU B 2 75  ? 0.340   -0.452  6.188   1.00 48.12  ? 81   LEU A CB  1 
ATOM   599  C  CG  . LEU B 2 75  ? 0.775   -1.842  5.713   1.00 49.53  ? 81   LEU A CG  1 
ATOM   600  C  CD1 . LEU B 2 75  ? -0.411  -2.625  5.187   1.00 45.47  ? 81   LEU A CD1 1 
ATOM   601  C  CD2 . LEU B 2 75  ? 1.899   -1.758  4.688   1.00 50.01  ? 81   LEU A CD2 1 
ATOM   602  N  N   . GLN B 2 76  ? -0.570  -1.998  9.243   1.00 48.13  ? 82   GLN A N   1 
ATOM   603  C  CA  . GLN B 2 76  ? -0.009  -2.627  10.428  1.00 52.57  ? 82   GLN A CA  1 
ATOM   604  C  C   . GLN B 2 76  ? 0.892   -3.772  9.995   1.00 56.03  ? 82   GLN A C   1 
ATOM   605  O  O   . GLN B 2 76  ? 0.423   -4.741  9.387   1.00 63.61  ? 82   GLN A O   1 
ATOM   606  C  CB  . GLN B 2 76  ? -1.109  -3.134  11.356  1.00 57.81  ? 82   GLN A CB  1 
ATOM   607  C  CG  . GLN B 2 76  ? -0.587  -3.890  12.570  1.00 55.31  ? 82   GLN A CG  1 
ATOM   608  C  CD  . GLN B 2 76  ? 0.278   -3.016  13.463  1.00 56.61  ? 82   GLN A CD  1 
ATOM   609  O  OE1 . GLN B 2 76  ? 0.025   -1.830  13.611  1.00 55.23  ? 82   GLN A OE1 1 
ATOM   610  N  NE2 . GLN B 2 76  ? 1.302   -3.604  14.060  1.00 58.41  ? 82   GLN A NE2 1 
HETATM 611  N  N   . MSE B 2 77  ? 2.177   -3.663  10.296  1.00 57.23  ? 83   MSE A N   1 
HETATM 612  C  CA  . MSE B 2 77  ? 3.134   -4.655  9.816   1.00 56.64  ? 83   MSE A CA  1 
HETATM 613  C  C   . MSE B 2 77  ? 3.663   -5.522  10.945  1.00 56.23  ? 83   MSE A C   1 
HETATM 614  O  O   . MSE B 2 77  ? 4.499   -5.079  11.718  1.00 56.63  ? 83   MSE A O   1 
HETATM 615  C  CB  . MSE B 2 77  ? 4.299   -3.971  9.105   1.00 53.24  ? 83   MSE A CB  1 
HETATM 616  C  CG  . MSE B 2 77  ? 3.966   -3.408  7.736   1.00 55.54  ? 83   MSE A CG  1 
HETATM 617  SE SE  . MSE B 2 77  ? 5.363   -2.178  7.078   1.00 63.82  ? 83   MSE A SE  1 
HETATM 618  C  CE  . MSE B 2 77  ? 5.497   -1.077  8.684   1.00 56.54  ? 83   MSE A CE  1 
ATOM   619  N  N   . ASN B 2 78  ? 3.185   -6.758  11.036  1.00 55.49  ? 84   ASN A N   1 
ATOM   620  C  CA  . ASN B 2 78  ? 3.667   -7.697  12.036  1.00 60.53  ? 84   ASN A CA  1 
ATOM   621  C  C   . ASN B 2 78  ? 4.701   -8.641  11.434  1.00 58.05  ? 84   ASN A C   1 
ATOM   622  O  O   . ASN B 2 78  ? 4.694   -8.902  10.231  1.00 55.85  ? 84   ASN A O   1 
ATOM   623  C  CB  . ASN B 2 78  ? 2.508   -8.503  12.612  1.00 58.15  ? 84   ASN A CB  1 
ATOM   624  C  CG  . ASN B 2 78  ? 1.455   -7.622  13.231  1.00 60.20  ? 84   ASN A CG  1 
ATOM   625  O  OD1 . ASN B 2 78  ? 1.775   -6.604  13.840  1.00 58.42  ? 84   ASN A OD1 1 
ATOM   626  N  ND2 . ASN B 2 78  ? 0.193   -7.997  13.073  1.00 64.51  ? 84   ASN A ND2 1 
ATOM   627  N  N   . SER B 2 79  ? 5.586   -9.149  12.290  1.00 60.56  ? 85   SER A N   1 
ATOM   628  C  CA  . SER B 2 79  ? 6.547   -10.192 11.930  1.00 63.27  ? 85   SER A CA  1 
ATOM   629  C  C   . SER B 2 79  ? 7.362   -9.796  10.705  1.00 65.92  ? 85   SER A C   1 
ATOM   630  O  O   . SER B 2 79  ? 7.360   -10.472 9.673   1.00 64.42  ? 85   SER A O   1 
ATOM   631  C  CB  . SER B 2 79  ? 5.850   -11.531 11.683  1.00 62.22  ? 85   SER A CB  1 
ATOM   632  O  OG  . SER B 2 79  ? 5.823   -12.315 12.860  1.00 70.78  ? 85   SER A OG  1 
ATOM   633  N  N   . LEU B 2 80  ? 8.052   -8.672  10.824  1.00 62.30  ? 86   LEU A N   1 
ATOM   634  C  CA  . LEU B 2 80  ? 8.846   -8.203  9.701   1.00 63.25  ? 86   LEU A CA  1 
ATOM   635  C  C   . LEU B 2 80  ? 9.954   -9.203  9.385   1.00 60.66  ? 86   LEU A C   1 
ATOM   636  O  O   . LEU B 2 80  ? 10.502  -9.850  10.277  1.00 61.01  ? 86   LEU A O   1 
ATOM   637  C  CB  . LEU B 2 80  ? 9.422   -6.822  10.006  1.00 65.49  ? 86   LEU A CB  1 
ATOM   638  C  CG  . LEU B 2 80  ? 8.357   -5.754  10.267  1.00 58.28  ? 86   LEU A CG  1 
ATOM   639  C  CD1 . LEU B 2 80  ? 8.959   -4.608  11.028  1.00 60.49  ? 86   LEU A CD1 1 
ATOM   640  C  CD2 . LEU B 2 80  ? 7.748   -5.268  8.971   1.00 57.38  ? 86   LEU A CD2 1 
ATOM   641  N  N   . LYS B 2 81  ? 10.227  -9.372  8.102   1.00 62.51  ? 87   LYS A N   1 
ATOM   642  C  CA  . LYS B 2 81  ? 11.325  -10.161 7.572   1.00 61.50  ? 87   LYS A CA  1 
ATOM   643  C  C   . LYS B 2 81  ? 12.322  -9.229  6.904   1.00 60.69  ? 87   LYS A C   1 
ATOM   644  O  O   . LYS B 2 81  ? 11.990  -8.079  6.596   1.00 58.65  ? 87   LYS A O   1 
ATOM   645  C  CB  . LYS B 2 81  ? 10.808  -11.195 6.557   1.00 61.60  ? 87   LYS A CB  1 
ATOM   646  C  CG  . LYS B 2 81  ? 9.706   -12.112 7.104   1.00 65.31  ? 87   LYS A CG  1 
ATOM   647  C  CD  . LYS B 2 81  ? 9.291   -13.172 6.083   1.00 64.74  ? 87   LYS A CD  1 
ATOM   648  C  CE  . LYS B 2 81  ? 8.048   -13.940 6.556   1.00 65.51  ? 87   LYS A CE  1 
ATOM   649  N  NZ  . LYS B 2 81  ? 7.244   -14.493 5.418   1.00 63.65  ? 87   LYS A NZ  1 
ATOM   650  N  N   . PRO B 2 82  ? 13.561  -9.668  6.667   1.00 63.97  ? 88   PRO A N   1 
ATOM   651  C  CA  . PRO B 2 82  ? 14.506  -8.792  5.955   1.00 61.38  ? 88   PRO A CA  1 
ATOM   652  C  C   . PRO B 2 82  ? 14.043  -8.436  4.556   1.00 57.54  ? 88   PRO A C   1 
ATOM   653  O  O   . PRO B 2 82  ? 14.351  -7.341  4.077   1.00 53.48  ? 88   PRO A O   1 
ATOM   654  C  CB  . PRO B 2 82  ? 15.804  -9.609  5.938   1.00 58.63  ? 88   PRO A CB  1 
ATOM   655  C  CG  . PRO B 2 82  ? 15.647  -10.584 7.051   1.00 60.24  ? 88   PRO A CG  1 
ATOM   656  C  CD  . PRO B 2 82  ? 14.201  -10.937 7.062   1.00 63.61  ? 88   PRO A CD  1 
ATOM   657  N  N   . GLU B 2 83  ? 13.290  -9.320  3.899   1.00 61.62  ? 89   GLU A N   1 
ATOM   658  C  CA  . GLU B 2 83  ? 12.750  -9.081  2.565   1.00 60.65  ? 89   GLU A CA  1 
ATOM   659  C  C   . GLU B 2 83  ? 11.749  -7.930  2.524   1.00 64.41  ? 89   GLU A C   1 
ATOM   660  O  O   . GLU B 2 83  ? 11.439  -7.454  1.423   1.00 61.75  ? 89   GLU A O   1 
ATOM   661  C  CB  . GLU B 2 83  ? 12.100  -10.367 2.057   1.00 64.97  ? 89   GLU A CB  1 
ATOM   662  C  CG  . GLU B 2 83  ? 10.884  -10.785 2.888   1.00 71.72  ? 89   GLU A CG  1 
ATOM   663  C  CD  . GLU B 2 83  ? 10.087  -11.918 2.271   1.00 75.78  ? 89   GLU A CD  1 
ATOM   664  O  OE1 . GLU B 2 83  ? 10.467  -13.080 2.511   1.00 80.51  ? 89   GLU A OE1 1 
ATOM   665  O  OE2 . GLU B 2 83  ? 9.082   -11.658 1.574   1.00 85.34  ? 89   GLU A OE2 1 
ATOM   666  N  N   . ASP B 2 84  ? 11.241  -7.481  3.687   1.00 58.81  ? 90   ASP A N   1 
ATOM   667  C  CA  . ASP B 2 84  ? 10.347  -6.333  3.798   1.00 57.37  ? 90   ASP A CA  1 
ATOM   668  C  C   . ASP B 2 84  ? 11.069  -4.995  3.715   1.00 57.85  ? 90   ASP A C   1 
ATOM   669  O  O   . ASP B 2 84  ? 10.416  -3.953  3.860   1.00 49.70  ? 90   ASP A O   1 
ATOM   670  C  CB  . ASP B 2 84  ? 9.573   -6.366  5.116   1.00 53.48  ? 90   ASP A CB  1 
ATOM   671  C  CG  . ASP B 2 84  ? 8.587   -7.515  5.198   1.00 61.27  ? 90   ASP A CG  1 
ATOM   672  O  OD1 . ASP B 2 84  ? 7.971   -7.885  4.163   1.00 60.83  ? 90   ASP A OD1 1 
ATOM   673  O  OD2 . ASP B 2 84  ? 8.416   -8.042  6.316   1.00 59.56  ? 90   ASP A OD2 1 
ATOM   674  N  N   . THR B 2 85  ? 12.383  -5.000  3.488   1.00 55.97  ? 91   THR A N   1 
ATOM   675  C  CA  . THR B 2 85  ? 13.173  -3.776  3.519   1.00 50.89  ? 91   THR A CA  1 
ATOM   676  C  C   . THR B 2 85  ? 12.945  -2.980  2.246   1.00 49.88  ? 91   THR A C   1 
ATOM   677  O  O   . THR B 2 85  ? 13.153  -3.495  1.144   1.00 56.76  ? 91   THR A O   1 
ATOM   678  C  CB  . THR B 2 85  ? 14.651  -4.108  3.697   1.00 53.70  ? 91   THR A CB  1 
ATOM   679  O  OG1 . THR B 2 85  ? 14.833  -4.839  4.914   1.00 56.22  ? 91   THR A OG1 1 
ATOM   680  C  CG2 . THR B 2 85  ? 15.483  -2.854  3.742   1.00 52.99  ? 91   THR A CG2 1 
ATOM   681  N  N   . ALA B 2 86  ? 12.533  -1.721  2.394   1.00 48.11  ? 92   ALA A N   1 
ATOM   682  C  CA  . ALA B 2 86  ? 12.088  -0.918  1.262   1.00 51.67  ? 92   ALA A CA  1 
ATOM   683  C  C   . ALA B 2 86  ? 11.780  0.510   1.713   1.00 53.28  ? 92   ALA A C   1 
ATOM   684  O  O   . ALA B 2 86  ? 11.780  0.833   2.904   1.00 46.85  ? 92   ALA A O   1 
ATOM   685  C  CB  . ALA B 2 86  ? 10.845  -1.522  0.611   1.00 50.86  ? 92   ALA A CB  1 
ATOM   686  N  N   . VAL B 2 87  ? 11.502  1.351   0.724   1.00 51.81  ? 93   VAL A N   1 
ATOM   687  C  CA  . VAL B 2 87  ? 10.802  2.609   0.944   1.00 53.99  ? 93   VAL A CA  1 
ATOM   688  C  C   . VAL B 2 87  ? 9.313   2.360   0.763   1.00 51.64  ? 93   VAL A C   1 
ATOM   689  O  O   . VAL B 2 87  ? 8.892   1.757   -0.231  1.00 57.12  ? 93   VAL A O   1 
ATOM   690  C  CB  . VAL B 2 87  ? 11.286  3.684   -0.036  1.00 54.72  ? 93   VAL A CB  1 
ATOM   691  C  CG1 . VAL B 2 87  ? 10.579  4.988   0.269   1.00 55.16  ? 93   VAL A CG1 1 
ATOM   692  C  CG2 . VAL B 2 87  ? 12.795  3.815   0.028   1.00 53.41  ? 93   VAL A CG2 1 
ATOM   693  N  N   . TYR B 2 88  ? 8.506   2.840   1.696   1.00 49.78  ? 94   TYR A N   1 
ATOM   694  C  CA  . TYR B 2 88  ? 7.068   2.642   1.610   1.00 51.85  ? 94   TYR A CA  1 
ATOM   695  C  C   . TYR B 2 88  ? 6.353   3.947   1.289   1.00 51.89  ? 94   TYR A C   1 
ATOM   696  O  O   . TYR B 2 88  ? 6.748   5.022   1.750   1.00 47.85  ? 94   TYR A O   1 
ATOM   697  C  CB  . TYR B 2 88  ? 6.526   2.035   2.890   1.00 45.82  ? 94   TYR A CB  1 
ATOM   698  C  CG  . TYR B 2 88  ? 6.858   0.570   3.060   1.00 51.07  ? 94   TYR A CG  1 
ATOM   699  C  CD1 . TYR B 2 88  ? 8.169   0.152   3.261   1.00 47.82  ? 94   TYR A CD1 1 
ATOM   700  C  CD2 . TYR B 2 88  ? 5.861   -0.392  3.038   1.00 48.19  ? 94   TYR A CD2 1 
ATOM   701  C  CE1 . TYR B 2 88  ? 8.463   -1.163  3.449   1.00 48.39  ? 94   TYR A CE1 1 
ATOM   702  C  CE2 . TYR B 2 88  ? 6.147   -1.720  3.222   1.00 47.44  ? 94   TYR A CE2 1 
ATOM   703  C  CZ  . TYR B 2 88  ? 7.452   -2.103  3.423   1.00 51.64  ? 94   TYR A CZ  1 
ATOM   704  O  OH  . TYR B 2 88  ? 7.757   -3.430  3.586   1.00 54.41  ? 94   TYR A OH  1 
ATOM   705  N  N   . TYR B 2 89  ? 5.308   3.818   0.467   1.00 51.25  ? 95   TYR A N   1 
ATOM   706  C  CA  . TYR B 2 89  ? 4.484   4.899   -0.049  1.00 51.91  ? 95   TYR A CA  1 
ATOM   707  C  C   . TYR B 2 89  ? 3.031   4.468   0.042   1.00 50.42  ? 95   TYR A C   1 
ATOM   708  O  O   . TYR B 2 89  ? 2.730   3.275   0.100   1.00 47.73  ? 95   TYR A O   1 
ATOM   709  C  CB  . TYR B 2 89  ? 4.792   5.234   -1.520  1.00 54.51  ? 95   TYR A CB  1 
ATOM   710  C  CG  . TYR B 2 89  ? 6.227   5.515   -1.871  1.00 54.10  ? 95   TYR A CG  1 
ATOM   711  C  CD1 . TYR B 2 89  ? 7.127   4.476   -2.140  1.00 59.38  ? 95   TYR A CD1 1 
ATOM   712  C  CD2 . TYR B 2 89  ? 6.680   6.818   -1.980  1.00 56.47  ? 95   TYR A CD2 1 
ATOM   713  C  CE1 . TYR B 2 89  ? 8.445   4.744   -2.485  1.00 54.68  ? 95   TYR A CE1 1 
ATOM   714  C  CE2 . TYR B 2 89  ? 7.977   7.093   -2.320  1.00 63.61  ? 95   TYR A CE2 1 
ATOM   715  C  CZ  . TYR B 2 89  ? 8.858   6.057   -2.573  1.00 58.06  ? 95   TYR A CZ  1 
ATOM   716  O  OH  . TYR B 2 89  ? 10.148  6.366   -2.893  1.00 64.22  ? 95   TYR A OH  1 
ATOM   717  N  N   . CYS B 2 90  ? 2.117   5.443   0.047   1.00 55.33  ? 96   CYS A N   1 
ATOM   718  C  CA  . CYS B 2 90  ? 0.701   5.147   -0.143  1.00 57.95  ? 96   CYS A CA  1 
ATOM   719  C  C   . CYS B 2 90  ? 0.226   5.977   -1.326  1.00 49.51  ? 96   CYS A C   1 
ATOM   720  O  O   . CYS B 2 90  ? 0.758   7.049   -1.582  1.00 45.95  ? 96   CYS A O   1 
ATOM   721  C  CB  . CYS B 2 90  ? -0.168  5.421   1.151   1.00 52.40  ? 96   CYS A CB  1 
ATOM   722  S  SG  . CYS B 2 90  ? -0.817  7.100   1.392   1.00 84.15  ? 96   CYS A SG  1 
ATOM   723  N  N   . ALA B 2 91  ? -0.734  5.460   -2.088  1.00 45.60  ? 97   ALA A N   1 
ATOM   724  C  CA  . ALA B 2 91  ? -1.273  6.263   -3.177  1.00 51.92  ? 97   ALA A CA  1 
ATOM   725  C  C   . ALA B 2 91  ? -2.676  5.799   -3.528  1.00 50.01  ? 97   ALA A C   1 
ATOM   726  O  O   . ALA B 2 91  ? -3.127  4.729   -3.115  1.00 50.88  ? 97   ALA A O   1 
ATOM   727  C  CB  . ALA B 2 91  ? -0.382  6.209   -4.416  1.00 51.09  ? 97   ALA A CB  1 
ATOM   728  N  N   . ALA B 2 92  ? -3.368  6.645   -4.275  1.00 48.64  ? 98   ALA A N   1 
ATOM   729  C  CA  . ALA B 2 92  ? -4.603  6.231   -4.909  1.00 50.95  ? 98   ALA A CA  1 
ATOM   730  C  C   . ALA B 2 92  ? -4.287  5.137   -5.913  1.00 59.93  ? 98   ALA A C   1 
ATOM   731  O  O   . ALA B 2 92  ? -3.324  5.247   -6.681  1.00 57.11  ? 98   ALA A O   1 
ATOM   732  C  CB  . ALA B 2 92  ? -5.262  7.411   -5.614  1.00 49.94  ? 98   ALA A CB  1 
ATOM   733  N  N   . LEU B 2 93  ? -5.092  4.077   -5.905  1.00 58.20  ? 99   LEU A N   1 
ATOM   734  C  CA  . LEU B 2 93  ? -4.928  3.023   -6.894  1.00 56.35  ? 99   LEU A CA  1 
ATOM   735  C  C   . LEU B 2 93  ? -5.017  3.572   -8.322  1.00 64.36  ? 99   LEU A C   1 
ATOM   736  O  O   . LEU B 2 93  ? -4.370  3.046   -9.238  1.00 57.30  ? 99   LEU A O   1 
ATOM   737  C  CB  . LEU B 2 93  ? -5.968  1.935   -6.637  1.00 58.91  ? 99   LEU A CB  1 
ATOM   738  C  CG  . LEU B 2 93  ? -5.352  0.662   -6.053  1.00 59.82  ? 99   LEU A CG  1 
ATOM   739  C  CD1 . LEU B 2 93  ? -4.524  0.982   -4.828  1.00 57.38  ? 99   LEU A CD1 1 
ATOM   740  C  CD2 . LEU B 2 93  ? -6.426  -0.329  -5.712  1.00 59.72  ? 99   LEU A CD2 1 
ATOM   741  N  N   . ASP B 2 94  ? -5.792  4.655   -8.525  1.00 61.75  ? 100  ASP A N   1 
ATOM   742  C  CA  . ASP B 2 94  ? -5.874  5.326   -9.826  1.00 60.32  ? 100  ASP A CA  1 
ATOM   743  C  C   . ASP B 2 94  ? -4.555  5.986   -10.204 1.00 57.75  ? 100  ASP A C   1 
ATOM   744  O  O   . ASP B 2 94  ? -4.416  6.508   -11.315 1.00 59.59  ? 100  ASP A O   1 
ATOM   745  C  CB  . ASP B 2 94  ? -6.968  6.403   -9.839  1.00 61.88  ? 100  ASP A CB  1 
ATOM   746  C  CG  . ASP B 2 94  ? -8.370  5.830   -9.794  1.00 65.15  ? 100  ASP A CG  1 
ATOM   747  O  OD1 . ASP B 2 94  ? -8.505  4.589   -9.771  1.00 62.38  ? 100  ASP A OD1 1 
ATOM   748  O  OD2 . ASP B 2 94  ? -9.341  6.628   -9.794  1.00 60.62  ? 100  ASP A OD2 1 
ATOM   749  N  N   . GLU B 2 95  ? -3.591  5.995   -9.282  1.00 56.06  ? 101  GLU A N   1 
ATOM   750  C  CA  . GLU B 2 95  ? -2.325  6.685   -9.493  1.00 59.11  ? 101  GLU A CA  1 
ATOM   751  C  C   . GLU B 2 95  ? -1.121  5.805   -9.184  1.00 57.55  ? 101  GLU A C   1 
ATOM   752  O  O   . GLU B 2 95  ? -0.014  6.330   -9.027  1.00 59.59  ? 101  GLU A O   1 
ATOM   753  C  CB  . GLU B 2 95  ? -2.258  7.960   -8.643  1.00 63.94  ? 101  GLU A CB  1 
ATOM   754  C  CG  . GLU B 2 95  ? -2.876  9.183   -9.304  1.00 68.87  ? 101  GLU A CG  1 
ATOM   755  C  CD  . GLU B 2 95  ? -3.204  10.299  -8.315  1.00 80.24  ? 101  GLU A CD  1 
ATOM   756  O  OE1 . GLU B 2 95  ? -2.265  10.877  -7.719  1.00 84.65  ? 101  GLU A OE1 1 
ATOM   757  O  OE2 . GLU B 2 95  ? -4.407  10.594  -8.134  1.00 85.22  ? 101  GLU A OE2 1 
ATOM   758  N  N   . GLY B 2 96  ? -1.308  4.485   -9.089  1.00 57.13  ? 102  GLY A N   1 
ATOM   759  C  CA  . GLY B 2 96  ? -0.225  3.586   -8.728  1.00 52.15  ? 102  GLY A CA  1 
ATOM   760  C  C   . GLY B 2 96  ? 0.946   3.597   -9.690  1.00 61.85  ? 102  GLY A C   1 
ATOM   761  O  O   . GLY B 2 96  ? 2.047   3.180   -9.318  1.00 66.93  ? 102  GLY A O   1 
ATOM   762  N  N   . TYR B 2 97  ? 0.744   4.072   -10.915 1.00 61.34  ? 103  TYR A N   1 
ATOM   763  C  CA  . TYR B 2 97  ? 1.783   4.010   -11.930 1.00 62.15  ? 103  TYR A CA  1 
ATOM   764  C  C   . TYR B 2 97  ? 2.574   5.300   -12.074 1.00 63.24  ? 103  TYR A C   1 
ATOM   765  O  O   . TYR B 2 97  ? 3.555   5.314   -12.824 1.00 63.41  ? 103  TYR A O   1 
ATOM   766  C  CB  . TYR B 2 97  ? 1.168   3.655   -13.281 1.00 59.11  ? 103  TYR A CB  1 
ATOM   767  C  CG  . TYR B 2 97  ? 0.361   4.769   -13.887 1.00 56.90  ? 103  TYR A CG  1 
ATOM   768  C  CD1 . TYR B 2 97  ? -0.942  5.008   -13.473 1.00 56.05  ? 103  TYR A CD1 1 
ATOM   769  C  CD2 . TYR B 2 97  ? 0.894   5.575   -14.886 1.00 60.24  ? 103  TYR A CD2 1 
ATOM   770  C  CE1 . TYR B 2 97  ? -1.689  6.015   -14.034 1.00 53.72  ? 103  TYR A CE1 1 
ATOM   771  C  CE2 . TYR B 2 97  ? 0.154   6.586   -15.452 1.00 61.41  ? 103  TYR A CE2 1 
ATOM   772  C  CZ  . TYR B 2 97  ? -1.140  6.800   -15.018 1.00 56.79  ? 103  TYR A CZ  1 
ATOM   773  O  OH  . TYR B 2 97  ? -1.889  7.805   -15.574 1.00 58.36  ? 103  TYR A OH  1 
ATOM   774  N  N   . LEU B 2 98  ? 2.169   6.371   -11.392 1.00 66.10  ? 104  LEU A N   1 
ATOM   775  C  CA  . LEU B 2 98  ? 2.772   7.682   -11.578 1.00 67.11  ? 104  LEU A CA  1 
ATOM   776  C  C   . LEU B 2 98  ? 4.196   7.699   -11.037 1.00 68.58  ? 104  LEU A C   1 
ATOM   777  O  O   . LEU B 2 98  ? 4.584   6.870   -10.215 1.00 70.88  ? 104  LEU A O   1 
ATOM   778  C  CB  . LEU B 2 98  ? 1.946   8.752   -10.866 1.00 67.93  ? 104  LEU A CB  1 
ATOM   779  C  CG  . LEU B 2 98  ? 0.598   9.116   -11.475 1.00 68.32  ? 104  LEU A CG  1 
ATOM   780  C  CD1 . LEU B 2 98  ? 0.103   10.389  -10.839 1.00 71.21  ? 104  LEU A CD1 1 
ATOM   781  C  CD2 . LEU B 2 98  ? 0.704   9.265   -12.982 1.00 67.14  ? 104  LEU A CD2 1 
ATOM   782  N  N   . ASP B 2 99  ? 4.977   8.673   -11.489 1.00 71.87  ? 105  ASP A N   1 
ATOM   783  C  CA  . ASP B 2 99  ? 6.353   8.766   -11.017 1.00 80.28  ? 105  ASP A CA  1 
ATOM   784  C  C   . ASP B 2 99  ? 6.385   8.965   -9.509  1.00 81.13  ? 105  ASP A C   1 
ATOM   785  O  O   . ASP B 2 99  ? 5.519   9.631   -8.935  1.00 81.10  ? 105  ASP A O   1 
ATOM   786  C  CB  . ASP B 2 99  ? 7.086   9.906   -11.721 1.00 85.36  ? 105  ASP A CB  1 
ATOM   787  C  CG  . ASP B 2 99  ? 7.571   9.515   -13.107 1.00 91.88  ? 105  ASP A CG  1 
ATOM   788  O  OD1 . ASP B 2 99  ? 6.735   9.419   -14.034 1.00 93.14  ? 105  ASP A OD1 1 
ATOM   789  O  OD2 . ASP B 2 99  ? 8.790   9.289   -13.266 1.00 97.77  ? 105  ASP A OD2 1 
ATOM   790  N  N   . TYR B 2 100 ? 7.384   8.359   -8.864  1.00 81.10  ? 106  TYR A N   1 
ATOM   791  C  CA  . TYR B 2 100 ? 7.547   8.527   -7.423  1.00 82.43  ? 106  TYR A CA  1 
ATOM   792  C  C   . TYR B 2 100 ? 7.565   10.004  -7.042  1.00 82.89  ? 106  TYR A C   1 
ATOM   793  O  O   . TYR B 2 100 ? 7.115   10.378  -5.954  1.00 82.48  ? 106  TYR A O   1 
ATOM   794  C  CB  . TYR B 2 100 ? 8.840   7.863   -6.956  1.00 80.78  ? 106  TYR A CB  1 
ATOM   795  C  CG  . TYR B 2 100 ? 8.872   6.346   -6.970  1.00 80.65  ? 106  TYR A CG  1 
ATOM   796  C  CD1 . TYR B 2 100 ? 7.961   5.592   -6.233  1.00 78.59  ? 106  TYR A CD1 1 
ATOM   797  C  CD2 . TYR B 2 100 ? 9.846   5.670   -7.693  1.00 81.96  ? 106  TYR A CD2 1 
ATOM   798  C  CE1 . TYR B 2 100 ? 8.012   4.197   -6.241  1.00 75.87  ? 106  TYR A CE1 1 
ATOM   799  C  CE2 . TYR B 2 100 ? 9.906   4.292   -7.708  1.00 81.11  ? 106  TYR A CE2 1 
ATOM   800  C  CZ  . TYR B 2 100 ? 8.991   3.556   -6.983  1.00 79.10  ? 106  TYR A CZ  1 
ATOM   801  O  OH  . TYR B 2 100 ? 9.067   2.176   -7.014  1.00 80.02  ? 106  TYR A OH  1 
ATOM   802  N  N   . ASP B 2 101 ? 8.101   10.849  -7.928  1.00 88.21  ? 107  ASP A N   1 
ATOM   803  C  CA  . ASP B 2 101 ? 8.164   12.297  -7.750  1.00 86.93  ? 107  ASP A CA  1 
ATOM   804  C  C   . ASP B 2 101 ? 6.825   12.905  -7.381  1.00 85.98  ? 107  ASP A C   1 
ATOM   805  O  O   . ASP B 2 101 ? 6.768   13.718  -6.455  1.00 89.50  ? 107  ASP A O   1 
ATOM   806  C  CB  . ASP B 2 101 ? 8.658   12.946  -9.044  1.00 90.42  ? 107  ASP A CB  1 
ATOM   807  C  CG  . ASP B 2 101 ? 10.111  13.349  -8.973  1.00 99.07  ? 107  ASP A CG  1 
ATOM   808  O  OD1 . ASP B 2 101 ? 10.871  12.714  -8.203  1.00 97.10  ? 107  ASP A OD1 1 
ATOM   809  O  OD2 . ASP B 2 101 ? 10.495  14.294  -9.699  1.00 103.08 ? 107  ASP A OD2 1 
ATOM   810  N  N   . SER B 2 102 ? 5.759   12.545  -8.089  1.00 87.45  ? 108  SER A N   1 
ATOM   811  C  CA  . SER B 2 102 ? 4.426   13.065  -7.833  1.00 83.92  ? 108  SER A CA  1 
ATOM   812  C  C   . SER B 2 102 ? 3.756   12.400  -6.640  1.00 84.35  ? 108  SER A C   1 
ATOM   813  O  O   . SER B 2 102 ? 2.659   12.819  -6.245  1.00 84.66  ? 108  SER A O   1 
ATOM   814  C  CB  . SER B 2 102 ? 3.551   12.906  -9.083  1.00 83.37  ? 108  SER A CB  1 
ATOM   815  O  OG  . SER B 2 102 ? 2.851   11.675  -9.062  1.00 81.90  ? 108  SER A OG  1 
ATOM   816  N  N   . TRP B 2 103 ? 4.378   11.380  -6.053  1.00 80.72  ? 109  TRP A N   1 
ATOM   817  C  CA  . TRP B 2 103 ? 3.840   10.795  -4.835  1.00 84.09  ? 109  TRP A CA  1 
ATOM   818  C  C   . TRP B 2 103 ? 4.293   11.567  -3.603  1.00 88.94  ? 109  TRP A C   1 
ATOM   819  O  O   . TRP B 2 103 ? 4.879   12.647  -3.739  1.00 89.22  ? 109  TRP A O   1 
ATOM   820  C  CB  . TRP B 2 103 ? 4.273   9.328   -4.711  1.00 79.81  ? 109  TRP A CB  1 
ATOM   821  C  CG  . TRP B 2 103 ? 3.403   8.350   -5.479  1.00 77.75  ? 109  TRP A CG  1 
ATOM   822  C  CD1 . TRP B 2 103 ? 2.321   8.647   -6.263  1.00 74.58  ? 109  TRP A CD1 1 
ATOM   823  C  CD2 . TRP B 2 103 ? 3.601   6.928   -5.593  1.00 71.13  ? 109  TRP A CD2 1 
ATOM   824  N  NE1 . TRP B 2 103 ? 1.818   7.497   -6.836  1.00 68.77  ? 109  TRP A NE1 1 
ATOM   825  C  CE2 . TRP B 2 103 ? 2.587   6.432   -6.442  1.00 68.77  ? 109  TRP A CE2 1 
ATOM   826  C  CE3 . TRP B 2 103 ? 4.526   6.029   -5.049  1.00 65.91  ? 109  TRP A CE3 1 
ATOM   827  C  CZ2 . TRP B 2 103 ? 2.468   5.076   -6.749  1.00 64.95  ? 109  TRP A CZ2 1 
ATOM   828  C  CZ3 . TRP B 2 103 ? 4.407   4.685   -5.357  1.00 65.43  ? 109  TRP A CZ3 1 
ATOM   829  C  CH2 . TRP B 2 103 ? 3.383   4.220   -6.196  1.00 64.23  ? 109  TRP A CH2 1 
ATOM   830  N  N   . GLY B 2 104 ? 4.069   11.050  -2.417  1.00 88.64  ? 110  GLY A N   1 
ATOM   831  C  CA  . GLY B 2 104 ? 4.509   11.733  -1.229  1.00 88.09  ? 110  GLY A CA  1 
ATOM   832  C  C   . GLY B 2 104 ? 6.001   11.576  -1.041  1.00 88.25  ? 110  GLY A C   1 
ATOM   833  O  O   . GLY B 2 104 ? 6.770   11.519  -2.003  1.00 85.91  ? 110  GLY A O   1 
ATOM   834  N  N   . GLN B 2 105 ? 6.404   11.398  0.211   1.00 86.68  ? 111  GLN A N   1 
ATOM   835  C  CA  . GLN B 2 105 ? 7.864   11.361  0.438   1.00 84.11  ? 111  GLN A CA  1 
ATOM   836  C  C   . GLN B 2 105 ? 8.275   9.913   0.667   1.00 82.36  ? 111  GLN A C   1 
ATOM   837  O  O   . GLN B 2 105 ? 9.242   9.482   0.028   1.00 76.05  ? 111  GLN A O   1 
ATOM   838  C  CB  . GLN B 2 105 ? 8.245   12.327  1.555   1.00 83.49  ? 111  GLN A CB  1 
ATOM   839  C  CG  . GLN B 2 105 ? 8.080   13.786  1.164   1.00 86.78  ? 111  GLN A CG  1 
ATOM   840  C  CD  . GLN B 2 105 ? 9.132   14.663  1.794   1.00 90.59  ? 111  GLN A CD  1 
ATOM   841  O  OE1 . GLN B 2 105 ? 10.319  14.350  1.788   1.00 88.24  ? 111  GLN A OE1 1 
ATOM   842  N  NE2 . GLN B 2 105 ? 8.696   15.781  2.350   1.00 87.27  ? 111  GLN A NE2 1 
ATOM   843  N  N   . GLY B 2 106 ? 7.562   9.177   1.505   1.00 73.31  ? 112  GLY A N   1 
ATOM   844  C  CA  . GLY B 2 106 ? 8.052   7.821   1.658   1.00 65.22  ? 112  GLY A CA  1 
ATOM   845  C  C   . GLY B 2 106 ? 8.916   7.654   2.892   1.00 60.17  ? 112  GLY A C   1 
ATOM   846  O  O   . GLY B 2 106 ? 9.694   8.522   3.273   1.00 58.96  ? 112  GLY A O   1 
ATOM   847  N  N   . THR B 2 107 ? 8.776   6.500   3.515   1.00 55.75  ? 113  THR A N   1 
ATOM   848  C  CA  . THR B 2 107 ? 9.507   6.169   4.721   1.00 55.66  ? 113  THR A CA  1 
ATOM   849  C  C   . THR B 2 107 ? 10.256  4.864   4.500   1.00 54.71  ? 113  THR A C   1 
ATOM   850  O  O   . THR B 2 107 ? 9.698   3.905   3.969   1.00 47.92  ? 113  THR A O   1 
ATOM   851  C  CB  . THR B 2 107 ? 8.550   6.034   5.907   1.00 55.91  ? 113  THR A CB  1 
ATOM   852  O  OG1 . THR B 2 107 ? 7.740   7.210   5.989   1.00 65.65  ? 113  THR A OG1 1 
ATOM   853  C  CG2 . THR B 2 107 ? 9.305   5.863   7.196   1.00 53.45  ? 113  THR A CG2 1 
ATOM   854  N  N   . GLN B 2 108 ? 11.514  4.829   4.918   1.00 49.99  ? 114  GLN A N   1 
ATOM   855  C  CA  . GLN B 2 108 ? 12.242  3.581   4.943   1.00 50.03  ? 114  GLN A CA  1 
ATOM   856  C  C   . GLN B 2 108 ? 11.783  2.706   6.101   1.00 51.82  ? 114  GLN A C   1 
ATOM   857  O  O   . GLN B 2 108 ? 11.511  3.181   7.207   1.00 57.97  ? 114  GLN A O   1 
ATOM   858  C  CB  . GLN B 2 108 ? 13.742  3.834   5.063   1.00 50.15  ? 114  GLN A CB  1 
ATOM   859  C  CG  . GLN B 2 108 ? 14.277  4.767   4.027   1.00 53.72  ? 114  GLN A CG  1 
ATOM   860  C  CD  . GLN B 2 108 ? 15.771  4.707   3.925   1.00 52.88  ? 114  GLN A CD  1 
ATOM   861  O  OE1 . GLN B 2 108 ? 16.320  3.793   3.319   1.00 60.88  ? 114  GLN A OE1 1 
ATOM   862  N  NE2 . GLN B 2 108 ? 16.446  5.679   4.523   1.00 54.62  ? 114  GLN A NE2 1 
ATOM   863  N  N   . VAL B 2 109 ? 11.683  1.414   5.815   1.00 53.33  ? 115  VAL A N   1 
ATOM   864  C  CA  . VAL B 2 109 ? 11.637  0.344   6.801   1.00 52.12  ? 115  VAL A CA  1 
ATOM   865  C  C   . VAL B 2 109 ? 12.836  -0.551  6.503   1.00 58.21  ? 115  VAL A C   1 
ATOM   866  O  O   . VAL B 2 109 ? 13.056  -0.931  5.349   1.00 50.94  ? 115  VAL A O   1 
ATOM   867  C  CB  . VAL B 2 109 ? 10.319  -0.448  6.717   1.00 51.33  ? 115  VAL A CB  1 
ATOM   868  C  CG1 . VAL B 2 109 ? 10.301  -1.596  7.711   1.00 54.30  ? 115  VAL A CG1 1 
ATOM   869  C  CG2 . VAL B 2 109 ? 9.135   0.476   6.914   1.00 52.01  ? 115  VAL A CG2 1 
ATOM   870  N  N   . THR B 2 110 ? 13.627  -0.858  7.526   1.00 58.79  ? 116  THR A N   1 
ATOM   871  C  CA  . THR B 2 110 ? 14.895  -1.559  7.353   1.00 54.00  ? 116  THR A CA  1 
ATOM   872  C  C   . THR B 2 110 ? 14.976  -2.654  8.410   1.00 58.64  ? 116  THR A C   1 
ATOM   873  O  O   . THR B 2 110 ? 15.074  -2.355  9.604   1.00 62.67  ? 116  THR A O   1 
ATOM   874  C  CB  . THR B 2 110 ? 16.061  -0.576  7.465   1.00 55.35  ? 116  THR A CB  1 
ATOM   875  O  OG1 . THR B 2 110 ? 15.735  0.625   6.757   1.00 51.33  ? 116  THR A OG1 1 
ATOM   876  C  CG2 . THR B 2 110 ? 17.334  -1.173  6.885   1.00 57.29  ? 116  THR A CG2 1 
ATOM   877  N  N   . VAL B 2 111 ? 14.769  -3.898  7.975   1.00 58.78  ? 117  VAL A N   1 
ATOM   878  C  CA  . VAL B 2 111 ? 14.694  -5.068  8.902   1.00 64.13  ? 117  VAL A CA  1 
ATOM   879  C  C   . VAL B 2 111 ? 16.018  -5.834  8.890   1.00 67.46  ? 117  VAL A C   1 
ATOM   880  O  O   . VAL B 2 111 ? 16.584  -5.978  7.810   1.00 67.24  ? 117  VAL A O   1 
ATOM   881  C  CB  . VAL B 2 111 ? 13.496  -5.955  8.540   1.00 66.60  ? 117  VAL A CB  1 
ATOM   882  C  CG1 . VAL B 2 111 ? 13.240  -7.017  9.594   1.00 68.18  ? 117  VAL A CG1 1 
ATOM   883  C  CG2 . VAL B 2 111 ? 12.245  -5.129  8.294   1.00 59.85  ? 117  VAL A CG2 1 
ATOM   884  N  N   . SER B 2 112 ? 16.432  -6.400  10.029  1.00 74.62  ? 118  SER A N   1 
ATOM   885  C  CA  . SER B 2 112 ? 17.811  -6.944  10.131  1.00 73.78  ? 118  SER A CA  1 
ATOM   886  C  C   . SER B 2 112 ? 17.959  -8.450  10.297  1.00 79.04  ? 118  SER A C   1 
ATOM   887  O  O   . SER B 2 112 ? 18.591  -9.058  9.425   1.00 83.25  ? 118  SER A O   1 
ATOM   888  C  CB  . SER B 2 112 ? 18.501  -6.271  11.278  1.00 73.02  ? 118  SER A CB  1 
ATOM   889  O  OG  . SER B 2 112 ? 18.332  -4.865  11.219  1.00 73.48  ? 118  SER A OG  1 
ATOM   890  N  N   . SER B 2 113 ? 17.476  -9.021  11.390  1.00 83.96  ? 119  SER A N   1 
ATOM   891  C  CA  . SER B 2 113 ? 17.787  -10.444 11.718  1.00 88.19  ? 119  SER A CA  1 
ATOM   892  C  C   . SER B 2 113 ? 19.262  -10.539 12.125  1.00 86.55  ? 119  SER A C   1 
ATOM   893  O  O   . SER B 2 113 ? 19.809  -9.508  12.559  1.00 85.97  ? 119  SER A O   1 
ATOM   894  C  CB  . SER B 2 113 ? 17.512  -11.397 10.604  1.00 87.15  ? 119  SER A CB  1 
ATOM   895  O  OG  . SER B 2 113 ? 16.902  -12.581 11.099  1.00 86.88  ? 119  SER A OG  1 
ATOM   896  N  N   . VAL C 3 1   ? 0.216   -14.668 -15.127 1.00 92.23  ? 799  VAL C N   1 
ATOM   897  C  CA  . VAL C 3 1   ? -0.700  -13.867 -14.319 1.00 90.19  ? 799  VAL C CA  1 
ATOM   898  C  C   . VAL C 3 1   ? -0.600  -12.390 -14.726 1.00 87.84  ? 799  VAL C C   1 
ATOM   899  O  O   . VAL C 3 1   ? 0.498   -11.856 -14.903 1.00 83.46  ? 799  VAL C O   1 
ATOM   900  C  CB  . VAL C 3 1   ? -0.418  -14.078 -12.812 1.00 97.50  ? 799  VAL C CB  1 
ATOM   901  C  CG1 . VAL C 3 1   ? 1.082   -13.935 -12.520 1.00 94.53  ? 799  VAL C CG1 1 
ATOM   902  C  CG2 . VAL C 3 1   ? -1.264  -13.133 -11.949 1.00 85.73  ? 799  VAL C CG2 1 
ATOM   903  N  N   . TYR C 3 2   ? -1.754  -11.737 -14.869 1.00 84.58  ? 800  TYR C N   1 
ATOM   904  C  CA  . TYR C 3 2   ? -1.831  -10.389 -15.423 1.00 80.17  ? 800  TYR C CA  1 
ATOM   905  C  C   . TYR C 3 2   ? -1.665  -9.322  -14.344 1.00 76.55  ? 800  TYR C C   1 
ATOM   906  O  O   . TYR C 3 2   ? -2.380  -9.324  -13.336 1.00 77.64  ? 800  TYR C O   1 
ATOM   907  C  CB  . TYR C 3 2   ? -3.168  -10.191 -16.133 1.00 79.60  ? 800  TYR C CB  1 
ATOM   908  C  CG  . TYR C 3 2   ? -3.487  -11.217 -17.203 1.00 86.26  ? 800  TYR C CG  1 
ATOM   909  C  CD1 . TYR C 3 2   ? -2.585  -11.487 -18.229 1.00 88.73  ? 800  TYR C CD1 1 
ATOM   910  C  CD2 . TYR C 3 2   ? -4.699  -11.905 -17.194 1.00 87.53  ? 800  TYR C CD2 1 
ATOM   911  C  CE1 . TYR C 3 2   ? -2.877  -12.414 -19.214 1.00 83.17  ? 800  TYR C CE1 1 
ATOM   912  C  CE2 . TYR C 3 2   ? -5.004  -12.836 -18.174 1.00 84.89  ? 800  TYR C CE2 1 
ATOM   913  C  CZ  . TYR C 3 2   ? -4.088  -13.085 -19.183 1.00 84.94  ? 800  TYR C CZ  1 
ATOM   914  O  OH  . TYR C 3 2   ? -4.378  -14.013 -20.161 1.00 73.09  ? 800  TYR C OH  1 
ATOM   915  N  N   . LYS C 3 3   ? -0.736  -8.401  -14.568 1.00 72.53  ? 801  LYS C N   1 
ATOM   916  C  CA  . LYS C 3 3   ? -0.611  -7.209  -13.738 1.00 69.11  ? 801  LYS C CA  1 
ATOM   917  C  C   . LYS C 3 3   ? -1.435  -6.087  -14.334 1.00 63.97  ? 801  LYS C C   1 
ATOM   918  O  O   . LYS C 3 3   ? -1.498  -5.923  -15.556 1.00 70.76  ? 801  LYS C O   1 
ATOM   919  C  CB  . LYS C 3 3   ? 0.841   -6.741  -13.640 1.00 68.72  ? 801  LYS C CB  1 
ATOM   920  C  CG  . LYS C 3 3   ? 1.428   -6.687  -12.256 1.00 63.39  ? 801  LYS C CG  1 
ATOM   921  C  CD  . LYS C 3 3   ? 2.652   -5.775  -12.258 1.00 64.39  ? 801  LYS C CD  1 
ATOM   922  C  CE  . LYS C 3 3   ? 3.735   -6.275  -11.306 1.00 67.08  ? 801  LYS C CE  1 
ATOM   923  N  NZ  . LYS C 3 3   ? 4.682   -5.190  -10.923 1.00 73.88  ? 801  LYS C NZ  1 
ATOM   924  N  N   . CYS C 3 4   ? -2.047  -5.299  -13.466 1.00 59.91  ? 802  CYS C N   1 
ATOM   925  C  CA  . CYS C 3 4   ? -2.769  -4.113  -13.898 1.00 60.69  ? 802  CYS C CA  1 
ATOM   926  C  C   . CYS C 3 4   ? -1.797  -2.962  -14.106 1.00 49.29  ? 802  CYS C C   1 
ATOM   927  O  O   . CYS C 3 4   ? -0.956  -2.691  -13.252 1.00 47.17  ? 802  CYS C O   1 
ATOM   928  C  CB  . CYS C 3 4   ? -3.828  -3.708  -12.876 1.00 54.94  ? 802  CYS C CB  1 
ATOM   929  S  SG  . CYS C 3 4   ? -4.524  -2.094  -13.264 1.00 59.14  ? 802  CYS C SG  1 
ATOM   930  N  N   . GLU C 3 5   ? -1.933  -2.265  -15.222 1.00 49.06  ? 803  GLU C N   1 
ATOM   931  C  CA  . GLU C 3 5   ? -0.992  -1.192  -15.494 1.00 50.18  ? 803  GLU C CA  1 
ATOM   932  C  C   . GLU C 3 5   ? -1.215  0.013   -14.581 1.00 56.36  ? 803  GLU C C   1 
ATOM   933  O  O   . GLU C 3 5   ? -0.274  0.777   -14.365 1.00 58.08  ? 803  GLU C O   1 
ATOM   934  C  CB  . GLU C 3 5   ? -1.060  -0.797  -16.971 1.00 54.32  ? 803  GLU C CB  1 
ATOM   935  C  CG  . GLU C 3 5   ? -0.596  -1.922  -17.935 1.00 54.03  ? 803  GLU C CG  1 
ATOM   936  C  CD  . GLU C 3 5   ? -0.496  -1.482  -19.396 1.00 55.10  ? 803  GLU C CD  1 
ATOM   937  O  OE1 . GLU C 3 5   ? -0.058  -2.292  -20.243 1.00 57.37  ? 803  GLU C OE1 1 
ATOM   938  O  OE2 . GLU C 3 5   ? -0.860  -0.330  -19.710 1.00 59.04  ? 803  GLU C OE2 1 
ATOM   939  N  N   . ILE C 3 6   ? -2.421  0.190   -14.019 1.00 50.75  ? 804  ILE C N   1 
ATOM   940  C  CA  . ILE C 3 6   ? -2.683  1.357   -13.172 1.00 58.56  ? 804  ILE C CA  1 
ATOM   941  C  C   . ILE C 3 6   ? -2.190  1.124   -11.744 1.00 55.84  ? 804  ILE C C   1 
ATOM   942  O  O   . ILE C 3 6   ? -1.438  1.941   -11.198 1.00 53.36  ? 804  ILE C O   1 
ATOM   943  C  CB  . ILE C 3 6   ? -4.177  1.736   -13.164 1.00 58.57  ? 804  ILE C CB  1 
ATOM   944  C  CG1 . ILE C 3 6   ? -4.817  1.642   -14.537 1.00 58.86  ? 804  ILE C CG1 1 
ATOM   945  C  CG2 . ILE C 3 6   ? -4.319  3.172   -12.718 1.00 60.14  ? 804  ILE C CG2 1 
ATOM   946  C  CD1 . ILE C 3 6   ? -4.331  2.698   -15.459 1.00 58.84  ? 804  ILE C CD1 1 
ATOM   947  N  N   . CYS C 3 7   ? -2.642  0.035   -11.103 1.00 52.84  ? 805  CYS C N   1 
ATOM   948  C  CA  . CYS C 3 7   ? -2.344  -0.231  -9.696  1.00 55.16  ? 805  CYS C CA  1 
ATOM   949  C  C   . CYS C 3 7   ? -1.239  -1.261  -9.473  1.00 57.13  ? 805  CYS C C   1 
ATOM   950  O  O   . CYS C 3 7   ? -0.673  -1.295  -8.375  1.00 48.77  ? 805  CYS C O   1 
ATOM   951  C  CB  . CYS C 3 7   ? -3.592  -0.718  -8.940  1.00 51.13  ? 805  CYS C CB  1 
ATOM   952  S  SG  . CYS C 3 7   ? -4.552  -2.068  -9.685  1.00 52.53  ? 805  CYS C SG  1 
ATOM   953  N  N   . LYS C 3 8   ? -0.916  -2.084  -10.481 1.00 52.34  ? 806  LYS C N   1 
ATOM   954  C  CA  . LYS C 3 8   ? 0.058   -3.181  -10.380 1.00 51.34  ? 806  LYS C CA  1 
ATOM   955  C  C   . LYS C 3 8   ? -0.432  -4.295  -9.458  1.00 53.00  ? 806  LYS C C   1 
ATOM   956  O  O   . LYS C 3 8   ? 0.369   -5.018  -8.857  1.00 50.25  ? 806  LYS C O   1 
ATOM   957  C  CB  . LYS C 3 8   ? 1.450   -2.701  -9.948  1.00 49.57  ? 806  LYS C CB  1 
ATOM   958  C  CG  . LYS C 3 8   ? 1.843   -1.306  -10.445 1.00 56.45  ? 806  LYS C CG  1 
ATOM   959  C  CD  . LYS C 3 8   ? 2.194   -1.290  -11.915 1.00 64.73  ? 806  LYS C CD  1 
ATOM   960  C  CE  . LYS C 3 8   ? 2.976   -0.050  -12.271 1.00 72.23  ? 806  LYS C CE  1 
ATOM   961  N  NZ  . LYS C 3 8   ? 2.653   0.413   -13.632 1.00 53.33  ? 806  LYS C NZ  1 
ATOM   962  N  N   . MET C 3 9   ? -1.747  -4.432  -9.354  1.00 54.15  ? 807  MET C N   1 
ATOM   963  C  CA  . MET C 3 9   ? -2.368  -5.561  -8.680  1.00 54.56  ? 807  MET C CA  1 
ATOM   964  C  C   . MET C 3 9   ? -2.395  -6.752  -9.630  1.00 63.08  ? 807  MET C C   1 
ATOM   965  O  O   . MET C 3 9   ? -2.745  -6.596  -10.807 1.00 61.48  ? 807  MET C O   1 
ATOM   966  C  CB  . MET C 3 9   ? -3.793  -5.205  -8.232  1.00 53.28  ? 807  MET C CB  1 
ATOM   967  C  CG  . MET C 3 9   ? -4.503  -6.254  -7.384  1.00 51.84  ? 807  MET C CG  1 
ATOM   968  S  SD  . MET C 3 9   ? -6.150  -5.741  -6.837  1.00 26.38  ? 807  MET C SD  1 
ATOM   969  C  CE  . MET C 3 9   ? -6.672  -7.268  -6.113  1.00 55.63  ? 807  MET C CE  1 
ATOM   970  N  N   . PRO C 3 10  ? -2.010  -7.944  -9.171  1.00 64.41  ? 808  PRO C N   1 
ATOM   971  C  CA  . PRO C 3 10  ? -2.162  -9.146  -10.001 1.00 68.75  ? 808  PRO C CA  1 
ATOM   972  C  C   . PRO C 3 10  ? -3.574  -9.695  -9.876  1.00 69.62  ? 808  PRO C C   1 
ATOM   973  O  O   . PRO C 3 10  ? -4.103  -9.814  -8.772  1.00 72.86  ? 808  PRO C O   1 
ATOM   974  C  CB  . PRO C 3 10  ? -1.139  -10.126 -9.405  1.00 64.97  ? 808  PRO C CB  1 
ATOM   975  C  CG  . PRO C 3 10  ? -0.320  -9.317  -8.426  1.00 64.05  ? 808  PRO C CG  1 
ATOM   976  C  CD  . PRO C 3 10  ? -1.210  -8.208  -7.972  1.00 61.83  ? 808  PRO C CD  1 
ATOM   977  N  N   . PHE C 3 11  ? -4.181  -10.034 -11.006 1.00 77.59  ? 809  PHE C N   1 
ATOM   978  C  CA  . PHE C 3 11  ? -5.410  -10.811 -11.005 1.00 81.84  ? 809  PHE C CA  1 
ATOM   979  C  C   . PHE C 3 11  ? -5.208  -12.092 -11.807 1.00 93.26  ? 809  PHE C C   1 
ATOM   980  O  O   . PHE C 3 11  ? -4.344  -12.174 -12.689 1.00 88.00  ? 809  PHE C O   1 
ATOM   981  C  CB  . PHE C 3 11  ? -6.600  -10.009 -11.559 1.00 82.20  ? 809  PHE C CB  1 
ATOM   982  C  CG  . PHE C 3 11  ? -6.296  -9.234  -12.818 1.00 85.21  ? 809  PHE C CG  1 
ATOM   983  C  CD1 . PHE C 3 11  ? -5.714  -7.981  -12.759 1.00 80.18  ? 809  PHE C CD1 1 
ATOM   984  C  CD2 . PHE C 3 11  ? -6.620  -9.752  -14.063 1.00 87.51  ? 809  PHE C CD2 1 
ATOM   985  C  CE1 . PHE C 3 11  ? -5.443  -7.270  -13.917 1.00 77.95  ? 809  PHE C CE1 1 
ATOM   986  C  CE2 . PHE C 3 11  ? -6.359  -9.038  -15.221 1.00 81.51  ? 809  PHE C CE2 1 
ATOM   987  C  CZ  . PHE C 3 11  ? -5.769  -7.800  -15.149 1.00 74.71  ? 809  PHE C CZ  1 
ATOM   988  N  N   . SER C 3 12  ? -6.000  -13.107 -11.469 1.00 96.38  ? 810  SER C N   1 
ATOM   989  C  CA  . SER C 3 12  ? -5.992  -14.361 -12.203 1.00 102.81 ? 810  SER C CA  1 
ATOM   990  C  C   . SER C 3 12  ? -7.064  -14.319 -13.291 1.00 107.49 ? 810  SER C C   1 
ATOM   991  O  O   . SER C 3 12  ? -7.882  -13.395 -13.355 1.00 105.62 ? 810  SER C O   1 
ATOM   992  C  CB  . SER C 3 12  ? -6.200  -15.545 -11.256 1.00 104.57 ? 810  SER C CB  1 
ATOM   993  O  OG  . SER C 3 12  ? -7.580  -15.817 -11.063 1.00 103.08 ? 810  SER C OG  1 
ATOM   994  N  N   . VAL C 3 13  ? -7.070  -15.342 -14.151 1.00 105.68 ? 811  VAL C N   1 
ATOM   995  C  CA  . VAL C 3 13  ? -8.017  -15.357 -15.261 1.00 105.84 ? 811  VAL C CA  1 
ATOM   996  C  C   . VAL C 3 13  ? -9.452  -15.555 -14.757 1.00 108.62 ? 811  VAL C C   1 
ATOM   997  O  O   . VAL C 3 13  ? -10.414 -15.289 -15.489 1.00 105.10 ? 811  VAL C O   1 
ATOM   998  C  CB  . VAL C 3 13  ? -7.599  -16.428 -16.295 1.00 104.60 ? 811  VAL C CB  1 
ATOM   999  C  CG1 . VAL C 3 13  ? -7.898  -17.846 -15.787 1.00 100.39 ? 811  VAL C CG1 1 
ATOM   1000 C  CG2 . VAL C 3 13  ? -8.221  -16.152 -17.676 1.00 91.73  ? 811  VAL C CG2 1 
ATOM   1001 N  N   . TYR C 3 14  ? -9.624  -15.989 -13.503 1.00 110.51 ? 812  TYR C N   1 
ATOM   1002 C  CA  . TYR C 3 14  ? -10.941 -16.089 -12.854 1.00 107.26 ? 812  TYR C CA  1 
ATOM   1003 C  C   . TYR C 3 14  ? -11.315 -14.782 -12.141 1.00 111.28 ? 812  TYR C C   1 
ATOM   1004 O  O   . TYR C 3 14  ? -11.893 -14.775 -11.049 1.00 107.00 ? 812  TYR C O   1 
ATOM   1005 C  CB  . TYR C 3 14  ? -10.964 -17.272 -11.884 1.00 120.46 ? 812  TYR C CB  1 
ATOM   1006 C  CG  . TYR C 3 14  ? -12.341 -17.657 -11.323 1.00 127.80 ? 812  TYR C CG  1 
ATOM   1007 C  CD1 . TYR C 3 14  ? -13.524 -17.219 -11.925 1.00 126.03 ? 812  TYR C CD1 1 
ATOM   1008 C  CD2 . TYR C 3 14  ? -12.451 -18.428 -10.164 1.00 120.59 ? 812  TYR C CD2 1 
ATOM   1009 C  CE1 . TYR C 3 14  ? -14.776 -17.560 -11.402 1.00 123.26 ? 812  TYR C CE1 1 
ATOM   1010 C  CE2 . TYR C 3 14  ? -13.696 -18.769 -9.634  1.00 115.62 ? 812  TYR C CE2 1 
ATOM   1011 C  CZ  . TYR C 3 14  ? -14.853 -18.332 -10.257 1.00 124.27 ? 812  TYR C CZ  1 
ATOM   1012 O  OH  . TYR C 3 14  ? -16.086 -18.670 -9.736  1.00 117.14 ? 812  TYR C OH  1 
ATOM   1013 N  N   . SER C 3 15  ? -10.937 -13.654 -12.753 1.00 110.64 ? 813  SER C N   1 
ATOM   1014 C  CA  . SER C 3 15  ? -11.516 -12.345 -12.428 1.00 107.18 ? 813  SER C CA  1 
ATOM   1015 C  C   . SER C 3 15  ? -11.027 -11.417 -13.538 1.00 104.47 ? 813  SER C C   1 
ATOM   1016 O  O   . SER C 3 15  ? -9.822  -11.186 -13.665 1.00 105.17 ? 813  SER C O   1 
ATOM   1017 C  CB  . SER C 3 15  ? -11.125 -11.837 -11.043 1.00 108.63 ? 813  SER C CB  1 
ATOM   1018 O  OG  . SER C 3 15  ? -9.727  -11.880 -10.820 1.00 110.86 ? 813  SER C OG  1 
ATOM   1019 N  N   . THR C 3 16  ? -11.959 -10.928 -14.348 1.00 101.21 ? 814  THR C N   1 
ATOM   1020 C  CA  . THR C 3 16  ? -11.575 -10.264 -15.580 1.00 94.26  ? 814  THR C CA  1 
ATOM   1021 C  C   . THR C 3 16  ? -11.084 -8.846  -15.308 1.00 89.56  ? 814  THR C C   1 
ATOM   1022 O  O   . THR C 3 16  ? -11.336 -8.255  -14.254 1.00 87.87  ? 814  THR C O   1 
ATOM   1023 C  CB  . THR C 3 16  ? -12.743 -10.243 -16.567 1.00 94.13  ? 814  THR C CB  1 
ATOM   1024 O  OG1 . THR C 3 16  ? -12.242 -10.027 -17.894 1.00 93.91  ? 814  THR C OG1 1 
ATOM   1025 C  CG2 . THR C 3 16  ? -13.758 -9.156  -16.203 1.00 91.79  ? 814  THR C CG2 1 
ATOM   1026 N  N   . LEU C 3 17  ? -10.356 -8.314  -16.290 1.00 86.51  ? 815  LEU C N   1 
ATOM   1027 C  CA  . LEU C 3 17  ? -9.877  -6.940  -16.225 1.00 81.65  ? 815  LEU C CA  1 
ATOM   1028 C  C   . LEU C 3 17  ? -11.020 -5.960  -16.001 1.00 82.84  ? 815  LEU C C   1 
ATOM   1029 O  O   . LEU C 3 17  ? -10.896 -5.016  -15.215 1.00 80.63  ? 815  LEU C O   1 
ATOM   1030 C  CB  . LEU C 3 17  ? -9.122  -6.603  -17.506 1.00 78.98  ? 815  LEU C CB  1 
ATOM   1031 C  CG  . LEU C 3 17  ? -8.522  -5.212  -17.620 1.00 73.72  ? 815  LEU C CG  1 
ATOM   1032 C  CD1 . LEU C 3 17  ? -7.037  -5.288  -17.859 1.00 74.59  ? 815  LEU C CD1 1 
ATOM   1033 C  CD2 . LEU C 3 17  ? -9.199  -4.557  -18.777 1.00 73.91  ? 815  LEU C CD2 1 
ATOM   1034 N  N   . GLU C 3 18  ? -12.173 -6.186  -16.607 1.00 86.87  ? 816  GLU C N   1 
ATOM   1035 C  CA  . GLU C 3 18  ? -13.249 -5.171  -16.451 1.00 83.83  ? 816  GLU C CA  1 
ATOM   1036 C  C   . GLU C 3 18  ? -13.803 -5.278  -15.037 1.00 83.63  ? 816  GLU C C   1 
ATOM   1037 O  O   . GLU C 3 18  ? -14.286 -4.268  -14.519 1.00 76.59  ? 816  GLU C O   1 
ATOM   1038 C  CB  . GLU C 3 18  ? -14.342 -5.342  -17.494 1.00 86.01  ? 816  GLU C CB  1 
ATOM   1039 C  CG  . GLU C 3 18  ? -14.311 -6.680  -18.206 1.00 94.13  ? 816  GLU C CG  1 
ATOM   1040 C  CD  . GLU C 3 18  ? -13.168 -6.880  -19.186 1.00 100.65 ? 816  GLU C CD  1 
ATOM   1041 O  OE1 . GLU C 3 18  ? -12.742 -8.033  -19.361 1.00 98.27  ? 816  GLU C OE1 1 
ATOM   1042 O  OE2 . GLU C 3 18  ? -12.706 -5.881  -19.762 1.00 100.00 ? 816  GLU C OE2 1 
ATOM   1043 N  N   . LYS C 3 19  ? -13.743 -6.470  -14.452 1.00 84.06  ? 817  LYS C N   1 
ATOM   1044 C  CA  . LYS C 3 19  ? -14.136 -6.553  -13.050 1.00 80.13  ? 817  LYS C CA  1 
ATOM   1045 C  C   . LYS C 3 19  ? -13.140 -5.821  -12.162 1.00 78.43  ? 817  LYS C C   1 
ATOM   1046 O  O   . LYS C 3 19  ? -13.543 -5.129  -11.220 1.00 75.68  ? 817  LYS C O   1 
ATOM   1047 C  CB  . LYS C 3 19  ? -14.283 -8.010  -12.621 1.00 83.07  ? 817  LYS C CB  1 
ATOM   1048 C  CG  . LYS C 3 19  ? -15.606 -8.639  -13.045 1.00 83.76  ? 817  LYS C CG  1 
ATOM   1049 C  CD  . LYS C 3 19  ? -15.760 -10.056 -12.505 1.00 91.02  ? 817  LYS C CD  1 
ATOM   1050 C  CE  . LYS C 3 19  ? -17.091 -10.678 -12.921 1.00 89.44  ? 817  LYS C CE  1 
ATOM   1051 N  NZ  . LYS C 3 19  ? -17.817 -11.299 -11.773 1.00 88.02  ? 817  LYS C NZ  1 
ATOM   1052 N  N   . HIS C 3 20  ? -11.840 -5.927  -12.462 1.00 75.51  ? 818  HIS C N   1 
ATOM   1053 C  CA  . HIS C 3 20  ? -10.862 -5.153  -11.705 1.00 74.96  ? 818  HIS C CA  1 
ATOM   1054 C  C   . HIS C 3 20  ? -11.182 -3.660  -11.742 1.00 72.30  ? 818  HIS C C   1 
ATOM   1055 O  O   . HIS C 3 20  ? -11.156 -2.992  -10.705 1.00 67.23  ? 818  HIS C O   1 
ATOM   1056 C  CB  . HIS C 3 20  ? -9.448  -5.403  -12.225 1.00 68.63  ? 818  HIS C CB  1 
ATOM   1057 C  CG  . HIS C 3 20  ? -8.396  -4.615  -11.502 1.00 66.55  ? 818  HIS C CG  1 
ATOM   1058 N  ND1 . HIS C 3 20  ? -7.833  -5.038  -10.316 1.00 62.39  ? 818  HIS C ND1 1 
ATOM   1059 C  CD2 . HIS C 3 20  ? -7.805  -3.427  -11.794 1.00 65.97  ? 818  HIS C CD2 1 
ATOM   1060 C  CE1 . HIS C 3 20  ? -6.942  -4.150  -9.910  1.00 60.84  ? 818  HIS C CE1 1 
ATOM   1061 N  NE2 . HIS C 3 20  ? -6.905  -3.161  -10.790 1.00 59.21  ? 818  HIS C NE2 1 
ATOM   1062 N  N   . MET C 3 21  ? -11.499 -3.127  -12.926 1.00 70.14  ? 819  MET C N   1 
ATOM   1063 C  CA  . MET C 3 21  ? -11.704 -1.688  -13.076 1.00 67.50  ? 819  MET C CA  1 
ATOM   1064 C  C   . MET C 3 21  ? -12.926 -1.210  -12.295 1.00 75.18  ? 819  MET C C   1 
ATOM   1065 O  O   . MET C 3 21  ? -12.917 -0.117  -11.709 1.00 71.68  ? 819  MET C O   1 
ATOM   1066 C  CB  . MET C 3 21  ? -11.839 -1.351  -14.563 1.00 70.91  ? 819  MET C CB  1 
ATOM   1067 C  CG  . MET C 3 21  ? -11.063 -0.117  -15.033 1.00 70.26  ? 819  MET C CG  1 
ATOM   1068 S  SD  . MET C 3 21  ? -9.286  -0.307  -14.935 1.00 38.65  ? 819  MET C SD  1 
ATOM   1069 C  CE  . MET C 3 21  ? -9.179  -2.031  -15.351 1.00 68.96  ? 819  MET C CE  1 
ATOM   1070 N  N   . LYS C 3 22  ? -13.987 -2.018  -12.282 1.00 79.12  ? 820  LYS C N   1 
ATOM   1071 C  CA  . LYS C 3 22  ? -15.198 -1.666  -11.548 1.00 75.97  ? 820  LYS C CA  1 
ATOM   1072 C  C   . LYS C 3 22  ? -14.951 -1.701  -10.046 1.00 71.38  ? 820  LYS C C   1 
ATOM   1073 O  O   . LYS C 3 22  ? -15.271 -0.747  -9.328  1.00 75.02  ? 820  LYS C O   1 
ATOM   1074 C  CB  . LYS C 3 22  ? -16.322 -2.632  -11.940 1.00 75.19  ? 820  LYS C CB  1 
ATOM   1075 C  CG  . LYS C 3 22  ? -17.730 -2.100  -11.808 1.00 81.17  ? 820  LYS C CG  1 
ATOM   1076 C  CD  . LYS C 3 22  ? -18.711 -3.248  -11.546 1.00 89.36  ? 820  LYS C CD  1 
ATOM   1077 C  CE  . LYS C 3 22  ? -20.003 -2.774  -10.868 1.00 85.60  ? 820  LYS C CE  1 
ATOM   1078 N  NZ  . LYS C 3 22  ? -21.085 -3.795  -11.001 1.00 82.74  ? 820  LYS C NZ  1 
ATOM   1079 N  N   . LYS C 3 23  ? -14.363 -2.792  -9.555  1.00 69.79  ? 821  LYS C N   1 
ATOM   1080 C  CA  . LYS C 3 23  ? -14.205 -2.989  -8.120  1.00 67.22  ? 821  LYS C CA  1 
ATOM   1081 C  C   . LYS C 3 23  ? -13.151 -2.056  -7.532  1.00 69.11  ? 821  LYS C C   1 
ATOM   1082 O  O   . LYS C 3 23  ? -13.365 -1.467  -6.469  1.00 68.19  ? 821  LYS C O   1 
ATOM   1083 C  CB  . LYS C 3 23  ? -13.840 -4.446  -7.844  1.00 64.39  ? 821  LYS C CB  1 
ATOM   1084 C  CG  . LYS C 3 23  ? -13.452 -4.740  -6.420  1.00 65.66  ? 821  LYS C CG  1 
ATOM   1085 C  CD  . LYS C 3 23  ? -13.216 -6.227  -6.262  1.00 67.37  ? 821  LYS C CD  1 
ATOM   1086 C  CE  . LYS C 3 23  ? -13.184 -6.659  -4.810  1.00 64.81  ? 821  LYS C CE  1 
ATOM   1087 N  NZ  . LYS C 3 23  ? -12.846 -8.115  -4.753  1.00 68.24  ? 821  LYS C NZ  1 
ATOM   1088 N  N   . TRP C 3 24  ? -12.014 -1.896  -8.214  1.00 68.04  ? 822  TRP C N   1 
ATOM   1089 C  CA  . TRP C 3 24  ? -10.863 -1.218  -7.642  1.00 61.03  ? 822  TRP C CA  1 
ATOM   1090 C  C   . TRP C 3 24  ? -10.592 0.168   -8.205  1.00 61.95  ? 822  TRP C C   1 
ATOM   1091 O  O   . TRP C 3 24  ? -9.713  0.852   -7.674  1.00 59.27  ? 822  TRP C O   1 
ATOM   1092 C  CB  . TRP C 3 24  ? -9.599  -2.070  -7.829  1.00 64.76  ? 822  TRP C CB  1 
ATOM   1093 C  CG  . TRP C 3 24  ? -9.556  -3.307  -7.001  1.00 60.19  ? 822  TRP C CG  1 
ATOM   1094 C  CD1 . TRP C 3 24  ? -9.787  -4.583  -7.422  1.00 62.80  ? 822  TRP C CD1 1 
ATOM   1095 C  CD2 . TRP C 3 24  ? -9.242  -3.394  -5.608  1.00 58.41  ? 822  TRP C CD2 1 
ATOM   1096 N  NE1 . TRP C 3 24  ? -9.647  -5.463  -6.371  1.00 64.09  ? 822  TRP C NE1 1 
ATOM   1097 C  CE2 . TRP C 3 24  ? -9.315  -4.755  -5.246  1.00 57.14  ? 822  TRP C CE2 1 
ATOM   1098 C  CE3 . TRP C 3 24  ? -8.911  -2.452  -4.629  1.00 58.01  ? 822  TRP C CE3 1 
ATOM   1099 C  CZ2 . TRP C 3 24  ? -9.064  -5.199  -3.948  1.00 58.65  ? 822  TRP C CZ2 1 
ATOM   1100 C  CZ3 . TRP C 3 24  ? -8.665  -2.893  -3.337  1.00 57.71  ? 822  TRP C CZ3 1 
ATOM   1101 C  CH2 . TRP C 3 24  ? -8.745  -4.258  -3.008  1.00 58.02  ? 822  TRP C CH2 1 
ATOM   1102 N  N   . HIS C 3 25  ? -11.295 0.609   -9.259  1.00 67.38  ? 823  HIS C N   1 
ATOM   1103 C  CA  . HIS C 3 25  ? -11.022 1.925   -9.838  1.00 69.89  ? 823  HIS C CA  1 
ATOM   1104 C  C   . HIS C 3 25  ? -12.277 2.790   -9.991  1.00 73.29  ? 823  HIS C C   1 
ATOM   1105 O  O   . HIS C 3 25  ? -12.193 3.909   -10.521 1.00 68.58  ? 823  HIS C O   1 
ATOM   1106 C  CB  . HIS C 3 25  ? -10.300 1.790   -11.184 1.00 68.33  ? 823  HIS C CB  1 
ATOM   1107 C  CG  . HIS C 3 25  ? -8.880  1.315   -11.062 1.00 67.81  ? 823  HIS C CG  1 
ATOM   1108 N  ND1 . HIS C 3 25  ? -7.802  2.172   -11.061 1.00 65.01  ? 823  HIS C ND1 1 
ATOM   1109 C  CD2 . HIS C 3 25  ? -8.367  0.069   -10.935 1.00 66.82  ? 823  HIS C CD2 1 
ATOM   1110 C  CE1 . HIS C 3 25  ? -6.687  1.480   -10.921 1.00 64.98  ? 823  HIS C CE1 1 
ATOM   1111 N  NE2 . HIS C 3 25  ? -7.000  0.199   -10.858 1.00 72.65  ? 823  HIS C NE2 1 
ATOM   1112 N  N   . SER C 3 26  ? -13.434 2.318   -9.520  1.00 74.99  ? 824  SER C N   1 
ATOM   1113 C  CA  . SER C 3 26  ? -14.649 3.123   -9.469  1.00 74.92  ? 824  SER C CA  1 
ATOM   1114 C  C   . SER C 3 26  ? -14.899 3.580   -8.025  1.00 74.74  ? 824  SER C C   1 
ATOM   1115 O  O   . SER C 3 26  ? -13.946 3.832   -7.273  1.00 71.81  ? 824  SER C O   1 
ATOM   1116 C  CB  . SER C 3 26  ? -15.816 2.323   -10.064 1.00 75.06  ? 824  SER C CB  1 
ATOM   1117 O  OG  . SER C 3 26  ? -16.568 1.663   -9.063  1.00 82.73  ? 824  SER C OG  1 
ATOM   1118 N  N   . ASP C 3 27  ? -16.180 3.710   -7.652  1.00 80.62  ? 825  ASP C N   1 
ATOM   1119 C  CA  . ASP C 3 27  ? -16.602 4.070   -6.294  1.00 79.68  ? 825  ASP C CA  1 
ATOM   1120 C  C   . ASP C 3 27  ? -17.313 2.880   -5.666  1.00 83.93  ? 825  ASP C C   1 
ATOM   1121 O  O   . ASP C 3 27  ? -18.479 2.600   -5.981  1.00 77.75  ? 825  ASP C O   1 
ATOM   1122 C  CB  . ASP C 3 27  ? -17.508 5.296   -6.266  1.00 78.97  ? 825  ASP C CB  1 
ATOM   1123 C  CG  . ASP C 3 27  ? -17.274 6.156   -5.022  1.00 88.70  ? 825  ASP C CG  1 
ATOM   1124 O  OD1 . ASP C 3 27  ? -17.282 5.600   -3.895  1.00 86.58  ? 825  ASP C OD1 1 
ATOM   1125 O  OD2 . ASP C 3 27  ? -17.097 7.389   -5.166  1.00 93.68  ? 825  ASP C OD2 1 
ATOM   1126 N  N   . ARG C 3 28  ? -16.605 2.225   -4.749  1.00 84.58  ? 826  ARG C N   1 
ATOM   1127 C  CA  . ARG C 3 28  ? -16.972 0.965   -4.107  1.00 84.86  ? 826  ARG C CA  1 
ATOM   1128 C  C   . ARG C 3 28  ? -18.417 0.846   -3.633  1.00 86.64  ? 826  ARG C C   1 
ATOM   1129 O  O   . ARG C 3 28  ? -18.945 -0.268  -3.530  1.00 88.76  ? 826  ARG C O   1 
ATOM   1130 C  CB  . ARG C 3 28  ? -16.026 0.747   -2.926  1.00 71.67  ? 826  ARG C CB  1 
ATOM   1131 C  CG  . ARG C 3 28  ? -15.855 -0.675  -2.482  1.00 74.54  ? 826  ARG C CG  1 
ATOM   1132 C  CD  . ARG C 3 28  ? -15.875 -1.736  -3.605  1.00 74.28  ? 826  ARG C CD  1 
ATOM   1133 N  NE  . ARG C 3 28  ? -16.051 -3.059  -3.005  1.00 73.10  ? 826  ARG C NE  1 
ATOM   1134 C  CZ  . ARG C 3 28  ? -17.096 -3.437  -2.275  1.00 74.10  ? 826  ARG C CZ  1 
ATOM   1135 N  NH1 . ARG C 3 28  ? -18.114 -2.618  -2.075  1.00 82.00  ? 826  ARG C NH1 1 
ATOM   1136 N  NH2 . ARG C 3 28  ? -17.134 -4.651  -1.761  1.00 67.01  ? 826  ARG C NH2 1 
HETATM 1137 ZN ZN  . ZN  D 4 .   ? -5.838  -1.481  -11.220 1.00 92.49  ? 901  ZN  C ZN  1 
HETATM 1138 O  O   . HOH E 5 .   ? 9.316   4.766   20.508  1.00 51.39  ? 201  HOH A O   1 
HETATM 1139 O  O   . HOH E 5 .   ? -11.299 11.604  3.142   1.00 67.77  ? 202  HOH A O   1 
HETATM 1140 O  O   . HOH E 5 .   ? 7.958   -9.515  1.796   1.00 73.27  ? 203  HOH A O   1 
HETATM 1141 O  O   . HOH E 5 .   ? -14.216 4.190   3.138   1.00 61.60  ? 204  HOH A O   1 
HETATM 1142 O  O   . HOH E 5 .   ? 15.645  7.804   5.757   1.00 67.24  ? 205  HOH A O   1 
HETATM 1143 O  O   . HOH E 5 .   ? -0.944  9.871   11.146  1.00 46.97  ? 206  HOH A O   1 
HETATM 1144 O  O   . HOH E 5 .   ? 14.793  0.814   3.904   1.00 63.08  ? 207  HOH A O   1 
HETATM 1145 O  O   . HOH E 5 .   ? -7.674  5.653   -6.558  1.00 59.68  ? 208  HOH A O   1 
HETATM 1146 O  O   . HOH E 5 .   ? 3.354   9.199   0.008   1.00 90.07  ? 209  HOH A O   1 
HETATM 1147 O  O   . HOH E 5 .   ? 4.586   -15.385 6.830   1.00 67.60  ? 210  HOH A O   1 
HETATM 1148 O  O   . HOH E 5 .   ? -8.105  9.692   -9.942  1.00 71.45  ? 211  HOH A O   1 
HETATM 1149 O  O   . HOH E 5 .   ? -8.070  17.134  7.219   1.00 82.01  ? 212  HOH A O   1 
HETATM 1150 O  O   . HOH F 5 .   ? -11.918 6.119   -9.099  1.00 77.92  ? 1001 HOH C O   1 
HETATM 1151 O  O   . HOH F 5 .   ? -18.660 0.030   -6.760  1.00 74.04  ? 1002 HOH C O   1 
HETATM 1152 O  O   . HOH F 5 .   ? -10.646 -8.551  -6.271  1.00 69.12  ? 1003 HOH C O   1 
HETATM 1153 O  O   . HOH F 5 .   ? -15.903 6.298   -9.032  1.00 59.37  ? 1004 HOH C O   1 
HETATM 1154 O  O   . HOH F 5 .   ? -18.085 -2.033  -7.414  1.00 76.84  ? 1005 HOH C O   1 
# 
